data_2GSM
#
_entry.id   2GSM
#
_cell.length_a   125.020
_cell.length_b   131.639
_cell.length_c   176.802
_cell.angle_alpha   90.00
_cell.angle_beta   90.00
_cell.angle_gamma   90.00
#
_symmetry.space_group_name_H-M   'P 21 21 21'
#
loop_
_entity.id
_entity.type
_entity.pdbx_description
1 polymer 'Cytochrome c oxidase subunit 1'
2 polymer 'Cytochrome c oxidase subunit 2'
3 non-polymer DECYL-BETA-D-MALTOPYRANOSIDE
4 non-polymer 'COPPER (II) ION'
5 non-polymer 'MAGNESIUM ION'
6 non-polymer 'CALCIUM ION'
7 non-polymer 'HYDROXIDE ION'
8 non-polymer HEME-A
9 non-polymer TRIDECANE
10 non-polymer 'CADMIUM ION'
11 water water
#
loop_
_entity_poly.entity_id
_entity_poly.type
_entity_poly.pdbx_seq_one_letter_code
_entity_poly.pdbx_strand_id
1 'polypeptide(L)'
;MADAAIHGHEHDRRGFFTRWFMSTNHKDIGVLYLFTGGLVGLISVAFTVYMRMELMAPGVQFMCAEHLESGLVKGFFQSL
WPSAVENCTPNGHLWNVMITGHGILMMFFVVIPALFGGFGNYFMPLHIGAPDMAFPRMNNLSYWLYVAGTSLAVASLFAP
GGNGQLGSGIGWVLYPPLSTSESGYSTDLAIFAVHLSGASSILGAINMITTFLNMRAPGMTMHKVPLFAWSIFVTAWLIL
LALPVLAGAITMLLTDRNFGTTFFQPSGGGDPVLYQHILWFFGHPEVYIIVLPAFGIVSHVIATFAKKPIFGYLPMVYAM
VAIGVLGFVVWAHHMYTAGLSLTQQSYFMMATMVIAVPTGIKIFSWIATMWGGSIELKTPMLWALGFLFLFTVGGVTGIV
LSQASVDRYYHDTYYVVAHFHYVMSLGAVFGIFAGIYFWIGKMSGRQYPEWAGKLHFWMMFVGANLTFFPQHFLGRQGMP
RRYIDYPEAFATWNFVSSLGAFLSFASFLFFLGVIFYTLTRGARVTANNYWNEHADTLEWTLTSPPPEHTFEQLPKREDW
ERAPAH
;
A,C
2 'polypeptide(L)'
;QQQSLEIIGRPQPGGTGFQPSASPVATQIHWLDGFILVIIAAITIFVTLLILYAVWRFHEKRNKVPARFTHNSPLEIAWT
IVPIVILVAIGAFSLPVLFNQQEIPEADVTVKVTGYQWYWGYEYPDEEISFESYMIGSPATGGDNRMSPEVEQQLIEAGY
SRDEFLLATDTAMVVPVNKTVVVQVTGADVIHSWTVPAFGVKQDAVPGRLAQLWFRAEREGIFFGQCSELCGISHAYMPI
TVKVVSEEAYAAWLEQHHHHHH
;
B,D
#
# COMPACT_ATOMS: atom_id res chain seq x y z
N PHE A 17 -55.24 -40.12 -12.25
CA PHE A 17 -54.38 -40.72 -13.32
C PHE A 17 -53.15 -39.84 -13.64
N THR A 18 -53.36 -38.81 -14.44
CA THR A 18 -52.30 -37.93 -14.92
C THR A 18 -52.52 -36.51 -14.40
N ARG A 19 -53.70 -36.29 -13.81
CA ARG A 19 -53.99 -35.05 -13.10
C ARG A 19 -53.39 -35.06 -11.67
N TRP A 20 -52.54 -36.05 -11.37
CA TRP A 20 -51.79 -36.08 -10.11
C TRP A 20 -50.82 -34.91 -10.06
N PHE A 21 -50.54 -34.40 -11.27
CA PHE A 21 -49.44 -33.48 -11.50
C PHE A 21 -49.98 -32.08 -11.70
N MET A 22 -51.26 -31.99 -12.02
CA MET A 22 -51.90 -30.69 -12.18
C MET A 22 -52.65 -30.27 -10.91
N SER A 23 -52.53 -31.05 -9.84
CA SER A 23 -53.22 -30.78 -8.58
C SER A 23 -52.59 -29.62 -7.84
N THR A 24 -53.43 -28.86 -7.13
CA THR A 24 -52.97 -27.69 -6.41
C THR A 24 -53.09 -27.90 -4.92
N ASN A 25 -53.63 -29.05 -4.52
CA ASN A 25 -53.75 -29.35 -3.10
C ASN A 25 -52.41 -29.67 -2.44
N HIS A 26 -52.16 -29.05 -1.29
CA HIS A 26 -50.90 -29.18 -0.56
C HIS A 26 -50.51 -30.62 -0.27
N LYS A 27 -51.51 -31.49 -0.10
CA LYS A 27 -51.25 -32.91 0.20
C LYS A 27 -50.72 -33.63 -1.03
N ASP A 28 -51.34 -33.38 -2.19
CA ASP A 28 -50.86 -33.97 -3.44
C ASP A 28 -49.48 -33.48 -3.87
N ILE A 29 -49.22 -32.18 -3.69
CA ILE A 29 -47.93 -31.57 -4.00
C ILE A 29 -46.86 -32.21 -3.11
N GLY A 30 -47.17 -32.32 -1.82
CA GLY A 30 -46.29 -32.92 -0.84
C GLY A 30 -45.90 -34.35 -1.20
N VAL A 31 -46.89 -35.14 -1.62
CA VAL A 31 -46.65 -36.52 -2.05
C VAL A 31 -45.75 -36.59 -3.30
N LEU A 32 -46.03 -35.72 -4.27
CA LEU A 32 -45.20 -35.62 -5.47
C LEU A 32 -43.73 -35.25 -5.15
N TYR A 33 -43.52 -34.30 -4.25
CA TYR A 33 -42.17 -33.96 -3.82
C TYR A 33 -41.49 -35.15 -3.16
N LEU A 34 -42.22 -35.87 -2.30
CA LEU A 34 -41.62 -37.00 -1.59
C LEU A 34 -41.20 -38.11 -2.55
N PHE A 35 -42.10 -38.49 -3.44
CA PHE A 35 -41.82 -39.55 -4.43
C PHE A 35 -40.66 -39.16 -5.36
N THR A 36 -40.68 -37.92 -5.84
CA THR A 36 -39.67 -37.43 -6.78
C THR A 36 -38.31 -37.36 -6.09
N GLY A 37 -38.30 -36.86 -4.87
CA GLY A 37 -37.09 -36.74 -4.09
C GLY A 37 -36.50 -38.12 -3.85
N GLY A 38 -37.39 -39.07 -3.63
CA GLY A 38 -37.00 -40.46 -3.44
C GLY A 38 -36.35 -41.04 -4.68
N LEU A 39 -36.91 -40.73 -5.85
CA LEU A 39 -36.40 -41.29 -7.10
C LEU A 39 -35.06 -40.65 -7.48
N VAL A 40 -34.96 -39.33 -7.37
CA VAL A 40 -33.68 -38.66 -7.57
C VAL A 40 -32.65 -39.18 -6.55
N GLY A 41 -33.08 -39.39 -5.30
CA GLY A 41 -32.21 -39.96 -4.27
C GLY A 41 -31.64 -41.31 -4.71
N LEU A 42 -32.49 -42.17 -5.28
CA LEU A 42 -32.04 -43.46 -5.83
C LEU A 42 -30.95 -43.27 -6.87
N ILE A 43 -31.17 -42.33 -7.80
CA ILE A 43 -30.20 -42.03 -8.83
C ILE A 43 -28.87 -41.56 -8.22
N SER A 44 -28.94 -40.62 -7.27
CA SER A 44 -27.73 -40.08 -6.67
C SER A 44 -26.98 -41.13 -5.83
N VAL A 45 -27.73 -41.92 -5.08
CA VAL A 45 -27.14 -43.08 -4.39
C VAL A 45 -26.50 -44.10 -5.36
N ALA A 46 -27.14 -44.39 -6.49
CA ALA A 46 -26.53 -45.29 -7.49
C ALA A 46 -25.16 -44.78 -7.98
N PHE A 47 -25.05 -43.46 -8.19
CA PHE A 47 -23.77 -42.80 -8.50
C PHE A 47 -22.72 -43.10 -7.43
N THR A 48 -23.09 -43.03 -6.14
CA THR A 48 -22.12 -43.28 -5.06
C THR A 48 -21.68 -44.75 -4.98
N VAL A 49 -22.55 -45.64 -5.41
CA VAL A 49 -22.18 -47.05 -5.49
C VAL A 49 -21.03 -47.24 -6.50
N TYR A 50 -21.19 -46.62 -7.67
CA TYR A 50 -20.18 -46.67 -8.71
C TYR A 50 -18.90 -45.95 -8.24
N MET A 51 -19.06 -44.77 -7.62
CA MET A 51 -17.94 -44.10 -6.94
C MET A 51 -17.17 -45.05 -6.00
N ARG A 52 -17.91 -45.75 -5.15
CA ARG A 52 -17.26 -46.63 -4.17
C ARG A 52 -16.75 -47.94 -4.78
N MET A 53 -17.29 -48.32 -5.93
CA MET A 53 -16.66 -49.41 -6.71
C MET A 53 -15.24 -48.99 -7.12
N GLU A 54 -15.08 -47.80 -7.70
CA GLU A 54 -13.76 -47.28 -8.04
C GLU A 54 -12.85 -46.99 -6.82
N LEU A 55 -13.42 -46.53 -5.71
CA LEU A 55 -12.56 -46.28 -4.56
C LEU A 55 -12.23 -47.53 -3.74
N MET A 56 -12.90 -48.65 -4.04
CA MET A 56 -12.71 -49.86 -3.24
C MET A 56 -11.26 -50.32 -3.23
N ALA A 57 -10.55 -50.07 -4.32
CA ALA A 57 -9.12 -50.46 -4.42
C ALA A 57 -8.28 -49.44 -5.19
N PRO A 58 -7.02 -49.27 -4.79
CA PRO A 58 -6.11 -48.38 -5.52
C PRO A 58 -5.85 -48.85 -6.95
N GLY A 59 -5.50 -47.93 -7.83
CA GLY A 59 -5.47 -48.21 -9.26
C GLY A 59 -6.86 -48.01 -9.80
N VAL A 60 -6.98 -47.54 -11.04
CA VAL A 60 -8.27 -47.34 -11.70
C VAL A 60 -8.65 -48.57 -12.52
N GLN A 61 -9.84 -49.12 -12.27
CA GLN A 61 -10.25 -50.39 -12.88
C GLN A 61 -11.57 -50.26 -13.65
N PHE A 62 -12.35 -49.23 -13.34
CA PHE A 62 -13.70 -49.08 -13.87
C PHE A 62 -13.82 -47.90 -14.83
N MET A 63 -13.28 -46.75 -14.43
CA MET A 63 -13.38 -45.50 -15.19
C MET A 63 -12.22 -45.33 -16.18
N CYS A 64 -12.31 -46.15 -17.24
CA CYS A 64 -11.29 -46.30 -18.27
C CYS A 64 -11.65 -45.46 -19.48
N ALA A 65 -10.69 -44.71 -19.98
CA ALA A 65 -10.87 -43.93 -21.23
C ALA A 65 -11.31 -44.83 -22.40
N GLU A 66 -10.89 -46.10 -22.37
CA GLU A 66 -11.25 -47.09 -23.41
C GLU A 66 -12.77 -47.25 -23.58
N HIS A 67 -13.53 -47.07 -22.51
CA HIS A 67 -14.98 -47.18 -22.60
C HIS A 67 -15.63 -46.02 -23.38
N LEU A 68 -14.89 -44.94 -23.63
CA LEU A 68 -15.43 -43.77 -24.36
C LEU A 68 -15.67 -44.03 -25.85
N GLU A 69 -14.96 -44.99 -26.42
CA GLU A 69 -15.02 -45.25 -27.87
C GLU A 69 -16.13 -46.24 -28.25
N SER A 70 -16.97 -46.60 -27.28
CA SER A 70 -18.09 -47.50 -27.50
C SER A 70 -19.36 -46.67 -27.65
N GLY A 71 -20.51 -47.34 -27.71
CA GLY A 71 -21.78 -46.65 -27.63
C GLY A 71 -21.93 -45.99 -26.27
N LEU A 72 -22.93 -45.13 -26.13
CA LEU A 72 -23.30 -44.56 -24.85
C LEU A 72 -23.77 -45.69 -23.94
N VAL A 73 -24.65 -46.54 -24.49
CA VAL A 73 -25.16 -47.72 -23.80
C VAL A 73 -24.09 -48.80 -23.54
N LYS A 74 -23.36 -49.20 -24.59
CA LYS A 74 -22.32 -50.22 -24.44
C LYS A 74 -21.23 -49.79 -23.45
N GLY A 75 -20.73 -48.56 -23.64
CA GLY A 75 -19.74 -47.97 -22.75
C GLY A 75 -20.15 -47.97 -21.28
N PHE A 76 -21.42 -47.62 -21.02
CA PHE A 76 -22.02 -47.70 -19.69
C PHE A 76 -21.87 -49.10 -19.09
N PHE A 77 -22.26 -50.12 -19.86
CA PHE A 77 -22.26 -51.50 -19.35
C PHE A 77 -20.85 -52.07 -19.17
N GLN A 78 -19.91 -51.59 -19.98
CA GLN A 78 -18.52 -52.02 -19.88
C GLN A 78 -17.85 -51.43 -18.65
N SER A 79 -18.25 -50.20 -18.33
CA SER A 79 -17.68 -49.46 -17.22
C SER A 79 -18.11 -50.00 -15.84
N LEU A 80 -19.03 -50.97 -15.82
CA LEU A 80 -19.52 -51.60 -14.60
C LEU A 80 -18.76 -52.87 -14.25
N TRP A 81 -17.93 -53.33 -15.18
CA TRP A 81 -17.07 -54.47 -14.97
C TRP A 81 -15.60 -54.04 -14.87
N PRO A 82 -14.86 -54.55 -13.88
CA PRO A 82 -13.47 -54.15 -13.68
C PRO A 82 -12.52 -54.61 -14.80
N SER A 83 -11.56 -53.75 -15.13
CA SER A 83 -10.49 -54.07 -16.06
C SER A 83 -9.20 -54.16 -15.26
N ALA A 84 -8.22 -54.88 -15.81
CA ALA A 84 -6.86 -54.81 -15.32
C ALA A 84 -6.34 -53.38 -15.51
N VAL A 85 -5.45 -52.93 -14.62
CA VAL A 85 -4.84 -51.60 -14.76
C VAL A 85 -4.18 -51.37 -16.13
N GLU A 86 -3.44 -52.37 -16.60
CA GLU A 86 -2.74 -52.30 -17.89
C GLU A 86 -3.69 -52.13 -19.09
N ASN A 87 -4.98 -52.39 -18.89
CA ASN A 87 -6.00 -52.19 -19.93
C ASN A 87 -6.94 -51.02 -19.64
N CYS A 88 -6.62 -50.22 -18.61
CA CYS A 88 -7.52 -49.16 -18.16
C CYS A 88 -6.78 -47.82 -18.09
N THR A 89 -6.99 -46.95 -19.09
CA THR A 89 -6.44 -45.59 -19.04
C THR A 89 -7.35 -44.77 -18.12
N PRO A 90 -6.82 -44.27 -17.00
CA PRO A 90 -7.65 -43.54 -16.02
C PRO A 90 -8.35 -42.37 -16.68
N ASN A 91 -9.66 -42.27 -16.46
CA ASN A 91 -10.42 -41.13 -16.96
C ASN A 91 -10.89 -40.25 -15.79
N GLY A 92 -10.03 -39.34 -15.36
CA GLY A 92 -10.36 -38.46 -14.25
C GLY A 92 -11.63 -37.62 -14.44
N HIS A 93 -11.92 -37.28 -15.70
CA HIS A 93 -13.09 -36.48 -16.00
C HIS A 93 -14.38 -37.17 -15.57
N LEU A 94 -14.49 -38.47 -15.81
CA LEU A 94 -15.69 -39.20 -15.40
C LEU A 94 -15.86 -39.24 -13.86
N TRP A 95 -14.77 -39.41 -13.13
CA TRP A 95 -14.83 -39.32 -11.67
C TRP A 95 -15.43 -37.96 -11.28
N ASN A 96 -14.85 -36.89 -11.81
CA ASN A 96 -15.24 -35.52 -11.47
C ASN A 96 -16.69 -35.23 -11.82
N VAL A 97 -17.15 -35.71 -12.97
CA VAL A 97 -18.56 -35.64 -13.35
C VAL A 97 -19.50 -36.38 -12.38
N MET A 98 -19.15 -37.62 -12.02
CA MET A 98 -19.97 -38.42 -11.11
C MET A 98 -20.14 -37.73 -9.76
N ILE A 99 -19.04 -37.22 -9.24
CA ILE A 99 -18.98 -36.58 -7.93
C ILE A 99 -19.81 -35.31 -7.90
N THR A 100 -19.68 -34.54 -8.97
CA THR A 100 -20.40 -33.28 -9.15
C THR A 100 -21.90 -33.56 -9.27
N GLY A 101 -22.26 -34.55 -10.08
CA GLY A 101 -23.63 -34.98 -10.17
C GLY A 101 -24.22 -35.44 -8.84
N HIS A 102 -23.46 -36.27 -8.11
CA HIS A 102 -23.91 -36.77 -6.82
C HIS A 102 -24.26 -35.60 -5.89
N GLY A 103 -23.31 -34.67 -5.75
CA GLY A 103 -23.47 -33.49 -4.91
C GLY A 103 -24.60 -32.56 -5.31
N ILE A 104 -24.66 -32.18 -6.59
CA ILE A 104 -25.75 -31.31 -7.06
C ILE A 104 -27.12 -31.94 -6.84
N LEU A 105 -27.29 -33.20 -7.24
CA LEU A 105 -28.57 -33.89 -7.00
C LEU A 105 -28.94 -33.88 -5.53
N MET A 106 -28.02 -34.23 -4.63
CA MET A 106 -28.35 -34.27 -3.19
C MET A 106 -28.74 -32.88 -2.65
N MET A 107 -27.90 -31.88 -2.91
CA MET A 107 -28.06 -30.56 -2.27
C MET A 107 -29.19 -29.73 -2.87
N PHE A 108 -29.51 -29.98 -4.15
CA PHE A 108 -30.58 -29.23 -4.80
C PHE A 108 -31.83 -30.04 -5.11
N PHE A 109 -31.68 -31.35 -5.36
CA PHE A 109 -32.78 -32.11 -5.93
C PHE A 109 -33.29 -33.34 -5.14
N VAL A 110 -32.83 -33.50 -3.90
CA VAL A 110 -33.24 -34.65 -3.10
C VAL A 110 -33.82 -34.26 -1.73
N VAL A 111 -32.93 -33.83 -0.86
CA VAL A 111 -33.17 -33.83 0.55
C VAL A 111 -34.09 -32.63 1.01
N ILE A 112 -33.90 -31.46 0.40
CA ILE A 112 -34.74 -30.30 0.71
C ILE A 112 -36.11 -30.49 0.08
N PRO A 113 -36.18 -30.86 -1.20
CA PRO A 113 -37.47 -31.25 -1.79
C PRO A 113 -38.24 -32.27 -0.95
N ALA A 114 -37.54 -33.25 -0.35
CA ALA A 114 -38.20 -34.26 0.48
C ALA A 114 -38.73 -33.68 1.78
N LEU A 115 -37.87 -32.96 2.50
CA LEU A 115 -38.22 -32.42 3.81
C LEU A 115 -39.13 -31.20 3.73
N PHE A 116 -38.69 -30.21 2.95
CA PHE A 116 -39.39 -28.93 2.82
C PHE A 116 -40.53 -29.02 1.82
N GLY A 117 -40.24 -29.44 0.59
CA GLY A 117 -41.25 -29.57 -0.43
C GLY A 117 -42.25 -30.69 -0.13
N GLY A 118 -41.79 -31.75 0.53
CA GLY A 118 -42.60 -32.94 0.77
C GLY A 118 -43.36 -32.89 2.08
N PHE A 119 -42.66 -33.17 3.18
CA PHE A 119 -43.31 -33.13 4.49
C PHE A 119 -43.80 -31.72 4.84
N GLY A 120 -43.03 -30.71 4.46
CA GLY A 120 -43.43 -29.32 4.66
C GLY A 120 -44.78 -29.00 4.04
N ASN A 121 -44.92 -29.21 2.74
CA ASN A 121 -46.20 -28.98 2.06
C ASN A 121 -47.34 -29.85 2.58
N TYR A 122 -47.04 -31.12 2.91
CA TYR A 122 -48.10 -32.01 3.38
C TYR A 122 -48.57 -31.61 4.78
N PHE A 123 -47.62 -31.51 5.71
CA PHE A 123 -47.96 -31.39 7.13
C PHE A 123 -48.08 -30.01 7.77
N MET A 124 -47.34 -29.02 7.26
CA MET A 124 -47.41 -27.69 7.86
C MET A 124 -48.85 -27.13 7.90
N PRO A 125 -49.58 -27.13 6.78
CA PRO A 125 -50.98 -26.68 6.81
C PRO A 125 -51.83 -27.49 7.79
N LEU A 126 -51.67 -28.82 7.79
CA LEU A 126 -52.35 -29.66 8.78
C LEU A 126 -52.03 -29.25 10.20
N HIS A 127 -50.76 -28.98 10.49
CA HIS A 127 -50.32 -28.64 11.84
C HIS A 127 -50.85 -27.29 12.35
N ILE A 128 -51.14 -26.37 11.43
CA ILE A 128 -51.63 -25.04 11.84
C ILE A 128 -53.15 -24.90 11.57
N GLY A 129 -53.76 -25.98 11.06
CA GLY A 129 -55.18 -26.02 10.77
C GLY A 129 -55.58 -25.15 9.60
N ALA A 130 -54.67 -24.95 8.65
CA ALA A 130 -54.99 -24.24 7.43
C ALA A 130 -55.57 -25.24 6.45
N PRO A 131 -56.50 -24.85 5.59
CA PRO A 131 -57.10 -25.79 4.63
C PRO A 131 -56.20 -26.05 3.43
N ASP A 132 -55.36 -25.07 3.10
CA ASP A 132 -54.41 -25.16 1.99
C ASP A 132 -53.36 -24.08 2.16
N MET A 133 -52.35 -24.09 1.27
CA MET A 133 -51.37 -23.01 1.19
C MET A 133 -52.07 -21.74 0.65
N ALA A 134 -51.54 -20.57 1.00
CA ALA A 134 -52.06 -19.28 0.51
C ALA A 134 -52.27 -19.22 -1.00
N PHE A 135 -51.28 -19.69 -1.77
CA PHE A 135 -51.33 -19.67 -3.23
C PHE A 135 -51.08 -21.07 -3.79
N PRO A 136 -52.14 -21.88 -3.87
CA PRO A 136 -52.01 -23.27 -4.35
C PRO A 136 -51.46 -23.40 -5.76
N ARG A 137 -51.81 -22.48 -6.65
CA ARG A 137 -51.33 -22.53 -8.03
C ARG A 137 -49.82 -22.31 -8.10
N MET A 138 -49.33 -21.42 -7.24
CA MET A 138 -47.91 -21.17 -7.09
C MET A 138 -47.20 -22.44 -6.59
N ASN A 139 -47.85 -23.12 -5.65
CA ASN A 139 -47.36 -24.38 -5.12
C ASN A 139 -47.20 -25.44 -6.19
N ASN A 140 -48.17 -25.53 -7.09
CA ASN A 140 -48.04 -26.48 -8.19
C ASN A 140 -46.87 -26.13 -9.11
N LEU A 141 -46.65 -24.82 -9.31
CA LEU A 141 -45.57 -24.34 -10.14
C LEU A 141 -44.21 -24.60 -9.49
N SER A 142 -44.12 -24.42 -8.18
CA SER A 142 -42.96 -24.84 -7.38
C SER A 142 -42.47 -26.23 -7.80
N TYR A 143 -43.41 -27.17 -7.84
CA TYR A 143 -43.09 -28.56 -8.15
C TYR A 143 -42.55 -28.73 -9.55
N TRP A 144 -43.18 -28.07 -10.52
CA TRP A 144 -42.72 -28.18 -11.91
C TRP A 144 -41.34 -27.54 -12.13
N LEU A 145 -41.04 -26.49 -11.37
CA LEU A 145 -39.71 -25.88 -11.46
C LEU A 145 -38.65 -26.85 -10.92
N TYR A 146 -38.99 -27.57 -9.84
CA TYR A 146 -38.12 -28.62 -9.28
C TYR A 146 -37.84 -29.71 -10.32
N VAL A 147 -38.89 -30.17 -10.99
CA VAL A 147 -38.75 -31.19 -12.04
C VAL A 147 -37.92 -30.70 -13.22
N ALA A 148 -38.17 -29.46 -13.65
CA ALA A 148 -37.42 -28.83 -14.72
C ALA A 148 -35.94 -28.69 -14.35
N GLY A 149 -35.67 -28.22 -13.13
CA GLY A 149 -34.30 -28.15 -12.62
C GLY A 149 -33.62 -29.51 -12.65
N THR A 150 -34.33 -30.55 -12.19
CA THR A 150 -33.77 -31.90 -12.13
C THR A 150 -33.41 -32.41 -13.52
N SER A 151 -34.33 -32.21 -14.45
CA SER A 151 -34.13 -32.59 -15.84
C SER A 151 -32.91 -31.91 -16.44
N LEU A 152 -32.72 -30.62 -16.16
CA LEU A 152 -31.54 -29.91 -16.63
C LEU A 152 -30.24 -30.44 -16.02
N ALA A 153 -30.24 -30.69 -14.71
CA ALA A 153 -29.10 -31.32 -14.04
C ALA A 153 -28.72 -32.64 -14.69
N VAL A 154 -29.70 -33.49 -14.91
CA VAL A 154 -29.50 -34.78 -15.54
C VAL A 154 -28.98 -34.66 -16.98
N ALA A 155 -29.60 -33.76 -17.75
CA ALA A 155 -29.17 -33.49 -19.12
C ALA A 155 -27.72 -33.00 -19.20
N SER A 156 -27.30 -32.22 -18.22
CA SER A 156 -25.91 -31.73 -18.18
C SER A 156 -24.89 -32.88 -18.22
N LEU A 157 -25.29 -34.05 -17.71
CA LEU A 157 -24.41 -35.22 -17.68
C LEU A 157 -24.20 -35.80 -19.08
N PHE A 158 -25.11 -35.48 -20.00
CA PHE A 158 -25.05 -36.00 -21.36
C PHE A 158 -24.72 -34.93 -22.40
N ALA A 159 -24.45 -33.71 -21.94
CA ALA A 159 -24.12 -32.60 -22.83
C ALA A 159 -22.60 -32.47 -22.99
N PRO A 160 -22.13 -31.91 -24.12
CA PRO A 160 -20.70 -31.59 -24.27
C PRO A 160 -20.22 -30.76 -23.08
N GLY A 161 -19.17 -31.26 -22.43
CA GLY A 161 -18.61 -30.65 -21.24
C GLY A 161 -17.10 -30.61 -21.30
N GLY A 162 -16.45 -30.79 -20.14
CA GLY A 162 -15.03 -30.56 -20.03
C GLY A 162 -14.21 -31.61 -20.74
N ASN A 163 -13.00 -31.19 -21.16
CA ASN A 163 -12.00 -32.10 -21.72
C ASN A 163 -12.43 -32.85 -22.96
N GLY A 164 -13.33 -32.25 -23.74
CA GLY A 164 -13.86 -32.88 -24.95
C GLY A 164 -14.72 -34.10 -24.69
N GLN A 165 -15.25 -34.21 -23.47
CA GLN A 165 -16.15 -35.31 -23.11
C GLN A 165 -17.52 -34.72 -22.73
N LEU A 166 -18.40 -35.56 -22.20
CA LEU A 166 -19.69 -35.10 -21.69
C LEU A 166 -19.61 -34.80 -20.18
N GLY A 167 -20.44 -33.86 -19.71
CA GLY A 167 -20.62 -33.60 -18.28
C GLY A 167 -19.66 -32.58 -17.71
N SER A 168 -20.06 -31.91 -16.63
CA SER A 168 -19.19 -30.95 -15.93
C SER A 168 -18.49 -31.60 -14.74
N GLY A 169 -17.17 -31.52 -14.69
CA GLY A 169 -16.40 -32.08 -13.59
C GLY A 169 -15.83 -30.98 -12.71
N ILE A 170 -16.72 -30.22 -12.07
CA ILE A 170 -16.33 -28.94 -11.48
C ILE A 170 -16.63 -28.83 -9.99
N GLY A 171 -17.23 -29.87 -9.41
CA GLY A 171 -17.57 -29.85 -7.99
C GLY A 171 -18.94 -29.21 -7.80
N TRP A 172 -19.68 -29.59 -6.77
CA TRP A 172 -21.07 -29.12 -6.63
C TRP A 172 -21.16 -27.60 -6.38
N VAL A 173 -20.06 -26.99 -5.94
CA VAL A 173 -20.03 -25.54 -5.67
C VAL A 173 -19.45 -24.66 -6.80
N LEU A 174 -19.11 -25.28 -7.93
CA LEU A 174 -18.77 -24.57 -9.18
C LEU A 174 -17.68 -23.46 -9.10
N TYR A 175 -16.58 -23.71 -8.40
CA TYR A 175 -15.52 -22.70 -8.28
C TYR A 175 -14.94 -22.25 -9.62
N PRO A 176 -14.88 -20.93 -9.86
CA PRO A 176 -14.11 -20.39 -10.97
C PRO A 176 -12.65 -20.22 -10.52
N PRO A 177 -11.69 -20.06 -11.43
CA PRO A 177 -11.90 -20.12 -12.88
C PRO A 177 -12.18 -21.51 -13.45
N LEU A 178 -12.12 -22.58 -12.66
CA LEU A 178 -12.34 -23.91 -13.23
C LEU A 178 -13.72 -23.97 -13.90
N SER A 179 -14.75 -23.53 -13.19
CA SER A 179 -16.11 -23.60 -13.71
C SER A 179 -16.37 -22.70 -14.92
N THR A 180 -15.64 -21.58 -15.01
CA THR A 180 -15.84 -20.62 -16.10
C THR A 180 -15.03 -20.97 -17.35
N SER A 181 -14.00 -21.79 -17.17
CA SER A 181 -13.19 -22.23 -18.31
C SER A 181 -13.55 -23.63 -18.84
N GLU A 182 -14.45 -24.35 -18.15
CA GLU A 182 -14.84 -25.69 -18.61
C GLU A 182 -15.50 -25.63 -19.99
N SER A 183 -15.00 -26.43 -20.92
CA SER A 183 -15.52 -26.41 -22.28
C SER A 183 -16.95 -26.98 -22.38
N GLY A 184 -17.58 -26.74 -23.53
CA GLY A 184 -18.94 -27.20 -23.79
C GLY A 184 -19.95 -26.35 -23.08
N TYR A 185 -21.20 -26.82 -23.08
CA TYR A 185 -22.28 -26.08 -22.40
C TYR A 185 -22.93 -26.86 -21.23
N SER A 186 -22.40 -28.05 -20.95
CA SER A 186 -22.82 -28.84 -19.80
C SER A 186 -22.95 -27.97 -18.53
N THR A 187 -21.93 -27.15 -18.27
CA THR A 187 -21.88 -26.28 -17.10
C THR A 187 -22.99 -25.23 -17.13
N ASP A 188 -23.32 -24.75 -18.33
CA ASP A 188 -24.41 -23.78 -18.45
C ASP A 188 -25.72 -24.45 -18.08
N LEU A 189 -25.93 -25.67 -18.56
CA LEU A 189 -27.12 -26.47 -18.20
C LEU A 189 -27.19 -26.69 -16.69
N ALA A 190 -26.05 -26.93 -16.05
CA ALA A 190 -26.03 -27.09 -14.59
C ALA A 190 -26.43 -25.81 -13.88
N ILE A 191 -25.95 -24.66 -14.40
CA ILE A 191 -26.27 -23.37 -13.77
C ILE A 191 -27.78 -23.09 -13.88
N PHE A 192 -28.35 -23.36 -15.05
CA PHE A 192 -29.79 -23.21 -15.25
C PHE A 192 -30.62 -24.14 -14.35
N ALA A 193 -30.14 -25.38 -14.18
CA ALA A 193 -30.74 -26.33 -13.22
C ALA A 193 -30.84 -25.72 -11.84
N VAL A 194 -29.72 -25.18 -11.37
CA VAL A 194 -29.66 -24.57 -10.04
C VAL A 194 -30.56 -23.32 -9.88
N HIS A 195 -30.61 -22.46 -10.92
CA HIS A 195 -31.58 -21.35 -10.99
C HIS A 195 -33.01 -21.85 -10.78
N LEU A 196 -33.38 -22.91 -11.50
CA LEU A 196 -34.72 -23.49 -11.41
C LEU A 196 -35.00 -24.06 -10.02
N SER A 197 -34.00 -24.72 -9.43
CA SER A 197 -34.11 -25.17 -8.05
C SER A 197 -34.37 -24.00 -7.08
N GLY A 198 -33.57 -22.94 -7.20
CA GLY A 198 -33.71 -21.76 -6.35
C GLY A 198 -35.12 -21.15 -6.47
N ALA A 199 -35.62 -21.10 -7.70
CA ALA A 199 -36.95 -20.55 -7.98
C ALA A 199 -38.03 -21.40 -7.29
N SER A 200 -37.95 -22.71 -7.48
CA SER A 200 -38.83 -23.65 -6.78
C SER A 200 -38.79 -23.44 -5.26
N SER A 201 -37.59 -23.31 -4.70
CA SER A 201 -37.44 -23.09 -3.27
C SER A 201 -38.04 -21.77 -2.80
N ILE A 202 -37.83 -20.70 -3.57
CA ILE A 202 -38.33 -19.37 -3.20
C ILE A 202 -39.86 -19.34 -3.23
N LEU A 203 -40.46 -19.88 -4.29
CA LEU A 203 -41.91 -19.96 -4.35
C LEU A 203 -42.48 -20.72 -3.16
N GLY A 204 -41.82 -21.82 -2.80
CA GLY A 204 -42.22 -22.62 -1.67
C GLY A 204 -42.17 -21.80 -0.39
N ALA A 205 -41.05 -21.11 -0.22
CA ALA A 205 -40.85 -20.29 0.96
C ALA A 205 -41.91 -19.17 1.09
N ILE A 206 -42.31 -18.55 -0.04
CA ILE A 206 -43.33 -17.49 -0.07
C ILE A 206 -44.63 -18.08 0.48
N ASN A 207 -45.01 -19.25 -0.06
CA ASN A 207 -46.20 -19.96 0.37
C ASN A 207 -46.16 -20.34 1.83
N MET A 208 -45.03 -20.84 2.32
CA MET A 208 -44.97 -21.31 3.70
C MET A 208 -45.14 -20.16 4.65
N ILE A 209 -44.52 -19.02 4.32
CA ILE A 209 -44.50 -17.87 5.23
C ILE A 209 -45.87 -17.21 5.30
N THR A 210 -46.49 -17.01 4.13
CA THR A 210 -47.82 -16.40 4.02
C THR A 210 -48.86 -17.25 4.73
N THR A 211 -48.84 -18.55 4.46
CA THR A 211 -49.76 -19.50 5.09
C THR A 211 -49.59 -19.51 6.59
N PHE A 212 -48.35 -19.60 7.05
CA PHE A 212 -48.05 -19.63 8.48
C PHE A 212 -48.58 -18.37 9.19
N LEU A 213 -48.42 -17.21 8.55
CA LEU A 213 -48.71 -15.94 9.20
C LEU A 213 -50.20 -15.59 9.19
N ASN A 214 -50.89 -15.98 8.12
CA ASN A 214 -52.25 -15.52 7.85
C ASN A 214 -53.32 -16.57 8.10
N MET A 215 -52.99 -17.85 7.88
CA MET A 215 -54.01 -18.88 7.75
C MET A 215 -54.07 -19.90 8.88
N ARG A 216 -53.47 -19.57 10.02
CA ARG A 216 -53.68 -20.37 11.22
C ARG A 216 -55.17 -20.37 11.62
N ALA A 217 -55.60 -21.47 12.22
CA ALA A 217 -56.95 -21.63 12.72
C ALA A 217 -57.16 -20.74 13.96
N PRO A 218 -58.41 -20.28 14.18
CA PRO A 218 -58.75 -19.53 15.39
C PRO A 218 -58.27 -20.24 16.65
N GLY A 219 -57.57 -19.52 17.51
CA GLY A 219 -57.04 -20.08 18.75
C GLY A 219 -55.58 -20.47 18.60
N MET A 220 -55.20 -20.83 17.38
CA MET A 220 -53.83 -21.25 17.05
C MET A 220 -52.93 -20.02 17.10
N THR A 221 -52.44 -19.75 18.31
CA THR A 221 -51.52 -18.64 18.53
C THR A 221 -50.08 -19.08 18.22
N MET A 222 -49.23 -18.09 17.96
CA MET A 222 -47.82 -18.30 17.64
C MET A 222 -47.12 -19.31 18.55
N HIS A 223 -47.44 -19.27 19.84
CA HIS A 223 -46.78 -20.16 20.78
C HIS A 223 -47.58 -21.44 21.05
N LYS A 224 -48.55 -21.73 20.17
CA LYS A 224 -49.25 -23.03 20.19
C LYS A 224 -48.92 -23.91 18.96
N VAL A 225 -48.26 -23.32 17.98
CA VAL A 225 -47.85 -23.98 16.74
C VAL A 225 -46.90 -25.15 17.03
N PRO A 226 -47.15 -26.32 16.44
CA PRO A 226 -46.23 -27.45 16.59
C PRO A 226 -44.82 -27.14 16.05
N LEU A 227 -43.82 -27.74 16.68
CA LEU A 227 -42.41 -27.51 16.35
C LEU A 227 -42.03 -27.79 14.89
N PHE A 228 -42.66 -28.79 14.28
CA PHE A 228 -42.41 -29.05 12.87
C PHE A 228 -42.82 -27.86 12.00
N ALA A 229 -43.97 -27.27 12.31
CA ALA A 229 -44.46 -26.10 11.57
C ALA A 229 -43.52 -24.91 11.74
N TRP A 230 -43.02 -24.73 12.95
CA TRP A 230 -42.00 -23.73 13.25
C TRP A 230 -40.71 -23.97 12.43
N SER A 231 -40.24 -25.23 12.39
CA SER A 231 -39.01 -25.57 11.67
C SER A 231 -39.14 -25.19 10.19
N ILE A 232 -40.32 -25.41 9.61
CA ILE A 232 -40.59 -25.07 8.21
C ILE A 232 -40.64 -23.55 8.02
N PHE A 233 -41.25 -22.87 8.99
CA PHE A 233 -41.33 -21.42 8.95
C PHE A 233 -39.93 -20.80 8.95
N VAL A 234 -39.12 -21.15 9.94
CA VAL A 234 -37.76 -20.62 10.04
C VAL A 234 -36.96 -20.93 8.77
N THR A 235 -36.99 -22.19 8.34
CA THR A 235 -36.35 -22.63 7.09
C THR A 235 -36.71 -21.74 5.92
N ALA A 236 -38.00 -21.42 5.82
CA ALA A 236 -38.50 -20.60 4.71
C ALA A 236 -37.87 -19.20 4.68
N TRP A 237 -37.57 -18.66 5.85
CA TRP A 237 -36.94 -17.34 5.94
C TRP A 237 -35.49 -17.44 5.44
N LEU A 238 -34.81 -18.54 5.82
CA LEU A 238 -33.42 -18.75 5.41
C LEU A 238 -33.32 -18.83 3.90
N ILE A 239 -34.32 -19.46 3.28
CA ILE A 239 -34.36 -19.62 1.82
C ILE A 239 -34.49 -18.28 1.13
N LEU A 240 -35.29 -17.38 1.72
CA LEU A 240 -35.54 -16.07 1.11
C LEU A 240 -34.28 -15.18 1.06
N LEU A 241 -33.44 -15.29 2.08
CA LEU A 241 -32.17 -14.57 2.06
C LEU A 241 -31.08 -15.31 1.25
N ALA A 242 -30.96 -16.62 1.42
CA ALA A 242 -29.85 -17.37 0.85
C ALA A 242 -29.93 -17.59 -0.65
N LEU A 243 -31.12 -17.96 -1.14
CA LEU A 243 -31.26 -18.36 -2.54
C LEU A 243 -31.08 -17.25 -3.59
N PRO A 244 -31.58 -16.03 -3.34
CA PRO A 244 -31.26 -14.87 -4.19
C PRO A 244 -29.76 -14.59 -4.30
N VAL A 245 -29.01 -14.75 -3.21
CA VAL A 245 -27.57 -14.55 -3.24
C VAL A 245 -26.91 -15.58 -4.18
N LEU A 246 -27.37 -16.83 -4.11
CA LEU A 246 -26.86 -17.88 -4.98
C LEU A 246 -27.17 -17.55 -6.43
N ALA A 247 -28.39 -17.07 -6.68
CA ALA A 247 -28.80 -16.68 -8.03
C ALA A 247 -27.83 -15.64 -8.62
N GLY A 248 -27.39 -14.71 -7.78
CA GLY A 248 -26.38 -13.74 -8.20
C GLY A 248 -25.03 -14.39 -8.53
N ALA A 249 -24.50 -15.17 -7.60
CA ALA A 249 -23.22 -15.89 -7.79
C ALA A 249 -23.16 -16.66 -9.10
N ILE A 250 -24.19 -17.46 -9.37
CA ILE A 250 -24.15 -18.32 -10.54
C ILE A 250 -24.49 -17.58 -11.84
N THR A 251 -25.21 -16.46 -11.75
CA THR A 251 -25.46 -15.62 -12.94
C THR A 251 -24.16 -14.99 -13.43
N MET A 252 -23.36 -14.53 -12.47
CA MET A 252 -22.01 -14.02 -12.72
C MET A 252 -21.08 -15.06 -13.35
N LEU A 253 -21.25 -16.34 -13.00
CA LEU A 253 -20.52 -17.42 -13.66
C LEU A 253 -20.98 -17.52 -15.09
N LEU A 254 -22.30 -17.42 -15.28
CA LEU A 254 -22.88 -17.52 -16.60
C LEU A 254 -22.39 -16.41 -17.53
N THR A 255 -22.29 -15.19 -17.01
CA THR A 255 -21.85 -14.05 -17.84
C THR A 255 -20.34 -14.08 -18.11
N ASP A 256 -19.56 -14.56 -17.13
CA ASP A 256 -18.13 -14.81 -17.34
C ASP A 256 -17.91 -15.82 -18.45
N ARG A 257 -18.76 -16.85 -18.52
CA ARG A 257 -18.64 -17.88 -19.55
C ARG A 257 -19.13 -17.46 -20.95
N ASN A 258 -20.21 -16.69 -21.01
CA ASN A 258 -20.94 -16.46 -22.27
C ASN A 258 -21.08 -15.00 -22.75
N PHE A 259 -21.03 -14.03 -21.82
CA PHE A 259 -21.34 -12.63 -22.15
C PHE A 259 -20.21 -11.66 -21.81
N GLY A 260 -18.97 -12.14 -21.85
CA GLY A 260 -17.80 -11.28 -21.81
C GLY A 260 -17.38 -10.64 -20.50
N THR A 261 -18.10 -10.90 -19.41
CA THR A 261 -17.71 -10.29 -18.13
C THR A 261 -16.48 -10.94 -17.54
N THR A 262 -16.02 -10.39 -16.43
CA THR A 262 -14.69 -10.63 -15.96
C THR A 262 -14.69 -10.61 -14.43
N PHE A 263 -15.83 -10.95 -13.83
CA PHE A 263 -16.01 -10.88 -12.37
C PHE A 263 -14.97 -11.70 -11.60
N PHE A 264 -14.62 -12.85 -12.16
CA PHE A 264 -13.78 -13.80 -11.45
C PHE A 264 -12.48 -14.14 -12.18
N GLN A 265 -12.13 -13.32 -13.17
CA GLN A 265 -10.96 -13.55 -14.00
C GLN A 265 -9.92 -12.44 -13.77
N PRO A 266 -8.77 -12.82 -13.20
CA PRO A 266 -7.70 -11.86 -12.87
C PRO A 266 -7.18 -11.01 -14.04
N SER A 267 -7.25 -11.50 -15.27
CA SER A 267 -6.84 -10.73 -16.45
C SER A 267 -7.70 -9.47 -16.69
N GLY A 268 -8.92 -9.47 -16.16
CA GLY A 268 -9.77 -8.29 -16.23
C GLY A 268 -9.93 -7.60 -14.88
N GLY A 269 -9.05 -7.87 -13.94
CA GLY A 269 -9.15 -7.31 -12.60
C GLY A 269 -10.21 -7.98 -11.72
N GLY A 270 -10.61 -9.20 -12.09
CA GLY A 270 -11.55 -9.98 -11.30
C GLY A 270 -10.85 -10.76 -10.21
N ASP A 271 -11.63 -11.46 -9.39
CA ASP A 271 -11.08 -12.17 -8.24
C ASP A 271 -11.90 -13.45 -8.02
N PRO A 272 -11.29 -14.63 -8.20
CA PRO A 272 -12.01 -15.89 -8.02
C PRO A 272 -12.51 -16.02 -6.58
N VAL A 273 -11.75 -15.51 -5.62
CA VAL A 273 -12.15 -15.58 -4.22
C VAL A 273 -13.48 -14.85 -3.93
N LEU A 274 -13.81 -13.83 -4.73
CA LEU A 274 -15.07 -13.12 -4.57
C LEU A 274 -16.23 -14.09 -4.77
N TYR A 275 -16.12 -14.97 -5.77
CA TYR A 275 -17.17 -15.96 -6.00
C TYR A 275 -17.39 -16.83 -4.76
N GLN A 276 -16.31 -17.22 -4.10
CA GLN A 276 -16.38 -18.03 -2.88
C GLN A 276 -17.14 -17.35 -1.74
N HIS A 277 -16.94 -16.05 -1.55
CA HIS A 277 -17.70 -15.31 -0.52
C HIS A 277 -19.19 -15.33 -0.81
N ILE A 278 -19.56 -15.07 -2.07
CA ILE A 278 -20.95 -15.02 -2.47
C ILE A 278 -21.58 -16.42 -2.40
N LEU A 279 -20.88 -17.41 -2.96
CA LEU A 279 -21.37 -18.78 -2.97
C LEU A 279 -21.60 -19.31 -1.55
N TRP A 280 -20.61 -19.14 -0.67
CA TRP A 280 -20.74 -19.63 0.71
C TRP A 280 -21.73 -18.84 1.58
N PHE A 281 -21.99 -17.57 1.23
CA PHE A 281 -23.10 -16.84 1.83
C PHE A 281 -24.42 -17.59 1.68
N PHE A 282 -24.63 -18.24 0.54
CA PHE A 282 -25.72 -19.20 0.37
C PHE A 282 -25.35 -20.56 0.98
N GLY A 283 -24.11 -20.98 0.77
CA GLY A 283 -23.66 -22.34 1.04
C GLY A 283 -23.76 -22.82 2.44
N HIS A 284 -23.39 -21.97 3.42
CA HIS A 284 -23.71 -22.36 4.77
C HIS A 284 -25.23 -22.42 5.10
N PRO A 285 -25.98 -21.32 4.94
CA PRO A 285 -27.44 -21.40 5.20
C PRO A 285 -28.06 -22.65 4.58
N GLU A 286 -27.62 -23.04 3.37
CA GLU A 286 -28.09 -24.27 2.72
C GLU A 286 -28.17 -25.48 3.66
N VAL A 287 -27.14 -25.69 4.50
CA VAL A 287 -27.13 -26.87 5.37
C VAL A 287 -28.11 -26.76 6.53
N TYR A 288 -28.42 -25.53 6.94
CA TYR A 288 -29.40 -25.34 8.00
C TYR A 288 -30.81 -25.42 7.39
N ILE A 289 -30.95 -25.06 6.13
CA ILE A 289 -32.18 -25.27 5.39
C ILE A 289 -32.49 -26.80 5.26
N ILE A 290 -31.44 -27.58 5.06
CA ILE A 290 -31.56 -29.03 5.06
C ILE A 290 -31.97 -29.59 6.42
N VAL A 291 -31.27 -29.22 7.48
CA VAL A 291 -31.46 -29.95 8.73
C VAL A 291 -32.63 -29.46 9.65
N LEU A 292 -33.05 -28.20 9.51
CA LEU A 292 -34.09 -27.67 10.42
C LEU A 292 -35.40 -28.47 10.37
N PRO A 293 -35.98 -28.74 9.19
CA PRO A 293 -37.19 -29.56 9.15
C PRO A 293 -36.96 -30.96 9.76
N ALA A 294 -35.72 -31.45 9.71
CA ALA A 294 -35.43 -32.75 10.32
C ALA A 294 -35.44 -32.64 11.85
N PHE A 295 -34.97 -31.49 12.37
CA PHE A 295 -35.12 -31.19 13.81
C PHE A 295 -36.61 -31.21 14.16
N GLY A 296 -37.45 -30.60 13.30
CA GLY A 296 -38.88 -30.54 13.53
C GLY A 296 -39.53 -31.92 13.63
N ILE A 297 -39.21 -32.80 12.69
CA ILE A 297 -39.69 -34.18 12.69
C ILE A 297 -39.23 -34.97 13.92
N VAL A 298 -37.97 -34.77 14.33
CA VAL A 298 -37.45 -35.47 15.49
C VAL A 298 -38.25 -35.07 16.76
N SER A 299 -38.61 -33.79 16.86
CA SER A 299 -39.38 -33.35 18.02
C SER A 299 -40.75 -34.02 18.12
N HIS A 300 -41.47 -34.07 17.01
CA HIS A 300 -42.76 -34.76 16.95
C HIS A 300 -42.64 -36.25 17.27
N VAL A 301 -41.61 -36.90 16.73
CA VAL A 301 -41.45 -38.35 16.85
C VAL A 301 -41.05 -38.72 18.28
N ILE A 302 -40.07 -38.02 18.83
CA ILE A 302 -39.62 -38.35 20.17
C ILE A 302 -40.75 -38.12 21.19
N ALA A 303 -41.49 -37.03 21.05
CA ALA A 303 -42.63 -36.77 21.93
C ALA A 303 -43.66 -37.91 21.88
N THR A 304 -43.97 -38.36 20.66
CA THR A 304 -44.93 -39.44 20.45
C THR A 304 -44.51 -40.75 21.13
N PHE A 305 -43.28 -41.20 20.88
CA PHE A 305 -42.85 -42.53 21.31
C PHE A 305 -42.25 -42.55 22.70
N ALA A 306 -41.94 -41.38 23.23
CA ALA A 306 -41.61 -41.27 24.64
C ALA A 306 -42.90 -41.15 25.47
N LYS A 307 -44.01 -40.85 24.79
CA LYS A 307 -45.32 -40.60 25.40
C LYS A 307 -45.28 -39.46 26.43
N LYS A 308 -44.66 -38.36 26.02
CA LYS A 308 -44.28 -37.32 26.96
C LYS A 308 -44.12 -36.06 26.15
N PRO A 309 -44.66 -34.93 26.63
CA PRO A 309 -44.61 -33.70 25.84
C PRO A 309 -43.15 -33.28 25.65
N ILE A 310 -42.88 -32.58 24.56
CA ILE A 310 -41.52 -32.15 24.25
C ILE A 310 -41.01 -31.25 25.39
N PHE A 311 -39.79 -31.51 25.85
CA PHE A 311 -39.16 -30.70 26.88
C PHE A 311 -38.75 -29.34 26.31
N GLY A 312 -39.04 -28.27 27.05
CA GLY A 312 -38.69 -26.91 26.66
C GLY A 312 -39.20 -26.42 25.33
N TYR A 313 -40.50 -26.50 25.10
CA TYR A 313 -41.07 -26.02 23.83
C TYR A 313 -40.48 -24.67 23.36
N LEU A 314 -40.51 -23.67 24.23
CA LEU A 314 -40.03 -22.33 23.88
C LEU A 314 -38.53 -22.25 23.52
N PRO A 315 -37.64 -22.76 24.36
CA PRO A 315 -36.21 -22.89 23.97
C PRO A 315 -36.00 -23.69 22.66
N MET A 316 -36.85 -24.67 22.35
CA MET A 316 -36.75 -25.40 21.08
C MET A 316 -36.98 -24.48 19.89
N VAL A 317 -38.01 -23.64 19.97
CA VAL A 317 -38.31 -22.67 18.92
C VAL A 317 -37.16 -21.66 18.77
N TYR A 318 -36.73 -21.09 19.90
CA TYR A 318 -35.73 -20.04 19.90
C TYR A 318 -34.35 -20.56 19.52
N ALA A 319 -34.10 -21.83 19.81
CA ALA A 319 -32.86 -22.47 19.38
C ALA A 319 -32.83 -22.60 17.87
N MET A 320 -33.98 -22.93 17.25
CA MET A 320 -34.07 -22.98 15.79
C MET A 320 -33.89 -21.61 15.17
N VAL A 321 -34.44 -20.58 15.82
CA VAL A 321 -34.30 -19.21 15.30
C VAL A 321 -32.83 -18.77 15.35
N ALA A 322 -32.18 -19.08 16.47
CA ALA A 322 -30.78 -18.76 16.71
C ALA A 322 -29.85 -19.47 15.71
N ILE A 323 -30.08 -20.77 15.51
CA ILE A 323 -29.31 -21.55 14.54
C ILE A 323 -29.44 -20.89 13.18
N GLY A 324 -30.68 -20.55 12.80
CA GLY A 324 -30.96 -19.94 11.53
C GLY A 324 -30.24 -18.62 11.31
N VAL A 325 -30.27 -17.77 12.34
CA VAL A 325 -29.65 -16.45 12.27
C VAL A 325 -28.11 -16.58 12.23
N LEU A 326 -27.56 -17.34 13.17
CA LEU A 326 -26.13 -17.60 13.21
C LEU A 326 -25.61 -18.24 11.89
N GLY A 327 -26.45 -19.04 11.23
CA GLY A 327 -26.07 -19.66 9.96
C GLY A 327 -25.78 -18.68 8.85
N PHE A 328 -26.05 -17.39 9.06
CA PHE A 328 -25.76 -16.37 8.04
C PHE A 328 -24.46 -15.58 8.29
N VAL A 329 -23.77 -15.84 9.39
CA VAL A 329 -22.59 -15.03 9.74
C VAL A 329 -21.33 -15.87 9.95
N VAL A 330 -21.30 -17.04 9.30
CA VAL A 330 -20.22 -18.01 9.50
C VAL A 330 -19.56 -18.52 8.20
N TRP A 331 -19.97 -18.01 7.05
CA TRP A 331 -19.71 -18.67 5.77
C TRP A 331 -18.25 -18.96 5.46
N ALA A 332 -17.35 -18.10 5.95
CA ALA A 332 -15.95 -18.20 5.56
C ALA A 332 -15.19 -19.30 6.27
N HIS A 333 -15.84 -20.09 7.13
CA HIS A 333 -15.23 -21.34 7.61
C HIS A 333 -15.02 -22.35 6.46
N HIS A 334 -15.57 -22.00 5.30
CA HIS A 334 -15.35 -22.80 4.08
C HIS A 334 -14.17 -22.26 3.26
N MET A 335 -13.46 -21.29 3.82
CA MET A 335 -12.46 -20.54 3.08
C MET A 335 -11.19 -20.26 3.88
N TYR A 336 -10.94 -21.03 4.93
CA TYR A 336 -9.76 -20.84 5.78
C TYR A 336 -8.40 -20.92 5.03
N THR A 337 -8.32 -21.70 3.94
CA THR A 337 -7.07 -21.84 3.21
C THR A 337 -7.09 -21.04 1.91
N ALA A 338 -8.11 -20.20 1.73
CA ALA A 338 -8.28 -19.51 0.46
C ALA A 338 -7.70 -18.10 0.43
N GLY A 339 -7.00 -17.71 1.50
CA GLY A 339 -6.37 -16.39 1.54
C GLY A 339 -7.05 -15.41 2.48
N LEU A 340 -7.76 -15.92 3.47
CA LEU A 340 -8.42 -15.07 4.44
C LEU A 340 -7.37 -14.54 5.42
N SER A 341 -7.49 -13.26 5.76
CA SER A 341 -6.63 -12.64 6.77
C SER A 341 -6.78 -13.35 8.11
N LEU A 342 -5.79 -13.23 8.98
CA LEU A 342 -5.84 -13.85 10.31
C LEU A 342 -7.05 -13.35 11.14
N THR A 343 -7.40 -12.08 10.99
CA THR A 343 -8.55 -11.49 11.64
C THR A 343 -9.87 -12.12 11.16
N GLN A 344 -10.05 -12.19 9.85
CA GLN A 344 -11.22 -12.87 9.30
C GLN A 344 -11.31 -14.31 9.82
N GLN A 345 -10.19 -15.02 9.77
CA GLN A 345 -10.13 -16.41 10.23
C GLN A 345 -10.52 -16.57 11.69
N SER A 346 -10.01 -15.66 12.53
CA SER A 346 -10.30 -15.69 13.96
C SER A 346 -11.77 -15.41 14.21
N TYR A 347 -12.35 -14.45 13.49
CA TYR A 347 -13.75 -14.10 13.68
C TYR A 347 -14.65 -15.29 13.31
N PHE A 348 -14.46 -15.82 12.10
CA PHE A 348 -15.36 -16.84 11.58
C PHE A 348 -15.30 -18.12 12.40
N MET A 349 -14.12 -18.38 12.95
CA MET A 349 -13.92 -19.51 13.85
C MET A 349 -14.76 -19.37 15.13
N MET A 350 -14.71 -18.18 15.75
CA MET A 350 -15.47 -17.92 16.98
C MET A 350 -16.99 -17.86 16.74
N ALA A 351 -17.43 -17.12 15.72
CA ALA A 351 -18.82 -17.12 15.29
C ALA A 351 -19.39 -18.54 15.06
N THR A 352 -18.65 -19.36 14.32
CA THR A 352 -19.04 -20.76 14.09
C THR A 352 -19.23 -21.58 15.37
N MET A 353 -18.27 -21.48 16.29
CA MET A 353 -18.34 -22.21 17.55
C MET A 353 -19.65 -21.96 18.33
N VAL A 354 -20.18 -20.75 18.21
CA VAL A 354 -21.39 -20.36 18.94
C VAL A 354 -22.57 -21.25 18.59
N ILE A 355 -22.65 -21.68 17.32
CA ILE A 355 -23.70 -22.59 16.86
C ILE A 355 -23.86 -23.85 17.70
N ALA A 356 -22.78 -24.35 18.29
CA ALA A 356 -22.89 -25.53 19.15
C ALA A 356 -23.85 -25.35 20.35
N VAL A 357 -24.02 -24.11 20.79
CA VAL A 357 -24.81 -23.85 22.01
C VAL A 357 -26.32 -24.08 21.83
N PRO A 358 -26.97 -23.38 20.91
CA PRO A 358 -28.39 -23.65 20.65
C PRO A 358 -28.63 -25.09 20.16
N THR A 359 -27.68 -25.65 19.37
CA THR A 359 -27.81 -27.03 18.92
C THR A 359 -27.73 -27.97 20.13
N GLY A 360 -26.77 -27.72 21.02
CA GLY A 360 -26.70 -28.48 22.25
C GLY A 360 -27.96 -28.42 23.10
N ILE A 361 -28.62 -27.26 23.15
CA ILE A 361 -29.91 -27.14 23.84
C ILE A 361 -30.97 -28.08 23.26
N LYS A 362 -31.03 -28.19 21.93
CA LYS A 362 -31.99 -29.11 21.28
C LYS A 362 -31.70 -30.60 21.53
N ILE A 363 -30.42 -31.01 21.48
CA ILE A 363 -30.04 -32.40 21.77
C ILE A 363 -30.36 -32.79 23.22
N PHE A 364 -30.06 -31.90 24.16
CA PHE A 364 -30.29 -32.22 25.58
C PHE A 364 -31.79 -32.26 25.88
N SER A 365 -32.54 -31.37 25.25
CA SER A 365 -33.99 -31.30 25.40
C SER A 365 -34.70 -32.55 24.83
N TRP A 366 -34.12 -33.13 23.79
CA TRP A 366 -34.64 -34.36 23.19
C TRP A 366 -34.40 -35.50 24.16
N ILE A 367 -33.19 -35.60 24.72
CA ILE A 367 -32.91 -36.56 25.78
C ILE A 367 -33.79 -36.32 27.02
N ALA A 368 -33.95 -35.05 27.41
CA ALA A 368 -34.80 -34.71 28.57
C ALA A 368 -36.26 -35.09 28.33
N THR A 369 -36.67 -35.10 27.06
CA THR A 369 -38.02 -35.51 26.68
C THR A 369 -38.21 -37.01 26.96
N MET A 370 -37.18 -37.80 26.63
CA MET A 370 -37.21 -39.24 26.85
C MET A 370 -37.17 -39.57 28.33
N TRP A 371 -36.41 -38.77 29.08
CA TRP A 371 -36.24 -38.96 30.50
C TRP A 371 -37.60 -38.95 31.21
N GLY A 372 -37.86 -40.00 31.99
CA GLY A 372 -39.11 -40.10 32.73
C GLY A 372 -40.30 -40.48 31.86
N GLY A 373 -40.05 -40.87 30.61
CA GLY A 373 -41.13 -41.25 29.72
C GLY A 373 -41.46 -42.73 29.76
N SER A 374 -42.26 -43.16 28.80
CA SER A 374 -42.62 -44.55 28.68
C SER A 374 -42.25 -44.94 27.26
N ILE A 375 -41.01 -45.37 27.06
CA ILE A 375 -40.43 -45.46 25.70
C ILE A 375 -40.89 -46.68 24.88
N GLU A 376 -41.40 -46.40 23.69
CA GLU A 376 -41.75 -47.46 22.75
C GLU A 376 -40.76 -47.45 21.57
N LEU A 377 -40.08 -48.55 21.35
CA LEU A 377 -39.01 -48.58 20.34
C LEU A 377 -39.47 -48.99 18.94
N LYS A 378 -40.53 -48.34 18.46
CA LYS A 378 -41.04 -48.58 17.12
C LYS A 378 -40.11 -47.93 16.10
N THR A 379 -40.27 -48.30 14.82
CA THR A 379 -39.32 -47.86 13.79
C THR A 379 -39.04 -46.33 13.76
N PRO A 380 -40.07 -45.48 13.76
CA PRO A 380 -39.81 -44.03 13.75
C PRO A 380 -38.89 -43.59 14.89
N MET A 381 -39.06 -44.21 16.06
CA MET A 381 -38.29 -43.87 17.24
C MET A 381 -36.83 -44.30 17.08
N LEU A 382 -36.60 -45.46 16.46
CA LEU A 382 -35.24 -45.89 16.15
C LEU A 382 -34.49 -44.86 15.29
N TRP A 383 -35.13 -44.37 14.23
CA TRP A 383 -34.52 -43.34 13.39
C TRP A 383 -34.20 -42.09 14.20
N ALA A 384 -35.15 -41.66 15.03
CA ALA A 384 -34.93 -40.48 15.89
C ALA A 384 -33.76 -40.62 16.85
N LEU A 385 -33.63 -41.78 17.49
CA LEU A 385 -32.54 -42.04 18.43
C LEU A 385 -31.19 -42.17 17.72
N GLY A 386 -31.19 -42.86 16.58
CA GLY A 386 -30.03 -42.86 15.69
C GLY A 386 -29.63 -41.41 15.33
N PHE A 387 -30.60 -40.60 14.94
CA PHE A 387 -30.34 -39.20 14.65
C PHE A 387 -29.60 -38.51 15.78
N LEU A 388 -30.03 -38.71 17.03
CA LEU A 388 -29.41 -37.99 18.16
C LEU A 388 -27.94 -38.33 18.30
N PHE A 389 -27.63 -39.61 18.22
CA PHE A 389 -26.28 -40.11 18.33
C PHE A 389 -25.44 -39.66 17.11
N LEU A 390 -25.98 -39.88 15.91
CA LEU A 390 -25.21 -39.68 14.70
C LEU A 390 -25.03 -38.23 14.32
N PHE A 391 -26.08 -37.43 14.46
CA PHE A 391 -25.97 -35.98 14.28
C PHE A 391 -24.98 -35.37 15.28
N THR A 392 -24.97 -35.86 16.52
CA THR A 392 -23.94 -35.45 17.48
C THR A 392 -22.50 -35.75 16.98
N VAL A 393 -22.27 -36.94 16.42
CA VAL A 393 -20.95 -37.33 15.92
C VAL A 393 -20.51 -36.36 14.82
N GLY A 394 -21.44 -36.08 13.91
CA GLY A 394 -21.18 -35.15 12.83
C GLY A 394 -21.01 -33.71 13.30
N GLY A 395 -21.77 -33.31 14.32
CA GLY A 395 -21.77 -31.91 14.71
C GLY A 395 -20.48 -31.53 15.40
N VAL A 396 -19.99 -32.48 16.16
CA VAL A 396 -18.79 -32.37 16.96
C VAL A 396 -17.54 -32.34 16.05
N THR A 397 -17.62 -33.06 14.92
CA THR A 397 -16.58 -33.01 13.90
C THR A 397 -16.60 -31.67 13.15
N GLY A 398 -17.79 -31.10 13.00
CA GLY A 398 -17.93 -29.76 12.48
C GLY A 398 -17.27 -28.73 13.38
N ILE A 399 -17.29 -28.97 14.69
CA ILE A 399 -16.62 -28.06 15.63
C ILE A 399 -15.09 -28.15 15.50
N VAL A 400 -14.55 -29.36 15.35
CA VAL A 400 -13.14 -29.54 15.00
C VAL A 400 -12.75 -28.69 13.79
N LEU A 401 -13.58 -28.72 12.76
CA LEU A 401 -13.28 -28.06 11.49
C LEU A 401 -13.37 -26.55 11.56
N SER A 402 -14.15 -26.05 12.53
CA SER A 402 -14.26 -24.61 12.76
C SER A 402 -12.95 -23.98 13.26
N GLN A 403 -12.14 -24.78 13.93
CA GLN A 403 -10.81 -24.38 14.36
C GLN A 403 -9.85 -24.28 13.17
N ALA A 404 -9.74 -23.09 12.60
CA ALA A 404 -8.91 -22.80 11.43
C ALA A 404 -7.52 -23.47 11.49
N SER A 405 -6.96 -23.57 12.68
CA SER A 405 -5.62 -24.09 12.82
C SER A 405 -5.55 -25.59 12.56
N VAL A 406 -6.62 -26.30 12.86
CA VAL A 406 -6.70 -27.74 12.58
C VAL A 406 -7.27 -27.98 11.17
N ASP A 407 -8.14 -27.08 10.73
CA ASP A 407 -8.72 -27.12 9.39
C ASP A 407 -7.63 -26.98 8.32
N ARG A 408 -6.52 -26.35 8.70
CA ARG A 408 -5.34 -26.30 7.86
C ARG A 408 -4.99 -27.69 7.33
N TYR A 409 -5.02 -28.69 8.21
CA TYR A 409 -4.72 -30.06 7.85
C TYR A 409 -5.93 -30.75 7.17
N TYR A 410 -7.13 -30.55 7.71
CA TYR A 410 -8.29 -31.34 7.31
C TYR A 410 -8.97 -30.80 6.06
N HIS A 411 -8.78 -29.52 5.75
CA HIS A 411 -9.48 -28.93 4.62
C HIS A 411 -9.23 -29.69 3.31
N ASP A 412 -10.31 -29.94 2.57
CA ASP A 412 -10.20 -30.69 1.30
C ASP A 412 -9.56 -32.07 1.51
N THR A 413 -9.83 -32.69 2.67
CA THR A 413 -9.55 -34.11 2.88
C THR A 413 -10.83 -34.85 3.20
N TYR A 414 -10.70 -36.18 3.31
CA TYR A 414 -11.85 -37.01 3.65
C TYR A 414 -12.41 -36.83 5.07
N TYR A 415 -11.69 -36.11 5.95
CA TYR A 415 -12.25 -35.79 7.27
C TYR A 415 -13.47 -34.90 7.11
N VAL A 416 -13.41 -33.97 6.15
CA VAL A 416 -14.53 -33.08 5.86
C VAL A 416 -15.70 -33.91 5.29
N VAL A 417 -15.38 -34.82 4.38
CA VAL A 417 -16.37 -35.75 3.83
C VAL A 417 -17.08 -36.54 4.93
N ALA A 418 -16.32 -37.00 5.92
CA ALA A 418 -16.91 -37.74 7.03
C ALA A 418 -17.85 -36.82 7.83
N HIS A 419 -17.39 -35.61 8.18
CA HIS A 419 -18.25 -34.62 8.83
C HIS A 419 -19.61 -34.53 8.14
N PHE A 420 -19.59 -34.11 6.89
CA PHE A 420 -20.83 -33.77 6.24
C PHE A 420 -21.74 -34.96 5.95
N HIS A 421 -21.18 -36.15 5.78
CA HIS A 421 -22.06 -37.31 5.64
C HIS A 421 -22.68 -37.71 6.98
N TYR A 422 -21.96 -37.51 8.09
CA TYR A 422 -22.59 -37.83 9.37
C TYR A 422 -23.79 -36.92 9.62
N VAL A 423 -23.65 -35.61 9.39
CA VAL A 423 -24.79 -34.70 9.58
C VAL A 423 -25.88 -34.83 8.52
N MET A 424 -25.50 -35.16 7.29
CA MET A 424 -26.50 -35.28 6.22
C MET A 424 -27.07 -36.68 6.01
N SER A 425 -26.21 -37.65 5.70
CA SER A 425 -26.69 -39.00 5.40
C SER A 425 -27.01 -39.81 6.66
N LEU A 426 -26.43 -39.47 7.80
CA LEU A 426 -26.83 -40.14 9.03
C LEU A 426 -27.62 -39.19 9.96
N GLY A 427 -27.96 -38.00 9.44
CA GLY A 427 -28.63 -36.99 10.24
C GLY A 427 -29.92 -36.62 9.59
N ALA A 428 -29.87 -35.68 8.67
CA ALA A 428 -31.04 -35.25 7.91
C ALA A 428 -31.78 -36.45 7.27
N VAL A 429 -31.03 -37.39 6.70
CA VAL A 429 -31.66 -38.56 6.07
C VAL A 429 -32.37 -39.45 7.10
N PHE A 430 -31.81 -39.55 8.30
CA PHE A 430 -32.48 -40.31 9.36
C PHE A 430 -33.79 -39.61 9.75
N GLY A 431 -33.77 -38.27 9.73
CA GLY A 431 -34.99 -37.50 9.87
C GLY A 431 -36.01 -37.78 8.76
N ILE A 432 -35.55 -37.87 7.52
CA ILE A 432 -36.44 -38.27 6.42
C ILE A 432 -37.08 -39.64 6.67
N PHE A 433 -36.26 -40.62 7.07
CA PHE A 433 -36.80 -41.97 7.31
C PHE A 433 -37.74 -41.98 8.54
N ALA A 434 -37.40 -41.23 9.58
CA ALA A 434 -38.29 -41.11 10.73
C ALA A 434 -39.66 -40.63 10.27
N GLY A 435 -39.67 -39.60 9.43
CA GLY A 435 -40.89 -39.02 8.93
C GLY A 435 -41.69 -39.99 8.08
N ILE A 436 -41.02 -40.73 7.22
CA ILE A 436 -41.70 -41.69 6.34
C ILE A 436 -42.44 -42.72 7.18
N TYR A 437 -41.74 -43.36 8.09
CA TYR A 437 -42.36 -44.39 8.92
C TYR A 437 -43.44 -43.83 9.86
N PHE A 438 -43.19 -42.63 10.40
CA PHE A 438 -44.15 -41.93 11.26
C PHE A 438 -45.47 -41.67 10.55
N TRP A 439 -45.38 -41.23 9.29
CA TRP A 439 -46.51 -40.66 8.60
C TRP A 439 -47.09 -41.47 7.43
N ILE A 440 -46.41 -42.55 7.00
CA ILE A 440 -46.91 -43.31 5.85
C ILE A 440 -48.38 -43.81 6.00
N GLY A 441 -48.73 -44.30 7.19
CA GLY A 441 -50.10 -44.68 7.48
C GLY A 441 -51.08 -43.52 7.28
N LYS A 442 -50.73 -42.37 7.83
CA LYS A 442 -51.53 -41.15 7.70
C LYS A 442 -51.73 -40.71 6.24
N MET A 443 -50.68 -40.83 5.41
CA MET A 443 -50.73 -40.34 4.04
C MET A 443 -51.38 -41.32 3.08
N SER A 444 -51.23 -42.62 3.35
CA SER A 444 -51.64 -43.64 2.38
C SER A 444 -52.87 -44.45 2.80
N GLY A 445 -53.14 -44.51 4.11
CA GLY A 445 -54.14 -45.43 4.63
C GLY A 445 -53.66 -46.88 4.74
N ARG A 446 -52.36 -47.09 4.53
CA ARG A 446 -51.72 -48.38 4.76
C ARG A 446 -50.51 -48.28 5.69
N GLN A 447 -50.33 -49.30 6.53
CA GLN A 447 -49.27 -49.35 7.52
C GLN A 447 -48.08 -50.18 7.03
N TYR A 448 -46.87 -49.74 7.37
CA TYR A 448 -45.66 -50.49 7.03
C TYR A 448 -45.54 -51.68 8.01
N PRO A 449 -44.99 -52.82 7.57
CA PRO A 449 -44.72 -53.96 8.47
C PRO A 449 -43.54 -53.71 9.40
N GLU A 450 -43.77 -53.85 10.71
CA GLU A 450 -42.86 -53.35 11.73
C GLU A 450 -41.47 -54.01 11.69
N TRP A 451 -41.45 -55.33 11.52
CA TRP A 451 -40.19 -56.07 11.47
C TRP A 451 -39.30 -55.57 10.32
N ALA A 452 -39.92 -55.21 9.19
CA ALA A 452 -39.17 -54.72 8.03
C ALA A 452 -38.60 -53.30 8.26
N GLY A 453 -39.38 -52.46 8.93
CA GLY A 453 -38.92 -51.13 9.33
C GLY A 453 -37.67 -51.21 10.18
N LYS A 454 -37.69 -52.09 11.19
CA LYS A 454 -36.55 -52.28 12.08
C LYS A 454 -35.35 -52.89 11.34
N LEU A 455 -35.60 -53.83 10.44
CA LEU A 455 -34.49 -54.39 9.67
C LEU A 455 -33.82 -53.33 8.80
N HIS A 456 -34.62 -52.49 8.14
CA HIS A 456 -34.11 -51.39 7.35
C HIS A 456 -33.25 -50.50 8.23
N PHE A 457 -33.78 -50.10 9.38
CA PHE A 457 -32.99 -49.28 10.29
C PHE A 457 -31.62 -49.88 10.61
N TRP A 458 -31.57 -51.15 11.04
CA TRP A 458 -30.29 -51.74 11.46
C TRP A 458 -29.26 -51.92 10.34
N MET A 459 -29.73 -52.34 9.15
CA MET A 459 -28.87 -52.43 7.95
C MET A 459 -28.29 -51.06 7.56
N MET A 460 -29.14 -50.04 7.53
CA MET A 460 -28.68 -48.69 7.28
C MET A 460 -27.73 -48.20 8.38
N PHE A 461 -28.07 -48.46 9.63
CA PHE A 461 -27.23 -48.06 10.76
C PHE A 461 -25.82 -48.64 10.69
N VAL A 462 -25.74 -49.94 10.47
CA VAL A 462 -24.44 -50.62 10.36
C VAL A 462 -23.70 -50.18 9.10
N GLY A 463 -24.41 -50.18 7.97
CA GLY A 463 -23.83 -49.83 6.68
C GLY A 463 -23.31 -48.39 6.63
N ALA A 464 -24.13 -47.43 7.05
CA ALA A 464 -23.70 -46.03 6.91
C ALA A 464 -22.53 -45.68 7.83
N ASN A 465 -22.50 -46.27 9.02
CA ASN A 465 -21.35 -46.10 9.90
C ASN A 465 -20.08 -46.73 9.33
N LEU A 466 -20.20 -47.91 8.74
CA LEU A 466 -19.07 -48.55 8.08
C LEU A 466 -18.56 -47.75 6.88
N THR A 467 -19.47 -47.08 6.18
CA THR A 467 -19.13 -46.24 5.03
C THR A 467 -18.33 -45.02 5.49
N PHE A 468 -18.85 -44.33 6.49
CA PHE A 468 -18.31 -42.98 6.75
C PHE A 468 -17.32 -42.84 7.90
N PHE A 469 -17.43 -43.68 8.94
CA PHE A 469 -16.50 -43.53 10.05
C PHE A 469 -15.04 -43.70 9.63
N PRO A 470 -14.72 -44.69 8.79
CA PRO A 470 -13.36 -44.85 8.26
C PRO A 470 -12.83 -43.66 7.44
N GLN A 471 -13.72 -42.81 6.90
CA GLN A 471 -13.25 -41.62 6.18
C GLN A 471 -12.56 -40.60 7.10
N HIS A 472 -12.90 -40.64 8.40
CA HIS A 472 -12.14 -39.85 9.37
C HIS A 472 -10.66 -40.26 9.35
N PHE A 473 -10.41 -41.56 9.33
CA PHE A 473 -9.04 -42.09 9.29
C PHE A 473 -8.33 -41.67 8.00
N LEU A 474 -9.03 -41.80 6.87
CA LEU A 474 -8.49 -41.39 5.56
C LEU A 474 -8.08 -39.91 5.56
N GLY A 475 -8.92 -39.06 6.14
CA GLY A 475 -8.63 -37.63 6.20
C GLY A 475 -7.44 -37.31 7.08
N ARG A 476 -7.36 -37.99 8.23
CA ARG A 476 -6.26 -37.81 9.16
C ARG A 476 -4.94 -38.23 8.50
N GLN A 477 -5.01 -39.23 7.61
CA GLN A 477 -3.84 -39.70 6.89
C GLN A 477 -3.55 -38.86 5.64
N GLY A 478 -4.43 -37.90 5.33
CA GLY A 478 -4.15 -36.92 4.30
C GLY A 478 -4.75 -37.18 2.91
N MET A 479 -5.77 -38.03 2.85
CA MET A 479 -6.42 -38.34 1.56
C MET A 479 -7.27 -37.17 1.09
N PRO A 480 -6.93 -36.55 -0.05
CA PRO A 480 -7.69 -35.41 -0.58
C PRO A 480 -9.08 -35.75 -1.12
N ARG A 481 -9.96 -34.78 -1.11
CA ARG A 481 -11.27 -34.85 -1.76
C ARG A 481 -11.11 -34.85 -3.27
N ARG A 482 -12.10 -35.42 -3.94
CA ARG A 482 -12.30 -35.32 -5.40
C ARG A 482 -11.22 -36.02 -6.25
N TYR A 483 -10.73 -37.13 -5.71
CA TYR A 483 -9.69 -37.97 -6.33
C TYR A 483 -10.27 -39.29 -6.85
N ILE A 484 -10.01 -39.57 -8.13
CA ILE A 484 -10.33 -40.88 -8.74
C ILE A 484 -9.45 -42.04 -8.20
N ASP A 485 -8.23 -41.73 -7.80
CA ASP A 485 -7.27 -42.73 -7.39
C ASP A 485 -6.41 -42.20 -6.25
N TYR A 486 -5.78 -43.11 -5.50
CA TYR A 486 -5.10 -42.73 -4.26
C TYR A 486 -3.88 -43.62 -4.01
N PRO A 487 -2.89 -43.08 -3.32
CA PRO A 487 -1.71 -43.85 -2.88
C PRO A 487 -2.11 -45.16 -2.18
N GLU A 488 -1.33 -46.20 -2.45
CA GLU A 488 -1.61 -47.55 -1.96
C GLU A 488 -1.88 -47.64 -0.42
N ALA A 489 -1.23 -46.79 0.37
CA ALA A 489 -1.43 -46.80 1.81
C ALA A 489 -2.87 -46.52 2.27
N PHE A 490 -3.68 -45.88 1.43
CA PHE A 490 -5.06 -45.60 1.80
C PHE A 490 -6.01 -46.77 1.53
N ALA A 491 -5.46 -47.89 1.05
CA ALA A 491 -6.30 -49.01 0.61
C ALA A 491 -7.29 -49.56 1.65
N THR A 492 -6.82 -49.82 2.87
CA THR A 492 -7.63 -50.57 3.85
C THR A 492 -8.94 -49.86 4.21
N TRP A 493 -8.85 -48.60 4.58
CA TRP A 493 -10.05 -47.89 5.01
C TRP A 493 -10.97 -47.54 3.84
N ASN A 494 -10.41 -47.40 2.63
CA ASN A 494 -11.23 -47.25 1.41
C ASN A 494 -12.03 -48.50 1.09
N PHE A 495 -11.42 -49.66 1.33
CA PHE A 495 -12.07 -50.95 1.12
C PHE A 495 -13.25 -51.12 2.09
N VAL A 496 -12.98 -50.87 3.38
CA VAL A 496 -14.02 -50.97 4.39
C VAL A 496 -15.17 -50.00 4.04
N SER A 497 -14.83 -48.75 3.74
CA SER A 497 -15.82 -47.74 3.33
C SER A 497 -16.70 -48.21 2.17
N SER A 498 -16.08 -48.76 1.14
CA SER A 498 -16.86 -49.29 0.00
C SER A 498 -17.80 -50.44 0.37
N LEU A 499 -17.35 -51.39 1.18
CA LEU A 499 -18.24 -52.44 1.68
C LEU A 499 -19.43 -51.85 2.46
N GLY A 500 -19.16 -50.83 3.26
CA GLY A 500 -20.24 -50.16 3.96
C GLY A 500 -21.26 -49.54 3.02
N ALA A 501 -20.79 -48.89 1.95
CA ALA A 501 -21.68 -48.29 0.96
C ALA A 501 -22.52 -49.35 0.22
N PHE A 502 -21.96 -50.54 0.04
CA PHE A 502 -22.70 -51.59 -0.67
C PHE A 502 -23.83 -52.13 0.21
N LEU A 503 -23.52 -52.36 1.49
CA LEU A 503 -24.54 -52.71 2.48
C LEU A 503 -25.64 -51.63 2.61
N SER A 504 -25.24 -50.35 2.62
CA SER A 504 -26.20 -49.24 2.72
C SER A 504 -27.14 -49.23 1.52
N PHE A 505 -26.57 -49.55 0.37
CA PHE A 505 -27.34 -49.63 -0.86
C PHE A 505 -28.34 -50.78 -0.80
N ALA A 506 -27.91 -51.97 -0.39
CA ALA A 506 -28.83 -53.07 -0.10
C ALA A 506 -29.95 -52.63 0.87
N SER A 507 -29.62 -51.89 1.91
CA SER A 507 -30.66 -51.40 2.82
C SER A 507 -31.66 -50.47 2.13
N PHE A 508 -31.19 -49.65 1.18
CA PHE A 508 -32.06 -48.71 0.49
C PHE A 508 -32.97 -49.40 -0.51
N LEU A 509 -32.43 -50.38 -1.24
CA LEU A 509 -33.26 -51.20 -2.13
C LEU A 509 -34.34 -51.96 -1.34
N PHE A 510 -33.98 -52.47 -0.17
CA PHE A 510 -34.92 -53.14 0.71
C PHE A 510 -36.01 -52.16 1.19
N PHE A 511 -35.60 -50.97 1.60
CA PHE A 511 -36.53 -49.88 1.92
C PHE A 511 -37.54 -49.62 0.80
N LEU A 512 -37.06 -49.49 -0.42
CA LEU A 512 -37.96 -49.27 -1.56
C LEU A 512 -38.95 -50.43 -1.66
N GLY A 513 -38.45 -51.65 -1.46
CA GLY A 513 -39.29 -52.84 -1.38
C GLY A 513 -40.34 -52.74 -0.28
N VAL A 514 -39.95 -52.26 0.91
CA VAL A 514 -40.88 -52.02 2.02
C VAL A 514 -41.96 -50.98 1.68
N ILE A 515 -41.58 -49.88 1.04
CA ILE A 515 -42.52 -48.89 0.55
C ILE A 515 -43.46 -49.51 -0.50
N PHE A 516 -42.90 -50.25 -1.44
CA PHE A 516 -43.73 -50.89 -2.47
C PHE A 516 -44.77 -51.82 -1.82
N TYR A 517 -44.30 -52.70 -0.93
CA TYR A 517 -45.18 -53.59 -0.20
C TYR A 517 -46.26 -52.82 0.58
N THR A 518 -45.84 -51.80 1.32
CA THR A 518 -46.78 -51.01 2.11
C THR A 518 -47.91 -50.41 1.26
N LEU A 519 -47.58 -49.77 0.16
CA LEU A 519 -48.59 -49.06 -0.62
C LEU A 519 -49.48 -49.98 -1.42
N THR A 520 -49.02 -51.21 -1.58
CA THR A 520 -49.62 -52.20 -2.45
C THR A 520 -50.48 -53.16 -1.63
N ARG A 521 -49.98 -53.60 -0.47
CA ARG A 521 -50.70 -54.56 0.35
C ARG A 521 -50.46 -54.43 1.86
N GLY A 522 -50.07 -53.25 2.31
CA GLY A 522 -49.86 -53.02 3.73
C GLY A 522 -51.16 -53.10 4.52
N ALA A 523 -51.06 -53.47 5.80
CA ALA A 523 -52.24 -53.53 6.66
C ALA A 523 -53.05 -52.23 6.55
N ARG A 524 -54.36 -52.38 6.43
CA ARG A 524 -55.26 -51.25 6.29
C ARG A 524 -55.20 -50.41 7.56
N VAL A 525 -55.04 -49.10 7.40
CA VAL A 525 -55.05 -48.21 8.56
C VAL A 525 -56.50 -47.87 8.83
N THR A 526 -56.86 -47.96 10.09
CA THR A 526 -58.25 -47.93 10.50
C THR A 526 -58.51 -46.70 11.38
N ALA A 527 -57.52 -46.32 12.18
CA ALA A 527 -57.65 -45.24 13.15
C ALA A 527 -57.16 -43.87 12.63
N ASN A 528 -57.82 -42.82 13.10
CA ASN A 528 -57.36 -41.45 12.88
C ASN A 528 -55.94 -41.26 13.43
N ASN A 529 -55.75 -41.74 14.66
CA ASN A 529 -54.48 -41.75 15.34
C ASN A 529 -54.13 -43.20 15.64
N TYR A 530 -53.21 -43.76 14.85
CA TYR A 530 -52.81 -45.15 15.01
C TYR A 530 -51.59 -45.27 15.90
N TRP A 531 -51.14 -44.16 16.49
CA TRP A 531 -50.01 -44.19 17.41
C TRP A 531 -50.50 -44.20 18.86
N ASN A 532 -50.56 -43.02 19.48
CA ASN A 532 -51.04 -42.86 20.86
C ASN A 532 -51.39 -41.38 21.08
N GLU A 533 -52.05 -41.08 22.19
CA GLU A 533 -52.55 -39.73 22.49
C GLU A 533 -51.46 -38.66 22.50
N HIS A 534 -50.21 -39.07 22.72
CA HIS A 534 -49.09 -38.12 22.77
C HIS A 534 -48.60 -37.70 21.38
N ALA A 535 -49.20 -38.29 20.35
CA ALA A 535 -49.19 -37.69 19.00
C ALA A 535 -50.42 -36.79 18.97
N ASP A 536 -50.22 -35.53 19.34
CA ASP A 536 -51.31 -34.63 19.74
C ASP A 536 -51.55 -33.46 18.81
N THR A 537 -51.09 -33.57 17.56
CA THR A 537 -51.30 -32.51 16.59
C THR A 537 -52.49 -32.81 15.68
N LEU A 538 -52.90 -31.83 14.89
CA LEU A 538 -54.16 -31.92 14.16
C LEU A 538 -54.28 -33.03 13.11
N GLU A 539 -53.17 -33.48 12.51
CA GLU A 539 -53.27 -34.56 11.51
C GLU A 539 -53.86 -35.83 12.10
N TRP A 540 -53.57 -36.07 13.39
CA TRP A 540 -54.00 -37.27 14.11
C TRP A 540 -55.48 -37.20 14.54
N THR A 541 -56.12 -36.09 14.17
CA THR A 541 -57.48 -35.71 14.48
C THR A 541 -58.34 -35.98 13.24
N LEU A 542 -57.66 -36.24 12.13
CA LEU A 542 -58.31 -36.44 10.83
C LEU A 542 -58.23 -37.90 10.42
N THR A 543 -58.97 -38.28 9.38
CA THR A 543 -58.96 -39.65 8.90
C THR A 543 -57.59 -40.02 8.30
N SER A 544 -57.38 -41.30 7.98
CA SER A 544 -56.14 -41.73 7.32
C SER A 544 -56.48 -42.49 6.03
N PRO A 545 -56.28 -41.88 4.86
CA PRO A 545 -55.77 -40.50 4.71
C PRO A 545 -56.76 -39.39 5.08
N PRO A 546 -56.33 -38.13 5.20
CA PRO A 546 -57.28 -37.03 5.43
C PRO A 546 -58.21 -36.83 4.23
N PRO A 547 -59.36 -36.18 4.42
CA PRO A 547 -60.27 -35.88 3.31
C PRO A 547 -59.55 -35.01 2.29
N GLU A 548 -59.96 -35.06 1.03
CA GLU A 548 -59.37 -34.21 -0.01
C GLU A 548 -59.36 -32.76 0.47
N HIS A 549 -60.48 -32.34 1.09
CA HIS A 549 -60.56 -31.01 1.67
C HIS A 549 -60.68 -31.09 3.18
N THR A 550 -59.66 -30.55 3.84
CA THR A 550 -59.59 -30.52 5.31
C THR A 550 -59.81 -29.09 5.76
N PHE A 551 -60.29 -28.93 7.00
CA PHE A 551 -60.44 -27.62 7.64
C PHE A 551 -61.26 -26.59 6.84
N LEU B 5 17.86 -40.75 2.01
CA LEU B 5 16.92 -39.98 2.89
C LEU B 5 15.73 -40.84 3.29
N GLU B 6 15.29 -40.68 4.52
CA GLU B 6 14.15 -41.42 5.04
C GLU B 6 12.82 -40.86 4.53
N ILE B 7 11.93 -41.75 4.10
CA ILE B 7 10.59 -41.34 3.72
C ILE B 7 9.73 -41.22 4.99
N ILE B 8 9.38 -39.98 5.33
CA ILE B 8 8.68 -39.71 6.58
C ILE B 8 7.26 -39.17 6.37
N GLY B 9 7.12 -38.14 5.53
CA GLY B 9 5.83 -37.52 5.26
C GLY B 9 5.02 -38.29 4.23
N ARG B 10 4.32 -39.31 4.68
CA ARG B 10 3.50 -40.12 3.78
C ARG B 10 2.42 -40.87 4.56
N PRO B 11 1.33 -41.26 3.90
CA PRO B 11 0.35 -42.14 4.55
C PRO B 11 0.94 -43.54 4.76
N GLN B 12 0.51 -44.21 5.83
CA GLN B 12 0.94 -45.58 6.12
C GLN B 12 -0.27 -46.52 6.06
N PRO B 13 -0.07 -47.79 5.65
CA PRO B 13 -1.19 -48.74 5.51
C PRO B 13 -2.01 -48.89 6.78
N GLY B 14 -3.33 -48.75 6.64
CA GLY B 14 -4.26 -48.86 7.74
C GLY B 14 -4.22 -47.73 8.75
N GLY B 15 -3.56 -46.62 8.43
CA GLY B 15 -3.34 -45.54 9.40
C GLY B 15 -4.64 -44.91 9.84
N THR B 16 -4.71 -44.48 11.11
CA THR B 16 -5.91 -43.83 11.64
C THR B 16 -5.53 -42.47 12.25
N GLY B 17 -4.23 -42.18 12.32
CA GLY B 17 -3.74 -40.96 12.92
C GLY B 17 -3.21 -40.02 11.86
N PHE B 18 -2.69 -38.88 12.33
CA PHE B 18 -2.00 -37.94 11.49
C PHE B 18 -0.71 -38.53 10.90
N GLN B 19 -0.25 -37.92 9.82
CA GLN B 19 1.08 -38.24 9.30
C GLN B 19 2.11 -37.75 10.33
N PRO B 20 3.30 -38.34 10.37
CA PRO B 20 4.36 -37.87 11.28
C PRO B 20 4.57 -36.37 11.17
N SER B 21 4.78 -35.73 12.32
CA SER B 21 5.12 -34.32 12.36
C SER B 21 6.61 -34.16 12.05
N ALA B 22 6.92 -33.19 11.21
CA ALA B 22 8.31 -32.78 10.99
C ALA B 22 8.49 -31.27 11.11
N SER B 23 7.50 -30.61 11.70
CA SER B 23 7.62 -29.18 12.01
C SER B 23 6.97 -28.87 13.36
N PRO B 24 7.33 -27.73 14.00
CA PRO B 24 6.68 -27.30 15.25
C PRO B 24 5.20 -26.94 15.05
N VAL B 25 4.83 -26.39 13.90
CA VAL B 25 3.44 -26.15 13.55
C VAL B 25 2.64 -27.45 13.46
N ALA B 26 3.18 -28.46 12.80
CA ALA B 26 2.48 -29.75 12.71
C ALA B 26 2.34 -30.37 14.10
N THR B 27 3.37 -30.22 14.92
CA THR B 27 3.32 -30.67 16.31
C THR B 27 2.15 -30.01 17.05
N GLN B 28 1.98 -28.71 16.85
CA GLN B 28 0.89 -27.96 17.48
C GLN B 28 -0.49 -28.49 17.05
N ILE B 29 -0.65 -28.77 15.74
CA ILE B 29 -1.89 -29.36 15.20
C ILE B 29 -2.18 -30.68 15.92
N HIS B 30 -1.19 -31.56 16.01
CA HIS B 30 -1.39 -32.85 16.66
C HIS B 30 -1.87 -32.73 18.12
N TRP B 31 -1.26 -31.79 18.85
CA TRP B 31 -1.64 -31.52 20.25
C TRP B 31 -3.05 -30.95 20.38
N LEU B 32 -3.36 -29.93 19.60
CA LEU B 32 -4.65 -29.25 19.65
C LEU B 32 -5.78 -30.21 19.24
N ASP B 33 -5.59 -30.88 18.11
CA ASP B 33 -6.53 -31.89 17.68
C ASP B 33 -6.66 -33.01 18.71
N GLY B 34 -5.55 -33.43 19.32
CA GLY B 34 -5.59 -34.41 20.41
C GLY B 34 -6.42 -33.94 21.61
N PHE B 35 -6.22 -32.69 22.02
CA PHE B 35 -6.97 -32.08 23.12
C PHE B 35 -8.49 -32.03 22.80
N ILE B 36 -8.82 -31.51 21.63
CA ILE B 36 -10.23 -31.43 21.20
C ILE B 36 -10.85 -32.82 21.02
N LEU B 37 -10.09 -33.78 20.51
CA LEU B 37 -10.61 -35.13 20.32
C LEU B 37 -11.05 -35.75 21.66
N VAL B 38 -10.20 -35.63 22.68
CA VAL B 38 -10.55 -36.08 24.02
C VAL B 38 -11.88 -35.45 24.47
N ILE B 39 -12.02 -34.14 24.29
CA ILE B 39 -13.24 -33.41 24.65
C ILE B 39 -14.46 -33.94 23.89
N ILE B 40 -14.36 -34.04 22.57
CA ILE B 40 -15.51 -34.43 21.76
C ILE B 40 -15.83 -35.92 21.91
N ALA B 41 -14.84 -36.74 22.18
CA ALA B 41 -15.09 -38.14 22.52
C ALA B 41 -15.89 -38.23 23.83
N ALA B 42 -15.59 -37.34 24.78
CA ALA B 42 -16.31 -37.27 26.06
C ALA B 42 -17.74 -36.81 25.86
N ILE B 43 -17.94 -35.70 25.13
CA ILE B 43 -19.29 -35.21 24.80
C ILE B 43 -20.14 -36.34 24.20
N THR B 44 -19.59 -37.02 23.19
CA THR B 44 -20.41 -38.00 22.45
C THR B 44 -20.64 -39.28 23.24
N ILE B 45 -19.62 -39.74 23.96
CA ILE B 45 -19.79 -40.89 24.89
C ILE B 45 -20.91 -40.56 25.91
N PHE B 46 -20.82 -39.36 26.49
CA PHE B 46 -21.79 -38.85 27.44
C PHE B 46 -23.21 -38.90 26.87
N VAL B 47 -23.38 -38.23 25.72
CA VAL B 47 -24.67 -38.18 25.03
C VAL B 47 -25.19 -39.58 24.75
N THR B 48 -24.32 -40.45 24.23
CA THR B 48 -24.70 -41.81 23.87
C THR B 48 -25.13 -42.64 25.08
N LEU B 49 -24.36 -42.56 26.17
CA LEU B 49 -24.71 -43.25 27.41
C LEU B 49 -26.05 -42.77 28.00
N LEU B 50 -26.31 -41.46 27.92
CA LEU B 50 -27.59 -40.94 28.37
C LEU B 50 -28.75 -41.52 27.57
N ILE B 51 -28.59 -41.64 26.24
CA ILE B 51 -29.63 -42.22 25.39
C ILE B 51 -29.91 -43.66 25.78
N LEU B 52 -28.84 -44.45 25.88
CA LEU B 52 -28.98 -45.88 26.10
C LEU B 52 -29.55 -46.17 27.49
N TYR B 53 -29.09 -45.40 28.47
CA TYR B 53 -29.63 -45.47 29.81
C TYR B 53 -31.11 -45.09 29.86
N ALA B 54 -31.49 -43.98 29.21
CA ALA B 54 -32.88 -43.58 29.22
C ALA B 54 -33.79 -44.60 28.54
N VAL B 55 -33.30 -45.24 27.48
CA VAL B 55 -34.06 -46.28 26.78
C VAL B 55 -34.19 -47.52 27.67
N TRP B 56 -33.13 -47.84 28.41
CA TRP B 56 -33.18 -48.98 29.33
C TRP B 56 -34.08 -48.68 30.53
N ARG B 57 -33.91 -47.51 31.13
CA ARG B 57 -34.59 -47.17 32.38
C ARG B 57 -36.07 -46.83 32.17
N PHE B 58 -36.36 -46.17 31.05
CA PHE B 58 -37.69 -45.64 30.84
C PHE B 58 -38.45 -46.36 29.73
N HIS B 59 -37.95 -47.52 29.33
CA HIS B 59 -38.66 -48.39 28.39
C HIS B 59 -40.09 -48.60 28.89
N GLU B 60 -41.03 -48.69 27.95
CA GLU B 60 -42.46 -48.81 28.28
C GLU B 60 -42.83 -50.01 29.19
N LYS B 61 -42.03 -51.08 29.16
CA LYS B 61 -42.24 -52.22 30.05
C LYS B 61 -41.83 -51.95 31.50
N ARG B 62 -40.84 -51.08 31.69
CA ARG B 62 -40.26 -50.80 33.00
C ARG B 62 -40.82 -49.53 33.65
N ASN B 63 -41.26 -48.57 32.83
CA ASN B 63 -41.87 -47.35 33.35
C ASN B 63 -43.21 -47.15 32.64
N LYS B 64 -44.27 -47.66 33.27
CA LYS B 64 -45.58 -47.76 32.61
C LYS B 64 -46.31 -46.43 32.52
N VAL B 65 -46.09 -45.54 33.49
CA VAL B 65 -46.73 -44.23 33.43
C VAL B 65 -45.68 -43.14 33.26
N PRO B 66 -45.76 -42.44 32.14
CA PRO B 66 -44.80 -41.38 31.82
C PRO B 66 -45.02 -40.13 32.66
N ALA B 67 -43.91 -39.47 33.00
CA ALA B 67 -43.93 -38.14 33.60
C ALA B 67 -44.39 -37.10 32.58
N ARG B 68 -44.57 -35.87 33.03
CA ARG B 68 -45.12 -34.82 32.19
C ARG B 68 -44.33 -33.53 32.29
N PHE B 69 -43.21 -33.55 33.03
CA PHE B 69 -42.39 -32.35 33.15
C PHE B 69 -41.87 -31.84 31.79
N THR B 70 -41.68 -30.54 31.68
CA THR B 70 -41.10 -29.93 30.48
C THR B 70 -40.06 -28.86 30.83
N HIS B 71 -39.71 -28.76 32.12
CA HIS B 71 -38.76 -27.75 32.62
C HIS B 71 -37.90 -28.31 33.73
N ASN B 72 -36.69 -27.77 33.86
CA ASN B 72 -35.77 -28.08 34.95
C ASN B 72 -34.65 -27.06 34.97
N SER B 73 -34.94 -25.91 35.56
CA SER B 73 -34.09 -24.71 35.48
C SER B 73 -32.60 -24.88 35.80
N PRO B 74 -32.26 -25.48 36.95
CA PRO B 74 -30.84 -25.76 37.26
C PRO B 74 -30.13 -26.49 36.11
N LEU B 75 -30.69 -27.61 35.68
CA LEU B 75 -30.13 -28.41 34.59
C LEU B 75 -30.05 -27.63 33.27
N GLU B 76 -31.12 -26.87 32.96
CA GLU B 76 -31.16 -26.06 31.74
C GLU B 76 -30.07 -24.99 31.74
N ILE B 77 -29.77 -24.44 32.91
CA ILE B 77 -28.71 -23.44 33.05
C ILE B 77 -27.37 -24.13 32.88
N ALA B 78 -27.23 -25.27 33.55
CA ALA B 78 -26.00 -26.04 33.51
C ALA B 78 -25.65 -26.45 32.06
N TRP B 79 -26.66 -26.91 31.31
CA TRP B 79 -26.42 -27.40 29.95
C TRP B 79 -26.31 -26.30 28.91
N THR B 80 -26.38 -25.04 29.35
CA THR B 80 -26.03 -23.91 28.50
C THR B 80 -24.63 -23.39 28.80
N ILE B 81 -24.32 -23.31 30.09
CA ILE B 81 -23.09 -22.69 30.56
C ILE B 81 -21.89 -23.59 30.32
N VAL B 82 -22.07 -24.89 30.56
CA VAL B 82 -20.98 -25.84 30.41
C VAL B 82 -20.47 -25.90 28.95
N PRO B 83 -21.35 -26.08 27.96
CA PRO B 83 -20.94 -25.93 26.56
C PRO B 83 -20.22 -24.61 26.29
N ILE B 84 -20.72 -23.49 26.80
CA ILE B 84 -20.05 -22.19 26.63
C ILE B 84 -18.61 -22.22 27.17
N VAL B 85 -18.42 -22.84 28.34
CA VAL B 85 -17.10 -22.92 28.99
C VAL B 85 -16.17 -23.85 28.21
N ILE B 86 -16.69 -25.00 27.80
CA ILE B 86 -15.93 -25.95 26.98
C ILE B 86 -15.34 -25.26 25.74
N LEU B 87 -16.16 -24.46 25.07
CA LEU B 87 -15.80 -23.79 23.84
C LEU B 87 -14.78 -22.65 24.07
N VAL B 88 -15.01 -21.84 25.11
CA VAL B 88 -14.04 -20.79 25.46
C VAL B 88 -12.69 -21.43 25.77
N ALA B 89 -12.70 -22.56 26.46
CA ALA B 89 -11.46 -23.31 26.71
C ALA B 89 -10.72 -23.70 25.42
N ILE B 90 -11.41 -24.37 24.51
CA ILE B 90 -10.85 -24.69 23.19
C ILE B 90 -10.35 -23.44 22.47
N GLY B 91 -11.15 -22.38 22.42
CA GLY B 91 -10.71 -21.11 21.87
C GLY B 91 -9.36 -20.63 22.40
N ALA B 92 -9.17 -20.76 23.72
CA ALA B 92 -8.00 -20.25 24.43
C ALA B 92 -6.70 -20.95 24.04
N PHE B 93 -6.80 -22.24 23.70
CA PHE B 93 -5.65 -22.98 23.22
C PHE B 93 -5.52 -22.88 21.70
N SER B 94 -6.65 -22.71 21.03
CA SER B 94 -6.68 -22.77 19.56
C SER B 94 -6.23 -21.48 18.87
N LEU B 95 -6.60 -20.32 19.44
CA LEU B 95 -6.22 -19.05 18.83
C LEU B 95 -4.70 -18.76 18.81
N PRO B 96 -3.97 -19.04 19.89
CA PRO B 96 -2.50 -18.95 19.82
C PRO B 96 -1.93 -19.82 18.68
N VAL B 97 -2.33 -21.09 18.62
CA VAL B 97 -1.88 -21.98 17.54
C VAL B 97 -2.14 -21.36 16.19
N LEU B 98 -3.32 -20.79 16.02
CA LEU B 98 -3.69 -20.13 14.79
C LEU B 98 -2.76 -18.95 14.47
N PHE B 99 -2.52 -18.12 15.48
CA PHE B 99 -1.64 -16.96 15.31
C PHE B 99 -0.21 -17.39 14.92
N ASN B 100 0.30 -18.45 15.54
CA ASN B 100 1.63 -18.97 15.20
C ASN B 100 1.73 -19.43 13.74
N GLN B 101 0.64 -19.99 13.25
CA GLN B 101 0.57 -20.55 11.91
C GLN B 101 0.59 -19.46 10.86
N GLN B 102 -0.14 -18.39 11.13
CA GLN B 102 -0.47 -17.41 10.11
C GLN B 102 0.39 -16.17 10.13
N GLU B 103 1.13 -15.96 11.22
CA GLU B 103 2.09 -14.85 11.26
C GLU B 103 3.38 -15.32 10.62
N ILE B 104 3.64 -14.84 9.41
CA ILE B 104 4.81 -15.22 8.63
C ILE B 104 6.11 -14.59 9.17
N PRO B 105 7.01 -15.42 9.69
CA PRO B 105 8.31 -14.95 10.19
C PRO B 105 9.26 -14.56 9.06
N GLU B 106 10.46 -14.11 9.44
CA GLU B 106 11.51 -13.78 8.47
C GLU B 106 12.07 -15.07 7.85
N ALA B 107 12.20 -15.04 6.53
CA ALA B 107 12.64 -16.22 5.76
C ALA B 107 14.16 -16.43 5.76
N ASP B 108 14.60 -17.65 6.00
CA ASP B 108 15.94 -18.06 5.63
C ASP B 108 15.95 -18.43 4.16
N VAL B 109 14.87 -19.05 3.71
CA VAL B 109 14.75 -19.56 2.34
C VAL B 109 13.38 -19.17 1.78
N THR B 110 13.36 -18.65 0.55
CA THR B 110 12.13 -18.25 -0.11
C THR B 110 11.91 -19.05 -1.40
N VAL B 111 10.73 -19.67 -1.49
CA VAL B 111 10.33 -20.42 -2.67
C VAL B 111 9.01 -19.86 -3.18
N LYS B 112 8.95 -19.55 -4.47
CA LYS B 112 7.69 -19.15 -5.05
C LYS B 112 7.15 -20.35 -5.84
N VAL B 113 5.91 -20.75 -5.51
CA VAL B 113 5.30 -21.95 -6.09
C VAL B 113 4.10 -21.56 -6.93
N THR B 114 4.04 -22.09 -8.15
CA THR B 114 2.92 -21.82 -9.04
C THR B 114 2.23 -23.14 -9.40
N GLY B 115 0.91 -23.18 -9.22
CA GLY B 115 0.10 -24.31 -9.63
C GLY B 115 -0.34 -24.18 -11.07
N TYR B 116 -0.21 -25.27 -11.81
CA TYR B 116 -0.59 -25.33 -13.21
C TYR B 116 -1.43 -26.58 -13.43
N GLN B 117 -2.22 -26.57 -14.47
CA GLN B 117 -2.89 -27.80 -14.87
C GLN B 117 -1.88 -28.61 -15.72
N TRP B 118 -1.28 -29.70 -15.24
CA TRP B 118 -1.40 -30.29 -13.91
C TRP B 118 0.02 -30.65 -13.45
N TYR B 119 0.64 -29.65 -12.83
CA TYR B 119 2.00 -29.76 -12.32
C TYR B 119 2.32 -28.52 -11.50
N TRP B 120 3.46 -28.55 -10.81
CA TRP B 120 3.90 -27.39 -10.00
C TRP B 120 5.19 -26.77 -10.54
N GLY B 121 5.23 -25.43 -10.55
CA GLY B 121 6.42 -24.70 -10.93
C GLY B 121 7.04 -24.13 -9.67
N TYR B 122 8.36 -24.30 -9.50
CA TYR B 122 9.07 -23.77 -8.33
C TYR B 122 10.10 -22.74 -8.78
N GLU B 123 10.23 -21.66 -8.02
CA GLU B 123 11.27 -20.63 -8.24
C GLU B 123 11.91 -20.28 -6.91
N TYR B 124 13.24 -20.17 -6.90
CA TYR B 124 13.95 -19.72 -5.69
C TYR B 124 14.53 -18.34 -6.05
N PRO B 125 13.81 -17.25 -5.71
CA PRO B 125 14.21 -15.91 -6.17
C PRO B 125 15.61 -15.47 -5.71
N ASP B 126 16.06 -15.94 -4.55
CA ASP B 126 17.42 -15.66 -4.08
C ASP B 126 18.49 -16.40 -4.88
N GLU B 127 18.10 -17.52 -5.50
CA GLU B 127 19.09 -18.39 -6.14
C GLU B 127 19.00 -18.37 -7.65
N GLU B 128 18.00 -17.68 -8.19
CA GLU B 128 17.74 -17.69 -9.63
C GLU B 128 17.61 -19.14 -10.15
N ILE B 129 16.93 -19.98 -9.37
CA ILE B 129 16.62 -21.35 -9.79
C ILE B 129 15.13 -21.48 -10.11
N SER B 130 14.80 -22.18 -11.20
CA SER B 130 13.42 -22.53 -11.43
C SER B 130 13.34 -23.86 -12.16
N PHE B 131 12.25 -24.58 -11.92
CA PHE B 131 12.02 -25.87 -12.54
C PHE B 131 10.56 -26.28 -12.33
N GLU B 132 10.15 -27.29 -13.07
CA GLU B 132 8.80 -27.81 -12.96
C GLU B 132 8.84 -29.21 -12.37
N SER B 133 7.74 -29.57 -11.72
CA SER B 133 7.65 -30.80 -10.97
C SER B 133 6.38 -31.56 -11.35
N TYR B 134 6.58 -32.73 -11.94
CA TYR B 134 5.51 -33.56 -12.46
C TYR B 134 5.49 -34.90 -11.71
N MET B 135 4.30 -35.48 -11.55
CA MET B 135 4.17 -36.83 -11.01
C MET B 135 4.98 -37.80 -11.87
N ILE B 136 5.74 -38.67 -11.22
CA ILE B 136 6.33 -39.82 -11.94
C ILE B 136 5.17 -40.70 -12.40
N GLY B 137 5.08 -40.91 -13.71
CA GLY B 137 3.95 -41.63 -14.28
C GLY B 137 2.94 -40.75 -15.00
N SER B 138 3.11 -39.42 -14.91
CA SER B 138 2.33 -38.48 -15.72
C SER B 138 2.75 -38.51 -17.20
N PRO B 139 1.94 -37.96 -18.12
CA PRO B 139 2.38 -37.82 -19.52
C PRO B 139 3.76 -37.16 -19.68
N ALA B 140 4.10 -36.17 -18.84
CA ALA B 140 5.43 -35.57 -18.90
C ALA B 140 6.59 -36.58 -18.78
N THR B 141 6.41 -37.64 -17.98
CA THR B 141 7.46 -38.65 -17.81
C THR B 141 7.23 -39.85 -18.73
N GLY B 142 6.29 -39.75 -19.67
CA GLY B 142 6.05 -40.84 -20.60
C GLY B 142 4.89 -41.76 -20.25
N GLY B 143 4.15 -41.43 -19.19
CA GLY B 143 3.10 -42.31 -18.68
C GLY B 143 1.72 -41.78 -18.98
N ASP B 144 0.71 -42.46 -18.46
CA ASP B 144 -0.67 -41.95 -18.52
C ASP B 144 -1.40 -42.09 -17.19
N ASN B 145 -0.69 -41.75 -16.12
CA ASN B 145 -1.26 -41.60 -14.78
C ASN B 145 -1.60 -42.93 -14.07
N ARG B 146 -0.99 -44.02 -14.53
CA ARG B 146 -1.21 -45.34 -13.92
C ARG B 146 0.11 -46.09 -13.74
N MET B 147 0.12 -47.05 -12.82
CA MET B 147 1.26 -47.90 -12.60
C MET B 147 1.55 -48.72 -13.85
N SER B 148 2.84 -48.97 -14.09
CA SER B 148 3.32 -49.85 -15.15
C SER B 148 4.77 -50.22 -14.83
N PRO B 149 5.33 -51.22 -15.50
CA PRO B 149 6.76 -51.53 -15.34
C PRO B 149 7.68 -50.31 -15.53
N GLU B 150 7.45 -49.55 -16.58
CA GLU B 150 8.20 -48.33 -16.83
C GLU B 150 8.11 -47.33 -15.67
N VAL B 151 6.90 -47.06 -15.18
CA VAL B 151 6.70 -46.19 -14.02
C VAL B 151 7.43 -46.73 -12.76
N GLU B 152 7.32 -48.03 -12.49
CA GLU B 152 8.05 -48.58 -11.34
C GLU B 152 9.55 -48.38 -11.46
N GLN B 153 10.09 -48.61 -12.66
CA GLN B 153 11.51 -48.37 -12.92
C GLN B 153 11.92 -46.92 -12.67
N GLN B 154 11.12 -45.99 -13.17
CA GLN B 154 11.38 -44.56 -12.94
C GLN B 154 11.31 -44.21 -11.46
N LEU B 155 10.40 -44.85 -10.72
CA LEU B 155 10.32 -44.58 -9.29
C LEU B 155 11.61 -45.06 -8.60
N ILE B 156 12.02 -46.29 -8.94
CA ILE B 156 13.29 -46.86 -8.47
C ILE B 156 14.46 -45.89 -8.76
N GLU B 157 14.61 -45.46 -10.02
CA GLU B 157 15.72 -44.60 -10.46
C GLU B 157 15.81 -43.26 -9.72
N ALA B 158 14.67 -42.74 -9.29
CA ALA B 158 14.58 -41.47 -8.57
C ALA B 158 14.78 -41.64 -7.06
N GLY B 159 14.97 -42.88 -6.60
CA GLY B 159 15.21 -43.14 -5.19
C GLY B 159 13.97 -43.49 -4.39
N TYR B 160 12.90 -43.88 -5.07
CA TYR B 160 11.66 -44.28 -4.42
C TYR B 160 11.39 -45.75 -4.70
N SER B 161 10.14 -46.18 -4.50
CA SER B 161 9.70 -47.53 -4.81
C SER B 161 8.29 -47.42 -5.36
N ARG B 162 7.70 -48.55 -5.73
CA ARG B 162 6.36 -48.51 -6.29
C ARG B 162 5.30 -48.03 -5.29
N ASP B 163 5.60 -48.14 -3.99
CA ASP B 163 4.72 -47.69 -2.93
C ASP B 163 4.48 -46.18 -2.93
N GLU B 164 5.37 -45.44 -3.56
CA GLU B 164 5.28 -43.99 -3.59
C GLU B 164 4.62 -43.51 -4.88
N PHE B 165 4.10 -44.43 -5.70
CA PHE B 165 3.33 -44.02 -6.86
C PHE B 165 2.16 -43.11 -6.44
N LEU B 166 1.99 -42.02 -7.20
CA LEU B 166 0.99 -40.97 -7.00
C LEU B 166 1.49 -39.88 -6.05
N LEU B 167 2.59 -40.13 -5.34
CA LEU B 167 3.17 -39.11 -4.44
C LEU B 167 4.47 -38.51 -4.97
N ALA B 168 5.33 -39.38 -5.52
CA ALA B 168 6.66 -38.97 -5.96
C ALA B 168 6.58 -38.21 -7.28
N THR B 169 7.37 -37.14 -7.37
CA THR B 169 7.52 -36.33 -8.58
C THR B 169 8.95 -36.49 -9.14
N ASP B 170 9.13 -36.15 -10.42
CA ASP B 170 10.45 -36.25 -11.07
C ASP B 170 11.52 -35.33 -10.44
N THR B 171 11.11 -34.15 -10.02
CA THR B 171 11.98 -33.24 -9.28
C THR B 171 11.32 -32.88 -7.95
N ALA B 172 12.16 -32.53 -6.97
CA ALA B 172 11.67 -32.20 -5.63
C ALA B 172 12.02 -30.78 -5.29
N MET B 173 11.23 -30.18 -4.41
CA MET B 173 11.62 -28.96 -3.74
C MET B 173 12.62 -29.32 -2.61
N VAL B 174 13.86 -28.88 -2.73
CA VAL B 174 14.79 -29.20 -1.64
C VAL B 174 15.11 -27.99 -0.76
N VAL B 175 15.20 -28.24 0.54
CA VAL B 175 15.38 -27.19 1.55
C VAL B 175 16.29 -27.69 2.67
N PRO B 176 16.99 -26.79 3.37
CA PRO B 176 17.83 -27.19 4.50
C PRO B 176 17.03 -27.39 5.80
N VAL B 177 17.40 -28.37 6.63
CA VAL B 177 16.78 -28.56 7.95
C VAL B 177 16.97 -27.33 8.83
N ASN B 178 16.01 -27.13 9.74
CA ASN B 178 16.15 -26.18 10.83
C ASN B 178 16.29 -24.75 10.35
N LYS B 179 15.80 -24.49 9.14
CA LYS B 179 15.74 -23.13 8.63
C LYS B 179 14.28 -22.77 8.38
N THR B 180 13.98 -21.49 8.48
CA THR B 180 12.65 -20.98 8.17
C THR B 180 12.44 -20.81 6.67
N VAL B 181 11.52 -21.60 6.13
CA VAL B 181 11.16 -21.54 4.71
C VAL B 181 9.84 -20.82 4.55
N VAL B 182 9.85 -19.76 3.74
CA VAL B 182 8.62 -19.09 3.38
C VAL B 182 8.32 -19.46 1.94
N VAL B 183 7.11 -19.96 1.73
CA VAL B 183 6.64 -20.36 0.42
C VAL B 183 5.55 -19.39 -0.02
N GLN B 184 5.72 -18.79 -1.20
CA GLN B 184 4.70 -17.93 -1.77
C GLN B 184 3.97 -18.70 -2.86
N VAL B 185 2.63 -18.80 -2.74
CA VAL B 185 1.81 -19.68 -3.58
C VAL B 185 0.83 -18.92 -4.47
N THR B 186 0.80 -19.27 -5.75
CA THR B 186 -0.20 -18.75 -6.69
C THR B 186 -0.58 -19.80 -7.74
N GLY B 187 -1.66 -19.52 -8.47
CA GLY B 187 -2.14 -20.40 -9.53
C GLY B 187 -1.99 -19.70 -10.86
N ALA B 188 -1.72 -20.48 -11.91
CA ALA B 188 -1.50 -19.92 -13.24
C ALA B 188 -2.76 -19.94 -14.09
N ASP B 189 -3.70 -20.81 -13.76
CA ASP B 189 -4.83 -21.03 -14.65
C ASP B 189 -6.15 -21.20 -13.87
N VAL B 190 -6.21 -22.23 -13.03
CA VAL B 190 -7.34 -22.43 -12.14
C VAL B 190 -6.78 -22.47 -10.73
N ILE B 191 -7.65 -22.52 -9.73
CA ILE B 191 -7.21 -22.72 -8.37
C ILE B 191 -6.68 -24.13 -8.12
N HIS B 192 -5.48 -24.20 -7.58
CA HIS B 192 -4.92 -25.44 -7.05
C HIS B 192 -4.71 -25.23 -5.54
N SER B 193 -4.18 -26.23 -4.85
CA SER B 193 -3.79 -26.02 -3.45
C SER B 193 -2.54 -26.78 -3.08
N TRP B 194 -1.57 -26.05 -2.53
CA TRP B 194 -0.27 -26.62 -2.17
C TRP B 194 -0.26 -27.00 -0.68
N THR B 195 0.20 -28.21 -0.38
CA THR B 195 0.16 -28.74 0.98
C THR B 195 1.23 -29.78 1.27
N VAL B 196 1.67 -29.83 2.52
CA VAL B 196 2.50 -30.93 3.00
C VAL B 196 2.02 -31.29 4.40
N PRO B 197 1.24 -32.36 4.53
CA PRO B 197 0.72 -32.81 5.83
C PRO B 197 1.74 -32.85 6.96
N ALA B 198 2.94 -33.35 6.69
CA ALA B 198 3.99 -33.42 7.72
C ALA B 198 4.41 -32.05 8.23
N PHE B 199 4.21 -31.00 7.44
CA PHE B 199 4.58 -29.65 7.86
C PHE B 199 3.41 -28.90 8.49
N GLY B 200 2.20 -29.43 8.35
CA GLY B 200 1.02 -28.75 8.87
C GLY B 200 0.72 -27.50 8.07
N VAL B 201 1.05 -27.53 6.78
CA VAL B 201 0.76 -26.39 5.91
C VAL B 201 -0.16 -26.73 4.73
N LYS B 202 -0.94 -25.73 4.32
CA LYS B 202 -1.86 -25.81 3.18
C LYS B 202 -2.28 -24.39 2.79
N GLN B 203 -2.13 -24.06 1.52
CA GLN B 203 -2.51 -22.75 1.05
C GLN B 203 -2.98 -22.83 -0.39
N ASP B 204 -4.15 -22.27 -0.68
CA ASP B 204 -4.67 -22.33 -2.05
C ASP B 204 -3.79 -21.53 -3.00
N ALA B 205 -3.70 -22.04 -4.23
CA ALA B 205 -2.93 -21.43 -5.29
C ALA B 205 -3.93 -20.74 -6.21
N VAL B 206 -4.23 -19.48 -5.90
CA VAL B 206 -5.29 -18.76 -6.61
C VAL B 206 -4.75 -17.85 -7.70
N PRO B 207 -5.18 -18.01 -8.95
CA PRO B 207 -4.77 -17.11 -10.04
C PRO B 207 -4.98 -15.66 -9.63
N GLY B 208 -3.94 -14.83 -9.76
CA GLY B 208 -4.07 -13.41 -9.50
C GLY B 208 -3.72 -12.98 -8.09
N ARG B 209 -3.50 -13.95 -7.20
CA ARG B 209 -3.16 -13.68 -5.80
C ARG B 209 -1.91 -14.46 -5.39
N LEU B 210 -1.03 -13.79 -4.65
CA LEU B 210 0.14 -14.44 -4.07
C LEU B 210 -0.05 -14.55 -2.55
N ALA B 211 -0.14 -15.77 -2.03
CA ALA B 211 -0.34 -15.97 -0.60
C ALA B 211 0.85 -16.69 0.00
N GLN B 212 1.07 -16.53 1.29
CA GLN B 212 2.27 -17.03 1.92
C GLN B 212 1.98 -18.06 2.98
N LEU B 213 2.91 -18.98 3.17
CA LEU B 213 2.88 -19.90 4.29
C LEU B 213 4.31 -20.05 4.78
N TRP B 214 4.49 -20.61 5.97
CA TRP B 214 5.82 -20.90 6.47
C TRP B 214 5.89 -22.25 7.13
N PHE B 215 7.09 -22.84 7.11
CA PHE B 215 7.40 -24.00 7.91
C PHE B 215 8.88 -23.98 8.25
N ARG B 216 9.23 -24.71 9.30
CA ARG B 216 10.61 -24.98 9.61
C ARG B 216 10.70 -26.47 9.84
N ALA B 217 11.38 -27.19 8.96
CA ALA B 217 11.51 -28.65 9.10
C ALA B 217 12.52 -29.01 10.19
N GLU B 218 12.17 -29.95 11.04
CA GLU B 218 12.98 -30.30 12.22
C GLU B 218 13.77 -31.59 12.06
N ARG B 219 13.57 -32.25 10.94
CA ARG B 219 14.40 -33.39 10.58
C ARG B 219 14.45 -33.59 9.08
N GLU B 220 15.52 -34.24 8.65
CA GLU B 220 15.75 -34.49 7.24
C GLU B 220 14.86 -35.63 6.80
N GLY B 221 14.55 -35.66 5.51
CA GLY B 221 13.74 -36.73 4.95
C GLY B 221 12.98 -36.31 3.72
N ILE B 222 12.06 -37.19 3.30
CA ILE B 222 11.19 -36.96 2.16
C ILE B 222 9.75 -36.81 2.68
N PHE B 223 9.05 -35.79 2.20
CA PHE B 223 7.69 -35.44 2.64
C PHE B 223 6.82 -35.11 1.43
N PHE B 224 5.66 -35.78 1.34
CA PHE B 224 4.75 -35.65 0.19
C PHE B 224 3.49 -34.86 0.52
N GLY B 225 3.00 -34.11 -0.46
CA GLY B 225 1.64 -33.59 -0.46
C GLY B 225 0.96 -33.84 -1.80
N GLN B 226 -0.33 -33.59 -1.89
CA GLN B 226 -1.08 -33.77 -3.14
C GLN B 226 -1.95 -32.55 -3.34
N CYS B 227 -2.26 -32.23 -4.60
CA CYS B 227 -3.00 -31.01 -4.89
C CYS B 227 -4.38 -31.07 -4.25
N SER B 228 -4.75 -29.98 -3.57
CA SER B 228 -5.90 -30.00 -2.69
C SER B 228 -6.98 -28.99 -3.04
N GLU B 229 -7.10 -28.67 -4.32
CA GLU B 229 -8.33 -28.03 -4.82
C GLU B 229 -8.62 -28.57 -6.20
N LEU B 230 -9.82 -29.11 -6.37
CA LEU B 230 -10.19 -29.78 -7.62
C LEU B 230 -9.95 -28.78 -8.73
N CYS B 231 -9.14 -29.20 -9.71
CA CYS B 231 -8.60 -28.32 -10.72
C CYS B 231 -8.71 -28.96 -12.10
N GLY B 232 -9.53 -29.99 -12.24
CA GLY B 232 -9.73 -30.57 -13.55
C GLY B 232 -9.29 -32.01 -13.62
N ILE B 233 -9.09 -32.50 -14.85
CA ILE B 233 -8.96 -33.96 -15.10
C ILE B 233 -7.84 -34.69 -14.34
N SER B 234 -6.73 -34.00 -14.09
CA SER B 234 -5.56 -34.64 -13.45
C SER B 234 -5.22 -34.04 -12.06
N HIS B 235 -6.27 -33.54 -11.41
CA HIS B 235 -6.28 -33.13 -10.00
C HIS B 235 -5.61 -34.19 -9.08
N ALA B 236 -5.91 -35.46 -9.32
CA ALA B 236 -5.38 -36.57 -8.54
C ALA B 236 -3.93 -36.89 -8.86
N TYR B 237 -3.40 -36.24 -9.90
CA TYR B 237 -2.10 -36.57 -10.48
C TYR B 237 -1.08 -35.43 -10.57
N MET B 238 -1.06 -34.53 -9.58
CA MET B 238 -0.07 -33.46 -9.55
C MET B 238 0.45 -33.17 -8.13
N PRO B 239 1.19 -34.12 -7.56
CA PRO B 239 1.59 -34.08 -6.16
C PRO B 239 2.87 -33.26 -5.94
N ILE B 240 3.34 -33.31 -4.68
CA ILE B 240 4.36 -32.43 -4.13
C ILE B 240 5.39 -33.30 -3.42
N THR B 241 6.65 -33.10 -3.74
CA THR B 241 7.74 -33.72 -3.01
C THR B 241 8.67 -32.65 -2.46
N VAL B 242 8.87 -32.69 -1.15
CA VAL B 242 9.85 -31.84 -0.47
C VAL B 242 10.93 -32.73 0.14
N LYS B 243 12.18 -32.43 -0.18
CA LYS B 243 13.31 -33.15 0.42
C LYS B 243 13.98 -32.18 1.38
N VAL B 244 14.04 -32.56 2.65
CA VAL B 244 14.72 -31.73 3.64
C VAL B 244 16.09 -32.38 3.89
N VAL B 245 17.14 -31.60 3.68
CA VAL B 245 18.51 -32.12 3.71
C VAL B 245 19.39 -31.23 4.59
N SER B 246 20.65 -31.65 4.80
CA SER B 246 21.57 -30.82 5.58
C SER B 246 21.85 -29.48 4.88
N GLU B 247 22.32 -28.50 5.66
CA GLU B 247 22.78 -27.24 5.10
C GLU B 247 23.82 -27.40 3.99
N GLU B 248 24.74 -28.35 4.15
CA GLU B 248 25.78 -28.59 3.14
C GLU B 248 25.20 -29.25 1.88
N ALA B 249 24.29 -30.21 2.07
CA ALA B 249 23.67 -30.90 0.93
C ALA B 249 22.75 -29.96 0.13
N TYR B 250 22.13 -29.01 0.82
CA TYR B 250 21.31 -27.98 0.20
C TYR B 250 22.16 -27.06 -0.67
N ALA B 251 23.29 -26.59 -0.14
CA ALA B 251 24.24 -25.81 -0.96
C ALA B 251 24.75 -26.61 -2.17
N ALA B 252 25.05 -27.89 -1.97
CA ALA B 252 25.49 -28.76 -3.08
C ALA B 252 24.45 -28.79 -4.21
N TRP B 253 23.17 -28.91 -3.82
CA TRP B 253 22.06 -28.97 -4.77
C TRP B 253 21.97 -27.65 -5.51
N LEU B 254 22.09 -26.54 -4.76
CA LEU B 254 22.13 -25.21 -5.36
C LEU B 254 23.25 -25.07 -6.38
N GLU B 255 24.46 -25.50 -6.03
CA GLU B 255 25.59 -25.35 -6.95
C GLU B 255 25.36 -26.16 -8.21
N GLN B 256 24.79 -27.36 -8.05
CA GLN B 256 24.41 -28.20 -9.20
C GLN B 256 23.53 -27.45 -10.20
N HIS B 257 22.72 -26.51 -9.71
CA HIS B 257 21.85 -25.72 -10.58
C HIS B 257 22.50 -24.43 -11.10
N HIS B 258 23.69 -24.09 -10.60
CA HIS B 258 24.35 -22.84 -11.00
C HIS B 258 24.99 -22.89 -12.39
N HIS B 259 24.56 -21.98 -13.26
CA HIS B 259 25.07 -21.90 -14.64
C HIS B 259 26.27 -20.96 -14.74
N HIS B 260 27.43 -21.51 -15.09
CA HIS B 260 28.67 -20.71 -15.18
C HIS B 260 28.89 -20.13 -16.57
N PHE C 17 16.85 -4.92 5.04
CA PHE C 17 17.52 -3.99 4.07
C PHE C 17 16.57 -2.87 3.63
N THR C 18 15.27 -3.10 3.82
CA THR C 18 14.22 -2.12 3.53
C THR C 18 13.26 -2.06 4.71
N ARG C 19 13.60 -2.80 5.77
CA ARG C 19 13.04 -2.63 7.10
C ARG C 19 13.73 -1.43 7.80
N TRP C 20 14.62 -0.76 7.05
CA TRP C 20 15.27 0.50 7.43
C TRP C 20 14.31 1.70 7.25
N PHE C 21 13.45 1.59 6.24
CA PHE C 21 12.52 2.66 5.87
C PHE C 21 11.27 2.69 6.76
N MET C 22 10.98 1.56 7.39
CA MET C 22 9.73 1.39 8.16
C MET C 22 9.92 1.78 9.61
N SER C 23 11.19 1.91 10.01
CA SER C 23 11.54 2.27 11.38
C SER C 23 10.91 3.60 11.76
N THR C 24 10.39 3.66 12.98
CA THR C 24 9.77 4.89 13.49
C THR C 24 10.67 5.53 14.52
N ASN C 25 11.89 5.01 14.62
CA ASN C 25 12.89 5.50 15.57
C ASN C 25 13.73 6.67 15.01
N HIS C 26 13.80 7.73 15.81
CA HIS C 26 14.48 8.99 15.45
C HIS C 26 15.90 8.85 14.91
N LYS C 27 16.67 7.91 15.47
CA LYS C 27 18.03 7.67 14.99
C LYS C 27 18.00 7.12 13.56
N ASP C 28 17.00 6.29 13.27
CA ASP C 28 16.89 5.68 11.96
C ASP C 28 16.33 6.70 10.95
N ILE C 29 15.33 7.46 11.38
CA ILE C 29 14.74 8.52 10.56
C ILE C 29 15.80 9.56 10.20
N GLY C 30 16.52 10.06 11.21
CA GLY C 30 17.64 10.95 11.04
C GLY C 30 18.65 10.51 9.99
N VAL C 31 19.04 9.23 10.03
CA VAL C 31 19.99 8.69 9.05
C VAL C 31 19.38 8.60 7.64
N LEU C 32 18.07 8.37 7.56
CA LEU C 32 17.43 8.29 6.25
C LEU C 32 17.47 9.67 5.59
N TYR C 33 17.06 10.69 6.34
CA TYR C 33 17.14 12.08 5.90
C TYR C 33 18.55 12.48 5.43
N LEU C 34 19.57 12.13 6.21
CA LEU C 34 20.95 12.51 5.90
C LEU C 34 21.44 11.93 4.57
N PHE C 35 21.17 10.63 4.39
CA PHE C 35 21.60 9.92 3.18
C PHE C 35 20.85 10.39 1.94
N THR C 36 19.55 10.58 2.09
CA THR C 36 18.69 11.04 1.01
C THR C 36 19.08 12.48 0.59
N GLY C 37 19.21 13.37 1.58
CA GLY C 37 19.68 14.73 1.34
C GLY C 37 21.00 14.77 0.61
N GLY C 38 21.86 13.81 0.93
CA GLY C 38 23.14 13.67 0.26
C GLY C 38 22.96 13.25 -1.19
N LEU C 39 22.03 12.34 -1.44
CA LEU C 39 21.77 11.86 -2.79
C LEU C 39 21.21 12.99 -3.67
N VAL C 40 20.15 13.65 -3.17
CA VAL C 40 19.51 14.78 -3.83
C VAL C 40 20.53 15.91 -4.01
N GLY C 41 21.34 16.11 -2.97
CA GLY C 41 22.46 17.05 -3.02
C GLY C 41 23.39 16.76 -4.17
N LEU C 42 23.71 15.48 -4.38
CA LEU C 42 24.58 15.10 -5.50
C LEU C 42 23.93 15.46 -6.84
N ILE C 43 22.62 15.25 -6.94
CA ILE C 43 21.90 15.51 -8.18
C ILE C 43 21.88 17.03 -8.46
N SER C 44 21.47 17.81 -7.46
CA SER C 44 21.49 19.26 -7.59
C SER C 44 22.87 19.83 -7.94
N VAL C 45 23.92 19.28 -7.35
CA VAL C 45 25.28 19.74 -7.63
C VAL C 45 25.71 19.35 -9.06
N ALA C 46 25.24 18.19 -9.51
CA ALA C 46 25.48 17.77 -10.88
C ALA C 46 24.88 18.77 -11.87
N PHE C 47 23.67 19.26 -11.57
CA PHE C 47 23.06 20.35 -12.36
C PHE C 47 24.01 21.55 -12.47
N THR C 48 24.58 21.98 -11.35
CA THR C 48 25.47 23.16 -11.36
C THR C 48 26.73 22.93 -12.15
N VAL C 49 27.24 21.70 -12.17
CA VAL C 49 28.37 21.38 -13.05
C VAL C 49 27.96 21.66 -14.49
N TYR C 50 26.79 21.18 -14.87
CA TYR C 50 26.30 21.38 -16.24
C TYR C 50 26.05 22.87 -16.51
N MET C 51 25.45 23.54 -15.52
CA MET C 51 25.30 25.01 -15.57
C MET C 51 26.63 25.71 -15.80
N ARG C 52 27.65 25.32 -15.05
CA ARG C 52 28.93 26.01 -15.15
C ARG C 52 29.76 25.62 -16.38
N MET C 53 29.41 24.52 -17.04
CA MET C 53 30.03 24.18 -18.32
C MET C 53 29.55 25.19 -19.37
N GLU C 54 28.24 25.43 -19.41
CA GLU C 54 27.64 26.42 -20.29
C GLU C 54 28.06 27.86 -19.97
N LEU C 55 28.27 28.20 -18.71
CA LEU C 55 28.70 29.58 -18.38
C LEU C 55 30.20 29.77 -18.46
N MET C 56 30.94 28.70 -18.71
CA MET C 56 32.40 28.77 -18.80
C MET C 56 32.87 29.71 -19.89
N ALA C 57 32.09 29.80 -20.96
CA ALA C 57 32.45 30.61 -22.10
C ALA C 57 31.21 31.23 -22.73
N PRO C 58 31.34 32.46 -23.24
CA PRO C 58 30.22 33.16 -23.90
C PRO C 58 29.88 32.45 -25.21
N GLY C 59 28.66 32.64 -25.68
CA GLY C 59 28.14 31.82 -26.75
C GLY C 59 27.64 30.55 -26.12
N VAL C 60 26.61 29.96 -26.71
CA VAL C 60 26.00 28.75 -26.20
C VAL C 60 26.56 27.55 -27.00
N GLN C 61 27.09 26.56 -26.28
CA GLN C 61 27.77 25.40 -26.87
C GLN C 61 27.21 24.06 -26.42
N PHE C 62 26.46 24.04 -25.33
CA PHE C 62 25.91 22.79 -24.81
C PHE C 62 24.40 22.70 -24.95
N MET C 63 23.70 23.74 -24.51
CA MET C 63 22.24 23.70 -24.44
C MET C 63 21.60 24.03 -25.80
N CYS C 64 21.74 23.08 -26.71
CA CYS C 64 21.39 23.24 -28.12
C CYS C 64 20.00 22.68 -28.37
N ALA C 65 19.18 23.44 -29.11
CA ALA C 65 17.87 22.97 -29.55
C ALA C 65 17.98 21.69 -30.40
N GLU C 66 19.15 21.50 -31.02
CA GLU C 66 19.41 20.33 -31.86
C GLU C 66 19.38 19.02 -31.08
N HIS C 67 19.65 19.09 -29.77
CA HIS C 67 19.61 17.90 -28.91
C HIS C 67 18.17 17.48 -28.57
N LEU C 68 17.18 18.30 -28.95
CA LEU C 68 15.77 17.98 -28.70
C LEU C 68 15.15 17.04 -29.76
N GLU C 69 15.74 17.04 -30.96
CA GLU C 69 15.27 16.21 -32.09
C GLU C 69 15.61 14.74 -31.87
N SER C 70 16.71 14.50 -31.16
CA SER C 70 17.13 13.15 -30.76
C SER C 70 16.26 12.64 -29.63
N GLY C 71 16.59 11.45 -29.13
CA GLY C 71 15.89 10.88 -27.98
C GLY C 71 16.30 11.57 -26.68
N LEU C 72 15.70 11.12 -25.58
CA LEU C 72 15.95 11.67 -24.25
C LEU C 72 17.27 11.16 -23.68
N VAL C 73 17.60 9.90 -23.93
CA VAL C 73 18.89 9.36 -23.50
C VAL C 73 20.01 9.86 -24.43
N LYS C 74 19.90 9.60 -25.73
CA LYS C 74 20.90 10.06 -26.70
C LYS C 74 21.12 11.60 -26.66
N GLY C 75 20.02 12.35 -26.61
CA GLY C 75 20.07 13.81 -26.52
C GLY C 75 20.77 14.28 -25.25
N PHE C 76 20.50 13.59 -24.13
CA PHE C 76 21.17 13.81 -22.86
C PHE C 76 22.69 13.85 -23.03
N PHE C 77 23.26 12.78 -23.61
CA PHE C 77 24.72 12.64 -23.76
C PHE C 77 25.29 13.53 -24.86
N GLN C 78 24.45 13.83 -25.86
CA GLN C 78 24.76 14.83 -26.87
C GLN C 78 25.02 16.19 -26.22
N SER C 79 24.26 16.49 -25.19
CA SER C 79 24.33 17.80 -24.54
C SER C 79 25.54 18.00 -23.63
N LEU C 80 26.29 16.92 -23.37
CA LEU C 80 27.45 17.02 -22.49
C LEU C 80 28.73 17.31 -23.26
N TRP C 81 28.61 17.32 -24.59
CA TRP C 81 29.72 17.63 -25.47
C TRP C 81 29.48 18.96 -26.18
N PRO C 82 30.50 19.82 -26.23
CA PRO C 82 30.39 21.13 -26.89
C PRO C 82 30.25 21.07 -28.40
N SER C 83 29.34 21.90 -28.92
CA SER C 83 29.22 22.16 -30.35
C SER C 83 29.72 23.56 -30.65
N ALA C 84 30.06 23.81 -31.91
CA ALA C 84 30.41 25.15 -32.33
C ALA C 84 29.14 25.99 -32.31
N VAL C 85 29.30 27.29 -32.07
CA VAL C 85 28.17 28.22 -32.03
C VAL C 85 27.31 28.08 -33.29
N GLU C 86 27.97 28.01 -34.44
CA GLU C 86 27.27 27.86 -35.73
C GLU C 86 26.41 26.60 -35.84
N ASN C 87 26.68 25.61 -34.99
CA ASN C 87 25.91 24.37 -34.98
C ASN C 87 25.00 24.20 -33.76
N CYS C 88 24.84 25.25 -32.98
CA CYS C 88 24.08 25.18 -31.73
C CYS C 88 23.01 26.26 -31.67
N THR C 89 21.75 25.87 -31.84
CA THR C 89 20.64 26.80 -31.66
C THR C 89 20.36 26.95 -30.15
N PRO C 90 20.55 28.15 -29.61
CA PRO C 90 20.45 28.35 -28.15
C PRO C 90 19.08 27.93 -27.64
N ASN C 91 19.06 27.10 -26.60
CA ASN C 91 17.81 26.76 -25.94
C ASN C 91 17.71 27.33 -24.53
N GLY C 92 17.21 28.56 -24.44
CA GLY C 92 17.01 29.22 -23.16
C GLY C 92 16.14 28.45 -22.18
N HIS C 93 15.16 27.70 -22.67
CA HIS C 93 14.29 26.96 -21.79
C HIS C 93 15.03 25.94 -20.92
N LEU C 94 16.05 25.31 -21.47
CA LEU C 94 16.79 24.26 -20.74
C LEU C 94 17.59 24.88 -19.59
N TRP C 95 18.18 26.04 -19.86
CA TRP C 95 18.86 26.82 -18.82
C TRP C 95 17.90 27.09 -17.67
N ASN C 96 16.75 27.68 -18.01
CA ASN C 96 15.73 28.02 -17.00
C ASN C 96 15.23 26.82 -16.19
N VAL C 97 15.10 25.66 -16.84
CA VAL C 97 14.73 24.42 -16.16
C VAL C 97 15.85 23.91 -15.24
N MET C 98 17.09 23.82 -15.74
CA MET C 98 18.22 23.42 -14.90
C MET C 98 18.38 24.31 -13.64
N ILE C 99 18.24 25.63 -13.82
CA ILE C 99 18.35 26.63 -12.77
C ILE C 99 17.28 26.51 -11.69
N THR C 100 16.06 26.33 -12.16
CA THR C 100 14.91 26.20 -11.29
C THR C 100 14.96 24.89 -10.53
N GLY C 101 15.32 23.82 -11.22
CA GLY C 101 15.53 22.53 -10.58
C GLY C 101 16.61 22.59 -9.50
N HIS C 102 17.72 23.24 -9.80
CA HIS C 102 18.84 23.34 -8.84
C HIS C 102 18.41 24.03 -7.55
N GLY C 103 17.75 25.19 -7.69
CA GLY C 103 17.24 25.96 -6.58
C GLY C 103 16.13 25.27 -5.79
N ILE C 104 15.15 24.70 -6.49
CA ILE C 104 14.06 23.99 -5.80
C ILE C 104 14.60 22.80 -4.99
N LEU C 105 15.50 22.03 -5.57
CA LEU C 105 16.11 20.88 -4.89
C LEU C 105 16.91 21.31 -3.65
N MET C 106 17.74 22.33 -3.79
CA MET C 106 18.55 22.82 -2.67
C MET C 106 17.66 23.31 -1.52
N MET C 107 16.72 24.20 -1.83
CA MET C 107 15.94 24.92 -0.81
C MET C 107 14.83 24.12 -0.13
N PHE C 108 14.35 23.06 -0.78
CA PHE C 108 13.28 22.22 -0.21
C PHE C 108 13.67 20.75 0.07
N PHE C 109 14.68 20.25 -0.64
CA PHE C 109 14.96 18.82 -0.65
C PHE C 109 16.41 18.41 -0.35
N VAL C 110 17.27 19.37 0.02
CA VAL C 110 18.65 18.98 0.35
C VAL C 110 19.01 19.45 1.76
N VAL C 111 19.07 20.75 1.90
CA VAL C 111 19.76 21.40 2.99
C VAL C 111 19.00 21.30 4.34
N ILE C 112 17.71 21.61 4.32
CA ILE C 112 16.87 21.49 5.52
C ILE C 112 16.58 20.03 5.93
N PRO C 113 16.27 19.14 4.99
CA PRO C 113 16.19 17.71 5.32
C PRO C 113 17.48 17.19 5.96
N ALA C 114 18.64 17.65 5.50
CA ALA C 114 19.91 17.23 6.08
C ALA C 114 20.10 17.77 7.52
N LEU C 115 19.95 19.07 7.70
CA LEU C 115 20.20 19.67 9.02
C LEU C 115 19.10 19.39 10.05
N PHE C 116 17.84 19.62 9.64
CA PHE C 116 16.67 19.52 10.51
C PHE C 116 16.15 18.09 10.59
N GLY C 117 15.82 17.51 9.45
CA GLY C 117 15.35 16.13 9.41
C GLY C 117 16.43 15.14 9.80
N GLY C 118 17.68 15.44 9.45
CA GLY C 118 18.81 14.55 9.65
C GLY C 118 19.42 14.66 11.03
N PHE C 119 20.33 15.61 11.23
CA PHE C 119 20.95 15.82 12.53
C PHE C 119 19.94 16.18 13.63
N GLY C 120 18.90 16.91 13.25
CA GLY C 120 17.88 17.35 14.21
C GLY C 120 17.04 16.21 14.75
N ASN C 121 16.65 15.28 13.90
CA ASN C 121 15.93 14.09 14.35
C ASN C 121 16.83 13.16 15.13
N TYR C 122 18.08 13.04 14.68
CA TYR C 122 19.05 12.15 15.33
C TYR C 122 19.47 12.64 16.70
N PHE C 123 19.84 13.91 16.79
CA PHE C 123 20.57 14.39 17.97
C PHE C 123 19.78 15.20 18.99
N MET C 124 18.70 15.83 18.56
CA MET C 124 17.89 16.61 19.50
C MET C 124 17.35 15.77 20.67
N PRO C 125 16.79 14.57 20.42
CA PRO C 125 16.32 13.73 21.54
C PRO C 125 17.48 13.22 22.39
N LEU C 126 18.62 12.91 21.77
CA LEU C 126 19.80 12.50 22.52
C LEU C 126 20.27 13.63 23.44
N HIS C 127 20.28 14.86 22.91
CA HIS C 127 20.76 16.04 23.66
C HIS C 127 19.89 16.42 24.84
N ILE C 128 18.60 16.12 24.77
CA ILE C 128 17.69 16.45 25.87
C ILE C 128 17.39 15.24 26.76
N GLY C 129 17.91 14.08 26.37
CA GLY C 129 17.74 12.85 27.12
C GLY C 129 16.36 12.26 26.94
N ALA C 130 15.83 12.33 25.72
CA ALA C 130 14.53 11.75 25.40
C ALA C 130 14.69 10.42 24.66
N PRO C 131 13.89 9.42 25.03
CA PRO C 131 13.97 8.10 24.39
C PRO C 131 13.64 8.24 22.91
N ASP C 132 12.61 9.04 22.60
CA ASP C 132 12.19 9.26 21.21
C ASP C 132 11.49 10.60 20.99
N MET C 133 11.03 10.83 19.75
CA MET C 133 10.12 11.91 19.45
C MET C 133 8.73 11.55 19.99
N ALA C 134 7.96 12.58 20.35
CA ALA C 134 6.61 12.41 20.91
C ALA C 134 5.67 11.56 20.04
N PHE C 135 5.81 11.67 18.71
CA PHE C 135 4.92 10.98 17.79
C PHE C 135 5.72 10.22 16.74
N PRO C 136 6.27 9.08 17.11
CA PRO C 136 7.13 8.30 16.20
C PRO C 136 6.54 8.02 14.82
N ARG C 137 5.27 7.60 14.76
CA ARG C 137 4.62 7.31 13.48
C ARG C 137 4.53 8.56 12.57
N MET C 138 4.23 9.71 13.17
CA MET C 138 4.21 10.99 12.47
C MET C 138 5.57 11.30 11.84
N ASN C 139 6.64 11.00 12.59
CA ASN C 139 8.01 11.19 12.14
C ASN C 139 8.40 10.30 10.96
N ASN C 140 7.88 9.07 10.92
CA ASN C 140 8.14 8.21 9.77
C ASN C 140 7.44 8.78 8.53
N LEU C 141 6.25 9.34 8.73
CA LEU C 141 5.44 9.91 7.68
C LEU C 141 6.11 11.16 7.07
N SER C 142 6.66 12.02 7.93
CA SER C 142 7.53 13.12 7.49
C SER C 142 8.49 12.66 6.40
N TYR C 143 9.21 11.57 6.66
CA TYR C 143 10.24 11.11 5.72
C TYR C 143 9.65 10.73 4.35
N TRP C 144 8.51 10.07 4.35
CA TRP C 144 7.88 9.65 3.10
C TRP C 144 7.29 10.83 2.35
N LEU C 145 6.78 11.81 3.09
CA LEU C 145 6.32 13.05 2.47
C LEU C 145 7.50 13.75 1.75
N TYR C 146 8.65 13.81 2.42
CA TYR C 146 9.89 14.31 1.82
C TYR C 146 10.26 13.56 0.54
N VAL C 147 10.24 12.23 0.59
CA VAL C 147 10.55 11.41 -0.60
C VAL C 147 9.53 11.65 -1.73
N ALA C 148 8.26 11.81 -1.36
CA ALA C 148 7.19 12.06 -2.32
C ALA C 148 7.37 13.42 -3.01
N GLY C 149 7.54 14.47 -2.20
CA GLY C 149 7.95 15.78 -2.67
C GLY C 149 9.11 15.73 -3.63
N THR C 150 10.20 15.05 -3.24
CA THR C 150 11.39 14.94 -4.09
C THR C 150 11.08 14.28 -5.43
N SER C 151 10.25 13.24 -5.38
CA SER C 151 9.85 12.51 -6.59
C SER C 151 9.03 13.37 -7.54
N LEU C 152 8.13 14.19 -7.01
CA LEU C 152 7.32 15.09 -7.83
C LEU C 152 8.17 16.19 -8.50
N ALA C 153 9.15 16.71 -7.77
CA ALA C 153 10.04 17.74 -8.28
C ALA C 153 10.88 17.19 -9.42
N VAL C 154 11.43 15.99 -9.22
CA VAL C 154 12.21 15.34 -10.25
C VAL C 154 11.30 15.00 -11.44
N ALA C 155 10.10 14.51 -11.15
CA ALA C 155 9.08 14.26 -12.17
C ALA C 155 8.83 15.52 -13.01
N SER C 156 8.75 16.68 -12.35
CA SER C 156 8.49 17.94 -13.04
C SER C 156 9.46 18.15 -14.19
N LEU C 157 10.72 17.76 -13.99
CA LEU C 157 11.76 17.94 -15.01
C LEU C 157 11.46 17.21 -16.32
N PHE C 158 10.66 16.16 -16.25
CA PHE C 158 10.39 15.31 -17.42
C PHE C 158 8.94 15.42 -17.88
N ALA C 159 8.16 16.28 -17.25
CA ALA C 159 6.77 16.52 -17.61
C ALA C 159 6.66 17.64 -18.65
N PRO C 160 5.64 17.60 -19.52
CA PRO C 160 5.37 18.71 -20.45
C PRO C 160 5.27 20.04 -19.71
N GLY C 161 6.01 21.05 -20.19
CA GLY C 161 6.11 22.33 -19.52
C GLY C 161 6.17 23.50 -20.48
N GLY C 162 7.05 24.46 -20.17
CA GLY C 162 7.13 25.70 -20.94
C GLY C 162 7.62 25.54 -22.35
N ASN C 163 7.06 26.37 -23.23
CA ASN C 163 7.53 26.54 -24.61
C ASN C 163 7.45 25.26 -25.47
N GLY C 164 6.48 24.43 -25.17
CA GLY C 164 6.34 23.14 -25.84
C GLY C 164 7.48 22.18 -25.53
N GLN C 165 8.18 22.41 -24.43
CA GLN C 165 9.28 21.55 -24.03
C GLN C 165 8.93 20.87 -22.71
N LEU C 166 9.86 20.09 -22.18
CA LEU C 166 9.66 19.51 -20.85
C LEU C 166 10.28 20.43 -19.76
N GLY C 167 9.65 20.47 -18.58
CA GLY C 167 10.19 21.16 -17.42
C GLY C 167 9.72 22.59 -17.22
N SER C 168 9.79 23.09 -15.98
CA SER C 168 9.41 24.49 -15.66
C SER C 168 10.62 25.41 -15.56
N GLY C 169 10.63 26.42 -16.43
CA GLY C 169 11.70 27.40 -16.44
C GLY C 169 11.26 28.69 -15.78
N ILE C 170 10.89 28.59 -14.52
CA ILE C 170 10.21 29.69 -13.86
C ILE C 170 10.94 30.29 -12.65
N GLY C 171 12.12 29.76 -12.33
CA GLY C 171 12.88 30.20 -11.15
C GLY C 171 12.32 29.61 -9.86
N TRP C 172 13.14 29.45 -8.83
CA TRP C 172 12.74 28.66 -7.66
C TRP C 172 11.57 29.24 -6.88
N VAL C 173 11.32 30.54 -7.06
CA VAL C 173 10.26 31.24 -6.34
C VAL C 173 8.96 31.43 -7.13
N LEU C 174 8.93 30.96 -8.37
CA LEU C 174 7.68 30.79 -9.15
C LEU C 174 6.81 32.03 -9.34
N TYR C 175 7.43 33.19 -9.58
CA TYR C 175 6.70 34.43 -9.79
C TYR C 175 5.66 34.34 -10.91
N PRO C 176 4.43 34.77 -10.63
CA PRO C 176 3.42 35.01 -11.68
C PRO C 176 3.57 36.41 -12.29
N PRO C 177 2.95 36.71 -13.43
CA PRO C 177 2.22 35.75 -14.27
C PRO C 177 3.05 34.72 -15.03
N LEU C 178 4.37 34.77 -14.98
CA LEU C 178 5.17 33.77 -15.69
C LEU C 178 4.77 32.35 -15.28
N SER C 179 4.76 32.11 -13.97
CA SER C 179 4.49 30.77 -13.44
C SER C 179 3.05 30.33 -13.71
N THR C 180 2.12 31.28 -13.73
CA THR C 180 0.72 30.94 -14.01
C THR C 180 0.39 30.76 -15.50
N SER C 181 1.27 31.23 -16.39
CA SER C 181 0.99 31.11 -17.82
C SER C 181 1.83 30.03 -18.50
N GLU C 182 2.87 29.56 -17.80
CA GLU C 182 3.74 28.49 -18.33
C GLU C 182 2.88 27.32 -18.78
N SER C 183 3.09 26.86 -20.00
CA SER C 183 2.25 25.81 -20.56
C SER C 183 2.55 24.43 -19.93
N GLY C 184 1.67 23.46 -20.19
CA GLY C 184 1.84 22.10 -19.69
C GLY C 184 1.50 22.00 -18.22
N TYR C 185 1.91 20.90 -17.59
CA TYR C 185 1.59 20.69 -16.18
C TYR C 185 2.81 20.47 -15.28
N SER C 186 4.00 20.52 -15.86
CA SER C 186 5.25 20.45 -15.10
C SER C 186 5.23 21.37 -13.85
N THR C 187 4.66 22.57 -14.02
CA THR C 187 4.58 23.57 -12.94
C THR C 187 3.63 23.15 -11.84
N ASP C 188 2.55 22.48 -12.21
CA ASP C 188 1.61 21.93 -11.24
C ASP C 188 2.23 20.83 -10.39
N LEU C 189 3.09 20.02 -11.01
CA LEU C 189 3.82 18.97 -10.33
C LEU C 189 4.84 19.57 -9.38
N ALA C 190 5.46 20.68 -9.80
CA ALA C 190 6.38 21.45 -8.97
C ALA C 190 5.69 22.03 -7.73
N ILE C 191 4.48 22.55 -7.90
CA ILE C 191 3.70 23.12 -6.80
C ILE C 191 3.31 22.06 -5.78
N PHE C 192 3.03 20.85 -6.27
CA PHE C 192 2.61 19.76 -5.39
C PHE C 192 3.82 19.26 -4.61
N ALA C 193 4.96 19.16 -5.29
CA ALA C 193 6.24 18.85 -4.66
C ALA C 193 6.54 19.74 -3.44
N VAL C 194 6.36 21.04 -3.61
CA VAL C 194 6.62 22.01 -2.54
C VAL C 194 5.55 21.88 -1.45
N HIS C 195 4.32 21.54 -1.85
CA HIS C 195 3.25 21.24 -0.90
C HIS C 195 3.59 20.08 0.02
N LEU C 196 4.21 19.05 -0.54
CA LEU C 196 4.58 17.87 0.22
C LEU C 196 5.79 18.16 1.12
N SER C 197 6.77 18.92 0.58
CA SER C 197 7.90 19.37 1.37
C SER C 197 7.43 20.13 2.60
N GLY C 198 6.52 21.08 2.39
CA GLY C 198 5.90 21.83 3.47
C GLY C 198 5.23 20.93 4.51
N ALA C 199 4.68 19.81 4.04
CA ALA C 199 3.97 18.88 4.94
C ALA C 199 4.99 18.13 5.80
N SER C 200 6.04 17.68 5.15
CA SER C 200 7.16 17.04 5.84
C SER C 200 7.71 17.95 6.94
N SER C 201 7.99 19.20 6.57
CA SER C 201 8.58 20.18 7.47
C SER C 201 7.70 20.45 8.68
N ILE C 202 6.41 20.66 8.42
CA ILE C 202 5.40 20.94 9.47
C ILE C 202 5.30 19.77 10.46
N LEU C 203 5.08 18.57 9.93
CA LEU C 203 5.00 17.38 10.77
C LEU C 203 6.29 17.26 11.58
N GLY C 204 7.42 17.43 10.91
CA GLY C 204 8.72 17.44 11.56
C GLY C 204 8.75 18.43 12.70
N ALA C 205 8.28 19.64 12.43
CA ALA C 205 8.23 20.72 13.42
C ALA C 205 7.30 20.41 14.60
N ILE C 206 6.12 19.84 14.32
CA ILE C 206 5.19 19.45 15.38
C ILE C 206 5.90 18.50 16.35
N ASN C 207 6.61 17.51 15.81
CA ASN C 207 7.41 16.60 16.63
C ASN C 207 8.46 17.31 17.50
N MET C 208 9.35 18.10 16.87
CA MET C 208 10.45 18.73 17.61
C MET C 208 9.96 19.57 18.78
N ILE C 209 8.91 20.37 18.56
CA ILE C 209 8.35 21.26 19.58
C ILE C 209 7.81 20.48 20.79
N THR C 210 7.05 19.43 20.51
CA THR C 210 6.37 18.67 21.55
C THR C 210 7.35 17.82 22.33
N THR C 211 8.34 17.26 21.62
CA THR C 211 9.39 16.46 22.23
C THR C 211 10.28 17.32 23.13
N PHE C 212 10.54 18.55 22.70
CA PHE C 212 11.39 19.48 23.42
C PHE C 212 10.70 20.02 24.68
N LEU C 213 9.39 20.26 24.58
CA LEU C 213 8.66 20.89 25.67
C LEU C 213 8.19 19.91 26.75
N ASN C 214 8.08 18.62 26.40
CA ASN C 214 7.39 17.66 27.24
C ASN C 214 8.18 16.39 27.62
N MET C 215 9.35 16.20 27.02
CA MET C 215 10.02 14.90 27.13
C MET C 215 11.50 14.99 27.47
N ARG C 216 11.92 16.12 28.02
CA ARG C 216 13.28 16.26 28.53
C ARG C 216 13.45 15.47 29.83
N ALA C 217 14.50 14.64 29.90
CA ALA C 217 14.81 13.85 31.10
C ALA C 217 14.81 14.71 32.37
N PRO C 218 14.20 14.21 33.45
CA PRO C 218 14.15 14.93 34.75
C PRO C 218 15.46 15.65 35.08
N GLY C 219 15.35 16.91 35.52
CA GLY C 219 16.52 17.74 35.78
C GLY C 219 17.08 18.51 34.59
N MET C 220 16.89 17.99 33.38
CA MET C 220 17.32 18.70 32.16
C MET C 220 16.45 19.95 31.96
N THR C 221 16.85 21.03 32.61
CA THR C 221 16.03 22.23 32.64
C THR C 221 16.21 23.09 31.38
N MET C 222 15.34 24.10 31.25
CA MET C 222 15.29 24.97 30.07
C MET C 222 16.64 25.61 29.76
N HIS C 223 17.37 25.98 30.81
CA HIS C 223 18.70 26.60 30.64
C HIS C 223 19.85 25.60 30.82
N LYS C 224 19.57 24.33 30.53
CA LYS C 224 20.59 23.28 30.57
C LYS C 224 20.63 22.53 29.25
N VAL C 225 19.64 22.81 28.40
CA VAL C 225 19.54 22.19 27.08
C VAL C 225 20.71 22.68 26.20
N PRO C 226 21.40 21.75 25.55
CA PRO C 226 22.46 22.11 24.60
C PRO C 226 22.00 23.06 23.49
N LEU C 227 22.92 23.87 22.96
CA LEU C 227 22.59 24.87 21.94
C LEU C 227 22.04 24.25 20.63
N PHE C 228 22.52 23.07 20.24
CA PHE C 228 21.97 22.44 19.04
C PHE C 228 20.48 22.14 19.16
N ALA C 229 20.08 21.58 20.30
CA ALA C 229 18.68 21.29 20.57
C ALA C 229 17.82 22.54 20.58
N TRP C 230 18.35 23.61 21.19
CA TRP C 230 17.73 24.93 21.14
C TRP C 230 17.52 25.43 19.69
N SER C 231 18.54 25.22 18.85
CA SER C 231 18.53 25.71 17.46
C SER C 231 17.44 25.04 16.62
N ILE C 232 17.24 23.74 16.85
CA ILE C 232 16.16 22.94 16.26
C ILE C 232 14.79 23.41 16.74
N PHE C 233 14.72 23.75 18.03
CA PHE C 233 13.47 24.17 18.65
C PHE C 233 13.01 25.50 18.06
N VAL C 234 13.90 26.48 17.99
CA VAL C 234 13.56 27.76 17.36
C VAL C 234 13.17 27.57 15.87
N THR C 235 13.99 26.81 15.15
CA THR C 235 13.75 26.49 13.75
C THR C 235 12.34 25.95 13.52
N ALA C 236 11.89 25.05 14.41
CA ALA C 236 10.59 24.41 14.26
C ALA C 236 9.42 25.40 14.40
N TRP C 237 9.59 26.39 15.26
CA TRP C 237 8.62 27.48 15.39
C TRP C 237 8.52 28.32 14.11
N LEU C 238 9.67 28.59 13.48
CA LEU C 238 9.70 29.37 12.24
C LEU C 238 8.95 28.65 11.13
N ILE C 239 9.16 27.34 11.06
CA ILE C 239 8.47 26.49 10.11
C ILE C 239 6.95 26.58 10.26
N LEU C 240 6.49 26.61 11.52
CA LEU C 240 5.07 26.64 11.83
C LEU C 240 4.35 27.87 11.27
N LEU C 241 4.99 29.03 11.35
CA LEU C 241 4.40 30.24 10.78
C LEU C 241 4.69 30.41 9.28
N ALA C 242 5.88 30.00 8.84
CA ALA C 242 6.30 30.30 7.48
C ALA C 242 5.64 29.40 6.45
N LEU C 243 5.66 28.09 6.71
CA LEU C 243 5.27 27.10 5.72
C LEU C 243 3.77 27.00 5.34
N PRO C 244 2.87 27.35 6.27
CA PRO C 244 1.44 27.53 5.92
C PRO C 244 1.22 28.74 5.01
N VAL C 245 1.94 29.83 5.26
CA VAL C 245 1.85 31.02 4.42
C VAL C 245 2.28 30.69 2.98
N LEU C 246 3.37 29.92 2.83
CA LEU C 246 3.79 29.43 1.52
C LEU C 246 2.73 28.53 0.87
N ALA C 247 2.15 27.61 1.66
CA ALA C 247 1.04 26.77 1.20
C ALA C 247 -0.07 27.63 0.59
N GLY C 248 -0.38 28.75 1.25
CA GLY C 248 -1.30 29.73 0.72
C GLY C 248 -0.90 30.25 -0.65
N ALA C 249 0.32 30.78 -0.76
CA ALA C 249 0.85 31.35 -2.00
C ALA C 249 0.73 30.42 -3.20
N ILE C 250 1.19 29.18 -3.05
CA ILE C 250 1.28 28.27 -4.19
C ILE C 250 -0.06 27.64 -4.59
N THR C 251 -1.01 27.67 -3.66
CA THR C 251 -2.35 27.19 -3.96
C THR C 251 -3.03 28.28 -4.80
N MET C 252 -2.77 29.54 -4.44
CA MET C 252 -3.23 30.68 -5.23
C MET C 252 -2.72 30.62 -6.70
N LEU C 253 -1.49 30.14 -6.88
CA LEU C 253 -0.95 29.86 -8.22
C LEU C 253 -1.68 28.73 -8.91
N LEU C 254 -1.96 27.66 -8.16
CA LEU C 254 -2.61 26.47 -8.70
C LEU C 254 -4.02 26.78 -9.17
N THR C 255 -4.72 27.67 -8.45
CA THR C 255 -6.07 28.03 -8.82
C THR C 255 -6.12 28.99 -10.02
N ASP C 256 -5.25 30.00 -10.01
CA ASP C 256 -5.07 30.91 -11.16
C ASP C 256 -4.76 30.15 -12.44
N ARG C 257 -4.09 29.00 -12.30
CA ARG C 257 -3.71 28.16 -13.43
C ARG C 257 -4.85 27.26 -13.90
N ASN C 258 -5.55 26.66 -12.94
CA ASN C 258 -6.41 25.49 -13.20
C ASN C 258 -7.88 25.69 -12.90
N PHE C 259 -8.21 26.60 -11.98
CA PHE C 259 -9.57 26.71 -11.46
C PHE C 259 -10.14 28.14 -11.60
N GLY C 260 -9.64 28.86 -12.60
CA GLY C 260 -10.23 30.11 -13.03
C GLY C 260 -10.13 31.31 -12.11
N THR C 261 -9.41 31.21 -11.00
CA THR C 261 -9.19 32.40 -10.16
C THR C 261 -8.25 33.37 -10.86
N THR C 262 -8.15 34.54 -10.26
CA THR C 262 -7.50 35.67 -10.91
C THR C 262 -6.73 36.50 -9.88
N PHE C 263 -6.22 35.82 -8.84
CA PHE C 263 -5.47 36.45 -7.75
C PHE C 263 -4.30 37.32 -8.22
N PHE C 264 -3.59 36.87 -9.25
CA PHE C 264 -2.40 37.57 -9.71
C PHE C 264 -2.46 38.04 -11.17
N GLN C 265 -3.67 38.02 -11.74
CA GLN C 265 -3.88 38.39 -13.14
C GLN C 265 -4.59 39.74 -13.24
N PRO C 266 -3.90 40.75 -13.78
CA PRO C 266 -4.42 42.12 -13.85
C PRO C 266 -5.79 42.27 -14.53
N SER C 267 -6.07 41.43 -15.55
CA SER C 267 -7.32 41.46 -16.30
C SER C 267 -8.52 41.07 -15.46
N GLY C 268 -8.30 40.21 -14.47
CA GLY C 268 -9.33 39.85 -13.53
C GLY C 268 -9.27 40.62 -12.22
N GLY C 269 -8.60 41.77 -12.21
CA GLY C 269 -8.50 42.59 -11.01
C GLY C 269 -7.34 42.28 -10.06
N GLY C 270 -6.51 41.30 -10.44
CA GLY C 270 -5.42 40.83 -9.60
C GLY C 270 -4.15 41.66 -9.62
N ASP C 271 -3.17 41.23 -8.82
CA ASP C 271 -1.88 41.93 -8.71
C ASP C 271 -0.73 40.96 -8.48
N PRO C 272 0.16 40.83 -9.47
CA PRO C 272 1.27 39.86 -9.38
C PRO C 272 2.18 40.13 -8.19
N VAL C 273 2.24 41.40 -7.77
CA VAL C 273 3.10 41.82 -6.68
C VAL C 273 2.56 41.33 -5.31
N LEU C 274 1.27 41.03 -5.24
CA LEU C 274 0.69 40.45 -4.03
C LEU C 274 1.29 39.07 -3.75
N TYR C 275 1.48 38.28 -4.80
CA TYR C 275 2.15 36.99 -4.65
C TYR C 275 3.52 37.16 -4.00
N GLN C 276 4.23 38.20 -4.42
CA GLN C 276 5.59 38.40 -3.94
C GLN C 276 5.63 38.63 -2.42
N HIS C 277 4.66 39.40 -1.92
CA HIS C 277 4.53 39.63 -0.48
C HIS C 277 4.31 38.31 0.27
N ILE C 278 3.40 37.46 -0.21
CA ILE C 278 3.08 36.18 0.44
C ILE C 278 4.28 35.23 0.34
N LEU C 279 4.80 35.07 -0.88
CA LEU C 279 5.97 34.21 -1.07
C LEU C 279 7.14 34.60 -0.16
N TRP C 280 7.51 35.88 -0.14
CA TRP C 280 8.68 36.30 0.62
C TRP C 280 8.45 36.33 2.14
N PHE C 281 7.19 36.36 2.55
CA PHE C 281 6.82 36.17 3.94
C PHE C 281 7.27 34.79 4.41
N PHE C 282 7.19 33.80 3.53
CA PHE C 282 7.81 32.50 3.76
C PHE C 282 9.30 32.57 3.42
N GLY C 283 9.60 33.29 2.35
CA GLY C 283 10.89 33.21 1.68
C GLY C 283 12.07 33.69 2.49
N HIS C 284 11.88 34.73 3.29
CA HIS C 284 12.97 35.05 4.19
C HIS C 284 13.17 34.05 5.37
N PRO C 285 12.14 33.81 6.19
CA PRO C 285 12.23 32.79 7.22
C PRO C 285 12.85 31.49 6.72
N GLU C 286 12.59 31.11 5.46
CA GLU C 286 13.20 29.90 4.91
C GLU C 286 14.70 29.85 5.16
N VAL C 287 15.39 30.98 4.98
CA VAL C 287 16.85 30.97 5.07
C VAL C 287 17.36 30.92 6.51
N TYR C 288 16.55 31.44 7.45
CA TYR C 288 16.90 31.35 8.87
C TYR C 288 16.55 29.95 9.39
N ILE C 289 15.55 29.32 8.77
CA ILE C 289 15.27 27.90 8.93
C ILE C 289 16.45 27.03 8.47
N ILE C 290 17.07 27.39 7.34
CA ILE C 290 18.31 26.74 6.88
C ILE C 290 19.49 26.90 7.86
N VAL C 291 19.75 28.13 8.30
CA VAL C 291 21.02 28.43 8.95
C VAL C 291 21.10 28.13 10.47
N LEU C 292 19.97 28.24 11.16
CA LEU C 292 19.91 28.06 12.61
C LEU C 292 20.47 26.70 13.08
N PRO C 293 19.99 25.58 12.54
CA PRO C 293 20.60 24.28 12.87
C PRO C 293 22.10 24.27 12.62
N ALA C 294 22.58 24.97 11.59
CA ALA C 294 24.03 25.06 11.37
C ALA C 294 24.74 25.83 12.49
N PHE C 295 24.12 26.90 12.98
CA PHE C 295 24.64 27.69 14.10
C PHE C 295 24.83 26.76 15.32
N GLY C 296 23.77 26.02 15.65
CA GLY C 296 23.78 25.03 16.71
C GLY C 296 24.92 24.02 16.64
N ILE C 297 25.16 23.46 15.46
CA ILE C 297 26.27 22.54 15.26
C ILE C 297 27.63 23.21 15.48
N VAL C 298 27.77 24.45 15.00
CA VAL C 298 29.01 25.20 15.14
C VAL C 298 29.37 25.37 16.63
N SER C 299 28.38 25.73 17.45
CA SER C 299 28.57 25.85 18.90
C SER C 299 29.09 24.56 19.52
N HIS C 300 28.45 23.43 19.20
CA HIS C 300 28.91 22.14 19.69
C HIS C 300 30.33 21.81 19.25
N VAL C 301 30.64 22.04 17.99
CA VAL C 301 31.95 21.68 17.44
C VAL C 301 33.05 22.53 18.07
N ILE C 302 32.84 23.85 18.12
CA ILE C 302 33.84 24.78 18.60
C ILE C 302 34.13 24.56 20.09
N ALA C 303 33.07 24.41 20.88
CA ALA C 303 33.20 24.08 22.30
C ALA C 303 34.11 22.84 22.49
N THR C 304 33.87 21.80 21.69
CA THR C 304 34.61 20.55 21.80
C THR C 304 36.09 20.71 21.47
N PHE C 305 36.39 21.32 20.33
CA PHE C 305 37.77 21.35 19.83
C PHE C 305 38.61 22.53 20.34
N ALA C 306 37.97 23.51 20.95
CA ALA C 306 38.67 24.53 21.75
C ALA C 306 38.85 24.06 23.21
N LYS C 307 38.28 22.89 23.53
CA LYS C 307 38.27 22.29 24.88
C LYS C 307 37.80 23.30 25.92
N LYS C 308 36.69 23.96 25.64
CA LYS C 308 36.25 25.10 26.43
C LYS C 308 34.73 25.20 26.31
N PRO C 309 34.03 25.60 27.38
CA PRO C 309 32.59 25.77 27.32
C PRO C 309 32.22 26.93 26.41
N ILE C 310 31.05 26.85 25.77
CA ILE C 310 30.61 27.89 24.85
C ILE C 310 30.47 29.22 25.60
N PHE C 311 31.16 30.23 25.10
CA PHE C 311 31.07 31.56 25.68
C PHE C 311 29.65 32.13 25.54
N GLY C 312 29.09 32.60 26.66
CA GLY C 312 27.81 33.29 26.67
C GLY C 312 26.64 32.44 26.22
N TYR C 313 26.42 31.32 26.90
CA TYR C 313 25.35 30.40 26.54
C TYR C 313 23.96 31.05 26.41
N LEU C 314 23.64 32.00 27.28
CA LEU C 314 22.31 32.61 27.31
C LEU C 314 22.04 33.59 26.15
N PRO C 315 22.91 34.57 25.92
CA PRO C 315 22.83 35.39 24.71
C PRO C 315 22.89 34.54 23.43
N MET C 316 23.68 33.48 23.40
CA MET C 316 23.66 32.55 22.27
C MET C 316 22.25 32.07 21.96
N VAL C 317 21.48 31.72 23.00
CA VAL C 317 20.10 31.26 22.87
C VAL C 317 19.18 32.40 22.42
N TYR C 318 19.32 33.56 23.08
CA TYR C 318 18.47 34.73 22.84
C TYR C 318 18.71 35.33 21.44
N ALA C 319 19.95 35.25 20.96
CA ALA C 319 20.30 35.68 19.61
C ALA C 319 19.59 34.86 18.54
N MET C 320 19.47 33.55 18.76
CA MET C 320 18.73 32.70 17.82
C MET C 320 17.24 33.06 17.81
N VAL C 321 16.71 33.39 18.98
CA VAL C 321 15.31 33.80 19.10
C VAL C 321 15.10 35.14 18.39
N ALA C 322 16.01 36.08 18.62
CA ALA C 322 16.01 37.38 17.96
C ALA C 322 16.13 37.22 16.43
N ILE C 323 17.06 36.38 15.98
CA ILE C 323 17.21 36.11 14.53
C ILE C 323 15.90 35.56 13.97
N GLY C 324 15.34 34.57 14.66
CA GLY C 324 14.06 33.98 14.27
C GLY C 324 12.92 34.98 14.13
N VAL C 325 12.75 35.84 15.14
CA VAL C 325 11.64 36.79 15.17
C VAL C 325 11.82 37.90 14.11
N LEU C 326 13.02 38.48 14.07
CA LEU C 326 13.34 39.50 13.09
C LEU C 326 13.21 39.01 11.64
N GLY C 327 13.48 37.73 11.40
CA GLY C 327 13.35 37.14 10.08
C GLY C 327 11.94 37.17 9.50
N PHE C 328 10.96 37.62 10.29
CA PHE C 328 9.57 37.65 9.86
C PHE C 328 9.09 39.05 9.51
N VAL C 329 9.94 40.05 9.73
CA VAL C 329 9.54 41.44 9.50
C VAL C 329 10.41 42.17 8.47
N VAL C 330 11.03 41.40 7.58
CA VAL C 330 12.05 41.94 6.67
C VAL C 330 11.86 41.54 5.20
N TRP C 331 10.79 40.80 4.91
CA TRP C 331 10.64 40.09 3.63
C TRP C 331 10.78 40.97 2.38
N ALA C 332 10.37 42.23 2.48
CA ALA C 332 10.32 43.09 1.30
C ALA C 332 11.71 43.60 0.84
N HIS C 333 12.78 43.17 1.52
CA HIS C 333 14.11 43.46 0.99
C HIS C 333 14.39 42.64 -0.30
N HIS C 334 13.48 41.71 -0.58
CA HIS C 334 13.45 40.98 -1.85
C HIS C 334 12.58 41.68 -2.89
N MET C 335 12.06 42.86 -2.57
CA MET C 335 11.13 43.53 -3.47
C MET C 335 11.43 45.01 -3.67
N TYR C 336 12.67 45.41 -3.42
CA TYR C 336 13.05 46.82 -3.53
C TYR C 336 12.76 47.44 -4.92
N THR C 337 12.88 46.65 -5.99
CA THR C 337 12.58 47.14 -7.34
C THR C 337 11.21 46.72 -7.86
N ALA C 338 10.39 46.11 -7.03
CA ALA C 338 9.10 45.60 -7.50
C ALA C 338 7.96 46.61 -7.43
N GLY C 339 8.27 47.86 -7.08
CA GLY C 339 7.25 48.90 -7.01
C GLY C 339 6.84 49.22 -5.59
N LEU C 340 7.79 49.16 -4.66
CA LEU C 340 7.53 49.48 -3.26
C LEU C 340 7.69 50.98 -3.06
N SER C 341 6.88 51.54 -2.15
CA SER C 341 6.99 52.95 -1.85
C SER C 341 8.29 53.26 -1.12
N LEU C 342 8.67 54.53 -1.13
CA LEU C 342 9.86 54.97 -0.45
C LEU C 342 9.83 54.67 1.06
N THR C 343 8.66 54.86 1.69
CA THR C 343 8.47 54.56 3.11
C THR C 343 8.74 53.08 3.40
N GLN C 344 8.04 52.22 2.65
CA GLN C 344 8.19 50.78 2.78
C GLN C 344 9.65 50.38 2.59
N GLN C 345 10.27 50.84 1.51
CA GLN C 345 11.67 50.54 1.22
C GLN C 345 12.55 50.92 2.41
N SER C 346 12.31 52.11 2.96
CA SER C 346 13.04 52.64 4.12
C SER C 346 12.93 51.75 5.35
N TYR C 347 11.70 51.39 5.72
CA TYR C 347 11.47 50.56 6.90
C TYR C 347 12.19 49.22 6.75
N PHE C 348 11.91 48.52 5.66
CA PHE C 348 12.44 47.18 5.45
C PHE C 348 13.96 47.16 5.41
N MET C 349 14.55 48.22 4.86
CA MET C 349 15.98 48.41 4.92
C MET C 349 16.48 48.42 6.37
N MET C 350 15.83 49.23 7.21
CA MET C 350 16.28 49.44 8.58
C MET C 350 16.06 48.22 9.45
N ALA C 351 14.90 47.59 9.33
CA ALA C 351 14.63 46.36 10.04
C ALA C 351 15.62 45.26 9.67
N THR C 352 16.01 45.22 8.39
CA THR C 352 16.94 44.20 7.90
C THR C 352 18.31 44.36 8.56
N MET C 353 18.75 45.60 8.68
CA MET C 353 20.03 45.94 9.28
C MET C 353 20.21 45.45 10.73
N VAL C 354 19.13 45.54 11.51
CA VAL C 354 19.09 45.09 12.90
C VAL C 354 19.57 43.64 13.06
N ILE C 355 19.32 42.81 12.05
CA ILE C 355 19.69 41.39 12.12
C ILE C 355 21.20 41.18 12.25
N ALA C 356 21.98 42.14 11.79
CA ALA C 356 23.44 42.08 11.99
C ALA C 356 23.85 42.03 13.49
N VAL C 357 23.02 42.60 14.37
CA VAL C 357 23.38 42.71 15.79
C VAL C 357 23.40 41.35 16.53
N PRO C 358 22.28 40.65 16.62
CA PRO C 358 22.28 39.30 17.19
C PRO C 358 23.21 38.33 16.46
N THR C 359 23.30 38.43 15.13
CA THR C 359 24.23 37.57 14.40
C THR C 359 25.68 37.85 14.82
N GLY C 360 26.02 39.13 14.94
CA GLY C 360 27.32 39.55 15.47
C GLY C 360 27.64 38.99 16.85
N ILE C 361 26.66 38.97 17.76
CA ILE C 361 26.84 38.40 19.10
C ILE C 361 27.36 36.96 18.98
N LYS C 362 26.69 36.17 18.15
CA LYS C 362 27.05 34.76 17.92
C LYS C 362 28.46 34.62 17.35
N ILE C 363 28.81 35.42 16.36
CA ILE C 363 30.11 35.31 15.70
C ILE C 363 31.24 35.62 16.70
N PHE C 364 31.07 36.72 17.44
CA PHE C 364 32.04 37.14 18.45
C PHE C 364 32.14 36.13 19.60
N SER C 365 31.00 35.58 20.03
CA SER C 365 30.98 34.58 21.08
C SER C 365 31.67 33.27 20.67
N TRP C 366 31.61 32.93 19.38
CA TRP C 366 32.29 31.74 18.90
C TRP C 366 33.79 31.98 18.94
N ILE C 367 34.21 33.20 18.63
CA ILE C 367 35.63 33.57 18.66
C ILE C 367 36.15 33.59 20.11
N ALA C 368 35.33 34.15 21.00
CA ALA C 368 35.60 34.24 22.44
C ALA C 368 35.66 32.87 23.12
N THR C 369 34.98 31.88 22.54
CA THR C 369 35.03 30.50 23.00
C THR C 369 36.41 29.89 22.69
N MET C 370 36.99 30.32 21.57
CA MET C 370 38.31 29.84 21.15
C MET C 370 39.42 30.52 21.95
N TRP C 371 39.20 31.81 22.26
CA TRP C 371 40.14 32.60 23.04
C TRP C 371 40.40 31.92 24.39
N GLY C 372 41.68 31.71 24.71
CA GLY C 372 42.07 31.07 25.95
C GLY C 372 41.94 29.55 25.97
N GLY C 373 41.55 28.96 24.83
CA GLY C 373 41.35 27.53 24.73
C GLY C 373 42.60 26.73 24.38
N SER C 374 42.40 25.44 24.11
CA SER C 374 43.47 24.53 23.76
C SER C 374 43.03 23.85 22.46
N ILE C 375 43.33 24.52 21.35
CA ILE C 375 42.68 24.27 20.07
C ILE C 375 43.26 23.13 19.25
N GLU C 376 42.39 22.17 18.94
CA GLU C 376 42.74 21.00 18.18
C GLU C 376 42.16 21.13 16.76
N LEU C 377 43.04 21.09 15.75
CA LEU C 377 42.62 21.30 14.37
C LEU C 377 42.19 20.03 13.62
N LYS C 378 41.23 19.33 14.20
CA LYS C 378 40.64 18.17 13.53
C LYS C 378 39.67 18.65 12.45
N THR C 379 39.37 17.76 11.51
CA THR C 379 38.45 18.05 10.41
C THR C 379 37.19 18.84 10.82
N PRO C 380 36.42 18.39 11.82
CA PRO C 380 35.19 19.12 12.19
C PRO C 380 35.48 20.57 12.57
N MET C 381 36.60 20.78 13.26
CA MET C 381 37.03 22.12 13.66
C MET C 381 37.37 22.99 12.44
N LEU C 382 37.99 22.38 11.43
CA LEU C 382 38.33 23.10 10.22
C LEU C 382 37.05 23.63 9.54
N TRP C 383 36.03 22.77 9.45
CA TRP C 383 34.75 23.15 8.88
C TRP C 383 34.10 24.33 9.62
N ALA C 384 34.15 24.29 10.95
CA ALA C 384 33.51 25.29 11.78
C ALA C 384 34.23 26.66 11.72
N LEU C 385 35.55 26.64 11.64
CA LEU C 385 36.32 27.87 11.49
C LEU C 385 36.15 28.45 10.09
N GLY C 386 36.06 27.57 9.09
CA GLY C 386 35.72 27.97 7.73
C GLY C 386 34.36 28.65 7.74
N PHE C 387 33.41 28.06 8.47
CA PHE C 387 32.09 28.67 8.61
C PHE C 387 32.16 30.12 9.13
N LEU C 388 32.94 30.36 10.17
CA LEU C 388 33.01 31.69 10.79
C LEU C 388 33.44 32.79 9.82
N PHE C 389 34.47 32.47 9.04
CA PHE C 389 35.06 33.40 8.07
C PHE C 389 34.07 33.62 6.91
N LEU C 390 33.59 32.52 6.35
CA LEU C 390 32.82 32.53 5.12
C LEU C 390 31.39 33.03 5.27
N PHE C 391 30.75 32.67 6.38
CA PHE C 391 29.44 33.20 6.72
C PHE C 391 29.50 34.71 6.97
N THR C 392 30.60 35.19 7.55
CA THR C 392 30.82 36.63 7.71
C THR C 392 30.91 37.34 6.35
N VAL C 393 31.70 36.80 5.43
CA VAL C 393 31.77 37.33 4.05
C VAL C 393 30.36 37.42 3.45
N GLY C 394 29.61 36.33 3.51
CA GLY C 394 28.24 36.32 3.01
C GLY C 394 27.28 37.23 3.76
N GLY C 395 27.39 37.26 5.09
CA GLY C 395 26.47 38.04 5.90
C GLY C 395 26.62 39.53 5.60
N VAL C 396 27.86 39.90 5.39
CA VAL C 396 28.27 41.30 5.21
C VAL C 396 27.80 41.83 3.83
N THR C 397 27.78 40.94 2.86
CA THR C 397 27.26 41.19 1.53
C THR C 397 25.74 41.28 1.59
N GLY C 398 25.16 40.48 2.49
CA GLY C 398 23.77 40.59 2.87
C GLY C 398 23.41 42.00 3.30
N ILE C 399 24.24 42.61 4.15
CA ILE C 399 24.00 43.97 4.64
C ILE C 399 24.12 45.03 3.54
N VAL C 400 25.07 44.84 2.60
CA VAL C 400 25.13 45.71 1.41
C VAL C 400 23.80 45.69 0.68
N LEU C 401 23.26 44.49 0.45
CA LEU C 401 22.00 44.31 -0.28
C LEU C 401 20.80 44.91 0.44
N SER C 402 20.87 45.00 1.79
CA SER C 402 19.77 45.59 2.57
C SER C 402 19.58 47.06 2.23
N GLN C 403 20.66 47.68 1.79
CA GLN C 403 20.66 49.09 1.43
C GLN C 403 19.97 49.28 0.07
N ALA C 404 18.67 49.56 0.11
CA ALA C 404 17.85 49.67 -1.12
C ALA C 404 18.48 50.49 -2.26
N SER C 405 19.20 51.56 -1.92
CA SER C 405 19.81 52.40 -2.94
C SER C 405 20.98 51.71 -3.67
N VAL C 406 21.65 50.78 -2.98
CA VAL C 406 22.70 49.98 -3.63
C VAL C 406 22.10 48.71 -4.27
N ASP C 407 21.05 48.16 -3.65
CA ASP C 407 20.32 47.03 -4.22
C ASP C 407 19.73 47.38 -5.59
N ARG C 408 19.43 48.66 -5.81
CA ARG C 408 18.97 49.14 -7.12
C ARG C 408 19.85 48.60 -8.25
N TYR C 409 21.17 48.67 -8.04
CA TYR C 409 22.13 48.17 -9.02
C TYR C 409 22.29 46.65 -8.93
N TYR C 410 22.36 46.11 -7.70
CA TYR C 410 22.72 44.70 -7.51
C TYR C 410 21.56 43.72 -7.69
N HIS C 411 20.32 44.17 -7.48
CA HIS C 411 19.19 43.27 -7.54
C HIS C 411 19.15 42.53 -8.89
N ASP C 412 18.88 41.23 -8.83
CA ASP C 412 18.82 40.38 -10.02
C ASP C 412 20.13 40.42 -10.82
N THR C 413 21.26 40.51 -10.10
CA THR C 413 22.60 40.34 -10.68
C THR C 413 23.32 39.23 -9.92
N TYR C 414 24.51 38.86 -10.41
CA TYR C 414 25.32 37.84 -9.77
C TYR C 414 25.90 38.24 -8.40
N TYR C 415 25.83 39.52 -8.06
CA TYR C 415 26.20 39.92 -6.69
C TYR C 415 25.33 39.26 -5.65
N VAL C 416 24.02 39.22 -5.92
CA VAL C 416 23.06 38.53 -5.07
C VAL C 416 23.40 37.03 -5.03
N VAL C 417 23.69 36.47 -6.20
CA VAL C 417 24.09 35.06 -6.30
C VAL C 417 25.33 34.81 -5.42
N ALA C 418 26.30 35.72 -5.45
CA ALA C 418 27.51 35.56 -4.65
C ALA C 418 27.18 35.57 -3.16
N HIS C 419 26.34 36.52 -2.73
CA HIS C 419 25.86 36.60 -1.34
C HIS C 419 25.27 35.29 -0.87
N PHE C 420 24.26 34.81 -1.57
CA PHE C 420 23.53 33.68 -1.05
C PHE C 420 24.30 32.36 -1.06
N HIS C 421 25.19 32.19 -2.04
CA HIS C 421 26.08 31.05 -2.01
C HIS C 421 27.13 31.10 -0.92
N TYR C 422 27.57 32.29 -0.53
CA TYR C 422 28.47 32.36 0.63
C TYR C 422 27.78 31.89 1.93
N VAL C 423 26.58 32.39 2.21
CA VAL C 423 25.88 32.01 3.43
C VAL C 423 25.35 30.56 3.40
N MET C 424 25.05 30.04 2.21
CA MET C 424 24.47 28.71 2.07
C MET C 424 25.49 27.63 1.72
N SER C 425 26.23 27.82 0.64
CA SER C 425 27.15 26.80 0.17
C SER C 425 28.52 26.88 0.82
N LEU C 426 28.82 28.01 1.46
CA LEU C 426 30.09 28.15 2.19
C LEU C 426 29.77 28.39 3.67
N GLY C 427 28.49 28.30 4.02
CA GLY C 427 28.04 28.54 5.37
C GLY C 427 27.28 27.33 5.89
N ALA C 428 25.98 27.30 5.62
CA ALA C 428 25.13 26.19 6.09
C ALA C 428 25.71 24.82 5.69
N VAL C 429 26.24 24.73 4.47
CA VAL C 429 26.85 23.50 3.98
C VAL C 429 28.12 23.13 4.79
N PHE C 430 28.90 24.14 5.17
CA PHE C 430 30.06 23.90 6.02
C PHE C 430 29.61 23.40 7.40
N GLY C 431 28.43 23.86 7.84
CA GLY C 431 27.75 23.32 9.00
C GLY C 431 27.40 21.83 8.85
N ILE C 432 26.85 21.46 7.69
CA ILE C 432 26.52 20.06 7.40
C ILE C 432 27.76 19.18 7.46
N PHE C 433 28.84 19.62 6.82
CA PHE C 433 30.09 18.86 6.81
C PHE C 433 30.72 18.75 8.21
N ALA C 434 30.70 19.84 8.97
CA ALA C 434 31.18 19.84 10.35
C ALA C 434 30.44 18.78 11.14
N GLY C 435 29.12 18.79 11.01
CA GLY C 435 28.25 17.80 11.63
C GLY C 435 28.58 16.38 11.22
N ILE C 436 28.82 16.18 9.94
CA ILE C 436 29.07 14.83 9.44
C ILE C 436 30.37 14.25 10.01
N TYR C 437 31.44 15.05 10.00
CA TYR C 437 32.73 14.56 10.48
C TYR C 437 32.76 14.42 12.01
N PHE C 438 31.97 15.26 12.67
CA PHE C 438 31.85 15.32 14.12
C PHE C 438 31.12 14.11 14.68
N TRP C 439 30.13 13.62 13.93
CA TRP C 439 29.18 12.66 14.45
C TRP C 439 29.17 11.31 13.73
N ILE C 440 30.05 11.12 12.76
CA ILE C 440 29.99 9.89 11.96
C ILE C 440 30.45 8.61 12.68
N GLY C 441 31.42 8.73 13.59
CA GLY C 441 31.82 7.59 14.41
C GLY C 441 30.69 7.19 15.32
N LYS C 442 30.02 8.21 15.87
CA LYS C 442 28.91 8.05 16.80
C LYS C 442 27.70 7.37 16.16
N MET C 443 27.37 7.76 14.93
CA MET C 443 26.20 7.24 14.25
C MET C 443 26.47 5.86 13.66
N SER C 444 27.71 5.65 13.23
CA SER C 444 28.07 4.47 12.44
C SER C 444 28.90 3.40 13.16
N GLY C 445 29.67 3.81 14.17
CA GLY C 445 30.60 2.92 14.84
C GLY C 445 31.95 2.85 14.15
N ARG C 446 32.08 3.58 13.05
CA ARG C 446 33.33 3.60 12.29
C ARG C 446 33.82 5.04 12.11
N GLN C 447 35.14 5.21 12.11
CA GLN C 447 35.78 6.52 12.07
C GLN C 447 36.36 6.85 10.70
N TYR C 448 36.30 8.13 10.30
CA TYR C 448 36.82 8.56 9.00
C TYR C 448 38.34 8.72 9.08
N PRO C 449 39.05 8.45 7.99
CA PRO C 449 40.50 8.73 7.91
C PRO C 449 40.81 10.23 7.94
N GLU C 450 41.53 10.66 8.98
CA GLU C 450 41.71 12.09 9.25
C GLU C 450 42.35 12.88 8.12
N TRP C 451 43.37 12.31 7.48
CA TRP C 451 44.04 12.96 6.35
C TRP C 451 43.04 13.30 5.22
N ALA C 452 42.02 12.46 5.04
CA ALA C 452 41.07 12.62 3.94
C ALA C 452 40.02 13.68 4.24
N GLY C 453 39.60 13.76 5.50
CA GLY C 453 38.76 14.86 5.96
C GLY C 453 39.42 16.21 5.76
N LYS C 454 40.74 16.25 5.91
CA LYS C 454 41.52 17.47 5.69
C LYS C 454 41.69 17.77 4.20
N LEU C 455 41.95 16.73 3.41
CA LEU C 455 42.04 16.92 1.96
C LEU C 455 40.71 17.43 1.42
N HIS C 456 39.60 16.83 1.89
CA HIS C 456 38.27 17.28 1.51
C HIS C 456 38.05 18.76 1.88
N PHE C 457 38.33 19.11 3.14
CA PHE C 457 38.18 20.49 3.58
C PHE C 457 38.89 21.48 2.66
N TRP C 458 40.19 21.27 2.41
CA TRP C 458 40.96 22.22 1.65
C TRP C 458 40.54 22.32 0.18
N MET C 459 40.19 21.18 -0.42
CA MET C 459 39.70 21.17 -1.81
C MET C 459 38.40 21.97 -1.93
N MET C 460 37.49 21.78 -0.99
CA MET C 460 36.24 22.52 -0.96
C MET C 460 36.45 24.01 -0.68
N PHE C 461 37.30 24.31 0.29
CA PHE C 461 37.56 25.68 0.68
C PHE C 461 38.08 26.49 -0.51
N VAL C 462 39.03 25.91 -1.24
CA VAL C 462 39.65 26.59 -2.36
C VAL C 462 38.63 26.66 -3.52
N GLY C 463 38.12 25.50 -3.92
CA GLY C 463 37.16 25.41 -5.01
C GLY C 463 35.92 26.28 -4.83
N ALA C 464 35.31 26.20 -3.65
CA ALA C 464 34.08 26.96 -3.43
C ALA C 464 34.32 28.48 -3.45
N ASN C 465 35.47 28.92 -2.93
CA ASN C 465 35.83 30.33 -2.98
C ASN C 465 36.11 30.80 -4.42
N LEU C 466 36.82 29.98 -5.19
CA LEU C 466 37.07 30.26 -6.60
C LEU C 466 35.78 30.30 -7.42
N THR C 467 34.79 29.52 -7.03
CA THR C 467 33.49 29.51 -7.69
C THR C 467 32.76 30.83 -7.47
N PHE C 468 32.66 31.25 -6.21
CA PHE C 468 31.68 32.27 -5.85
C PHE C 468 32.23 33.69 -5.65
N PHE C 469 33.50 33.80 -5.28
CA PHE C 469 34.05 35.15 -5.10
C PHE C 469 34.04 35.99 -6.40
N PRO C 470 34.47 35.45 -7.54
CA PRO C 470 34.42 36.23 -8.79
C PRO C 470 33.00 36.63 -9.19
N GLN C 471 31.98 35.99 -8.64
CA GLN C 471 30.60 36.36 -8.97
C GLN C 471 30.22 37.75 -8.42
N HIS C 472 30.97 38.22 -7.41
CA HIS C 472 30.80 39.60 -6.94
C HIS C 472 31.17 40.56 -8.09
N PHE C 473 32.28 40.24 -8.77
CA PHE C 473 32.82 41.05 -9.85
C PHE C 473 31.81 41.13 -10.98
N LEU C 474 31.28 39.97 -11.36
CA LEU C 474 30.27 39.85 -12.40
C LEU C 474 29.00 40.67 -12.09
N GLY C 475 28.56 40.62 -10.83
CA GLY C 475 27.46 41.44 -10.37
C GLY C 475 27.74 42.94 -10.44
N ARG C 476 28.93 43.35 -10.01
CA ARG C 476 29.33 44.75 -10.07
C ARG C 476 29.41 45.21 -11.53
N GLN C 477 29.81 44.30 -12.42
CA GLN C 477 29.83 44.60 -13.86
C GLN C 477 28.47 44.52 -14.52
N GLY C 478 27.45 44.11 -13.78
CA GLY C 478 26.10 44.14 -14.27
C GLY C 478 25.54 42.88 -14.92
N MET C 479 26.17 41.73 -14.66
CA MET C 479 25.65 40.46 -15.18
C MET C 479 24.34 40.04 -14.49
N PRO C 480 23.24 39.91 -15.24
CA PRO C 480 21.97 39.49 -14.65
C PRO C 480 21.89 38.01 -14.26
N ARG C 481 20.95 37.73 -13.38
CA ARG C 481 20.66 36.36 -12.96
C ARG C 481 19.84 35.71 -14.05
N ARG C 482 19.92 34.38 -14.08
CA ARG C 482 19.04 33.53 -14.88
C ARG C 482 19.29 33.58 -16.38
N TYR C 483 20.55 33.82 -16.75
CA TYR C 483 20.95 33.96 -18.15
C TYR C 483 21.77 32.77 -18.68
N ILE C 484 21.29 32.21 -19.80
CA ILE C 484 21.99 31.13 -20.49
C ILE C 484 23.30 31.55 -21.13
N ASP C 485 23.36 32.82 -21.54
CA ASP C 485 24.49 33.35 -22.28
C ASP C 485 24.67 34.80 -21.85
N TYR C 486 25.84 35.35 -22.12
CA TYR C 486 26.22 36.66 -21.62
C TYR C 486 27.20 37.39 -22.55
N PRO C 487 27.15 38.73 -22.57
CA PRO C 487 28.14 39.53 -23.30
C PRO C 487 29.58 39.10 -23.09
N GLU C 488 30.37 39.19 -24.16
CA GLU C 488 31.79 38.79 -24.19
C GLU C 488 32.60 39.28 -22.99
N ALA C 489 32.36 40.53 -22.57
CA ALA C 489 33.14 41.14 -21.50
C ALA C 489 33.13 40.38 -20.15
N PHE C 490 32.11 39.53 -19.94
CA PHE C 490 31.99 38.76 -18.69
C PHE C 490 32.76 37.43 -18.71
N ALA C 491 33.45 37.15 -19.82
CA ALA C 491 34.15 35.88 -20.02
C ALA C 491 35.11 35.48 -18.90
N THR C 492 36.00 36.41 -18.52
CA THR C 492 37.09 36.08 -17.59
C THR C 492 36.63 35.49 -16.26
N TRP C 493 35.73 36.19 -15.56
CA TRP C 493 35.36 35.73 -14.22
C TRP C 493 34.37 34.58 -14.26
N ASN C 494 33.62 34.48 -15.37
CA ASN C 494 32.78 33.30 -15.59
C ASN C 494 33.61 32.02 -15.79
N PHE C 495 34.78 32.17 -16.41
CA PHE C 495 35.74 31.08 -16.61
C PHE C 495 36.32 30.59 -15.28
N VAL C 496 36.84 31.52 -14.48
CA VAL C 496 37.35 31.20 -13.14
C VAL C 496 36.28 30.54 -12.27
N SER C 497 35.07 31.11 -12.27
CA SER C 497 33.97 30.56 -11.49
C SER C 497 33.68 29.10 -11.88
N SER C 498 33.67 28.84 -13.18
CA SER C 498 33.49 27.49 -13.70
C SER C 498 34.61 26.53 -13.27
N LEU C 499 35.85 26.97 -13.35
CA LEU C 499 36.99 26.17 -12.89
C LEU C 499 36.81 25.79 -11.42
N GLY C 500 36.47 26.80 -10.60
CA GLY C 500 36.18 26.61 -9.19
C GLY C 500 35.10 25.57 -8.94
N ALA C 501 34.03 25.61 -9.72
CA ALA C 501 32.93 24.66 -9.54
C ALA C 501 33.35 23.23 -9.88
N PHE C 502 34.26 23.08 -10.84
CA PHE C 502 34.75 21.77 -11.24
C PHE C 502 35.63 21.16 -10.15
N LEU C 503 36.47 22.01 -9.55
CA LEU C 503 37.30 21.58 -8.41
C LEU C 503 36.42 21.20 -7.21
N SER C 504 35.41 22.04 -6.93
CA SER C 504 34.41 21.77 -5.90
C SER C 504 33.67 20.45 -6.10
N PHE C 505 33.34 20.14 -7.34
CA PHE C 505 32.68 18.87 -7.66
C PHE C 505 33.60 17.69 -7.38
N ALA C 506 34.87 17.81 -7.79
CA ALA C 506 35.92 16.84 -7.45
C ALA C 506 36.03 16.60 -5.95
N SER C 507 35.99 17.67 -5.17
CA SER C 507 36.03 17.58 -3.72
C SER C 507 34.83 16.82 -3.17
N PHE C 508 33.67 16.96 -3.83
CA PHE C 508 32.44 16.33 -3.35
C PHE C 508 32.39 14.85 -3.72
N LEU C 509 32.93 14.51 -4.89
CA LEU C 509 33.04 13.10 -5.26
C LEU C 509 34.02 12.43 -4.31
N PHE C 510 35.15 13.09 -4.06
CA PHE C 510 36.16 12.61 -3.12
C PHE C 510 35.54 12.33 -1.75
N PHE C 511 34.75 13.29 -1.26
CA PHE C 511 34.03 13.16 -0.01
C PHE C 511 33.09 11.94 0.00
N LEU C 512 32.43 11.68 -1.11
CA LEU C 512 31.58 10.49 -1.20
C LEU C 512 32.42 9.19 -1.13
N GLY C 513 33.64 9.27 -1.66
CA GLY C 513 34.60 8.18 -1.57
C GLY C 513 35.08 8.00 -0.14
N VAL C 514 35.25 9.12 0.57
CA VAL C 514 35.63 9.10 1.98
C VAL C 514 34.55 8.45 2.83
N ILE C 515 33.30 8.86 2.64
CA ILE C 515 32.19 8.26 3.37
C ILE C 515 32.02 6.77 3.05
N PHE C 516 32.26 6.39 1.79
CA PHE C 516 32.13 4.99 1.40
C PHE C 516 33.18 4.12 2.11
N TYR C 517 34.43 4.58 2.10
CA TYR C 517 35.51 3.90 2.80
C TYR C 517 35.24 3.85 4.29
N THR C 518 34.76 4.96 4.84
CA THR C 518 34.48 5.06 6.27
C THR C 518 33.43 4.05 6.75
N LEU C 519 32.35 3.90 5.99
CA LEU C 519 31.28 3.00 6.42
C LEU C 519 31.55 1.54 6.03
N THR C 520 32.58 1.32 5.24
CA THR C 520 32.88 0.02 4.64
C THR C 520 34.11 -0.65 5.26
N ARG C 521 35.12 0.16 5.58
CA ARG C 521 36.44 -0.34 5.95
C ARG C 521 37.13 0.62 6.92
N GLY C 522 36.37 1.58 7.43
CA GLY C 522 36.91 2.57 8.35
C GLY C 522 37.16 1.99 9.73
N ALA C 523 38.33 2.32 10.28
CA ALA C 523 38.70 1.92 11.64
C ALA C 523 37.47 1.95 12.55
N ARG C 524 37.20 0.82 13.21
CA ARG C 524 36.04 0.71 14.09
C ARG C 524 36.25 1.59 15.32
N VAL C 525 35.15 2.09 15.89
CA VAL C 525 35.24 2.96 17.06
C VAL C 525 35.05 2.12 18.31
N THR C 526 35.82 2.44 19.35
CA THR C 526 35.79 1.74 20.62
C THR C 526 35.10 2.60 21.69
N ALA C 527 35.63 3.81 21.87
CA ALA C 527 35.17 4.75 22.91
C ALA C 527 33.73 5.20 22.72
N ASN C 528 33.08 5.55 23.83
CA ASN C 528 31.80 6.23 23.80
C ASN C 528 32.04 7.67 23.35
N ASN C 529 33.09 8.28 23.92
CA ASN C 529 33.57 9.60 23.53
C ASN C 529 34.94 9.48 22.87
N TYR C 530 34.98 9.54 21.55
CA TYR C 530 36.23 9.37 20.82
C TYR C 530 36.94 10.70 20.56
N TRP C 531 36.42 11.79 21.12
CA TRP C 531 37.06 13.10 20.99
C TRP C 531 37.83 13.46 22.27
N ASN C 532 37.11 14.09 23.20
CA ASN C 532 37.64 14.58 24.48
C ASN C 532 36.48 15.01 25.39
N GLU C 533 36.80 15.29 26.65
CA GLU C 533 35.82 15.51 27.73
C GLU C 533 34.93 16.73 27.57
N HIS C 534 35.38 17.67 26.73
CA HIS C 534 34.64 18.91 26.52
C HIS C 534 33.49 18.75 25.50
N ALA C 535 33.45 17.59 24.85
CA ALA C 535 32.24 17.12 24.19
C ALA C 535 31.39 16.48 25.29
N ASP C 536 30.61 17.33 25.98
CA ASP C 536 29.91 16.95 27.21
C ASP C 536 28.39 16.98 27.10
N THR C 537 27.87 16.45 26.00
CA THR C 537 26.43 16.27 25.84
C THR C 537 26.14 14.78 25.87
N LEU C 538 24.87 14.43 26.03
CA LEU C 538 24.48 13.06 26.36
C LEU C 538 24.82 11.99 25.34
N GLU C 539 25.00 12.37 24.07
CA GLU C 539 25.29 11.37 23.04
C GLU C 539 26.68 10.75 23.21
N TRP C 540 27.56 11.49 23.88
CA TRP C 540 28.94 11.06 24.11
C TRP C 540 29.03 10.15 25.34
N THR C 541 27.87 9.98 25.98
CA THR C 541 27.68 9.12 27.14
C THR C 541 27.25 7.71 26.70
N LEU C 542 26.76 7.60 25.47
CA LEU C 542 26.23 6.34 24.96
C LEU C 542 27.30 5.64 24.14
N THR C 543 27.00 4.44 23.67
CA THR C 543 27.94 3.72 22.83
C THR C 543 27.98 4.30 21.40
N SER C 544 28.84 3.74 20.56
CA SER C 544 29.02 4.19 19.18
C SER C 544 28.91 2.99 18.25
N PRO C 545 27.74 2.75 17.66
CA PRO C 545 26.54 3.59 17.81
C PRO C 545 25.66 3.32 19.02
N PRO C 546 24.80 4.27 19.41
CA PRO C 546 23.88 4.09 20.55
C PRO C 546 22.93 2.89 20.39
N PRO C 547 22.41 2.34 21.49
CA PRO C 547 21.55 1.14 21.39
C PRO C 547 20.20 1.43 20.71
N GLU C 548 19.55 0.39 20.18
CA GLU C 548 18.21 0.50 19.59
C GLU C 548 17.27 1.43 20.37
N HIS C 549 17.20 1.21 21.69
CA HIS C 549 16.39 2.03 22.59
C HIS C 549 17.31 2.81 23.52
N THR C 550 17.00 4.10 23.68
CA THR C 550 17.78 4.98 24.54
C THR C 550 16.92 5.56 25.67
N LEU D 5 29.37 58.40 -31.39
CA LEU D 5 29.08 58.30 -29.92
C LEU D 5 29.93 57.23 -29.27
N GLU D 6 30.50 57.58 -28.13
CA GLU D 6 31.31 56.68 -27.30
C GLU D 6 30.42 55.61 -26.62
N ILE D 7 30.80 54.34 -26.72
CA ILE D 7 30.14 53.27 -25.95
C ILE D 7 30.64 53.32 -24.51
N ILE D 8 29.75 53.69 -23.59
CA ILE D 8 30.16 53.92 -22.21
C ILE D 8 29.54 52.96 -21.18
N GLY D 9 28.23 52.81 -21.22
CA GLY D 9 27.54 51.91 -20.32
C GLY D 9 27.59 50.48 -20.82
N ARG D 10 28.68 49.79 -20.51
CA ARG D 10 28.85 48.38 -20.87
C ARG D 10 29.88 47.69 -19.96
N PRO D 11 29.80 46.37 -19.82
CA PRO D 11 30.82 45.64 -19.07
C PRO D 11 32.16 45.68 -19.82
N GLN D 12 33.27 45.60 -19.09
CA GLN D 12 34.61 45.58 -19.68
C GLN D 12 35.35 44.27 -19.33
N PRO D 13 36.19 43.78 -20.24
CA PRO D 13 36.93 42.52 -20.02
C PRO D 13 37.59 42.46 -18.65
N GLY D 14 37.27 41.43 -17.87
CA GLY D 14 37.87 41.24 -16.55
C GLY D 14 37.53 42.26 -15.48
N GLY D 15 36.47 43.04 -15.70
CA GLY D 15 36.05 44.06 -14.75
C GLY D 15 35.69 43.53 -13.36
N THR D 16 36.03 44.32 -12.34
CA THR D 16 35.76 43.94 -10.95
C THR D 16 34.90 45.01 -10.27
N GLY D 17 34.79 46.17 -10.93
CA GLY D 17 34.08 47.31 -10.40
C GLY D 17 32.79 47.59 -11.16
N PHE D 18 32.12 48.67 -10.78
CA PHE D 18 30.88 49.09 -11.42
C PHE D 18 31.14 49.49 -12.86
N GLN D 19 30.11 49.45 -13.68
CA GLN D 19 30.15 50.08 -15.00
C GLN D 19 30.35 51.59 -14.76
N PRO D 20 30.89 52.32 -15.75
CA PRO D 20 31.09 53.78 -15.58
C PRO D 20 29.80 54.51 -15.19
N SER D 21 29.91 55.50 -14.31
CA SER D 21 28.77 56.36 -13.99
C SER D 21 28.52 57.40 -15.10
N ALA D 22 27.25 57.61 -15.44
CA ALA D 22 26.84 58.69 -16.34
C ALA D 22 25.65 59.50 -15.80
N SER D 23 25.34 59.34 -14.51
CA SER D 23 24.31 60.15 -13.84
C SER D 23 24.74 60.43 -12.38
N PRO D 24 24.15 61.47 -11.75
CA PRO D 24 24.43 61.74 -10.34
C PRO D 24 23.99 60.60 -9.39
N VAL D 25 22.85 59.97 -9.69
CA VAL D 25 22.42 58.80 -8.92
C VAL D 25 23.49 57.68 -9.00
N ALA D 26 23.97 57.37 -10.20
CA ALA D 26 24.98 56.32 -10.36
C ALA D 26 26.24 56.65 -9.57
N THR D 27 26.64 57.92 -9.62
CA THR D 27 27.76 58.42 -8.84
C THR D 27 27.58 58.19 -7.34
N GLN D 28 26.36 58.43 -6.84
CA GLN D 28 26.02 58.21 -5.44
C GLN D 28 26.02 56.73 -5.03
N ILE D 29 25.60 55.84 -5.94
CA ILE D 29 25.70 54.38 -5.71
C ILE D 29 27.15 54.00 -5.53
N HIS D 30 28.00 54.44 -6.46
CA HIS D 30 29.43 54.12 -6.41
C HIS D 30 30.05 54.56 -5.09
N TRP D 31 29.70 55.78 -4.65
CA TRP D 31 30.30 56.32 -3.44
C TRP D 31 29.79 55.61 -2.19
N LEU D 32 28.46 55.41 -2.12
CA LEU D 32 27.88 54.70 -0.99
C LEU D 32 28.38 53.26 -0.91
N ASP D 33 28.45 52.57 -2.05
CA ASP D 33 28.96 51.20 -2.08
C ASP D 33 30.44 51.15 -1.66
N GLY D 34 31.21 52.14 -2.10
CA GLY D 34 32.62 52.23 -1.77
C GLY D 34 32.86 52.44 -0.28
N PHE D 35 31.98 53.24 0.31
CA PHE D 35 31.98 53.55 1.73
C PHE D 35 31.65 52.29 2.55
N ILE D 36 30.59 51.58 2.16
CA ILE D 36 30.24 50.32 2.83
C ILE D 36 31.35 49.29 2.69
N LEU D 37 31.96 49.22 1.51
CA LEU D 37 32.96 48.20 1.21
C LEU D 37 34.16 48.31 2.15
N VAL D 38 34.63 49.54 2.34
CA VAL D 38 35.72 49.82 3.29
C VAL D 38 35.35 49.27 4.67
N ILE D 39 34.16 49.63 5.14
CA ILE D 39 33.63 49.18 6.41
C ILE D 39 33.54 47.65 6.52
N ILE D 40 32.88 47.01 5.55
CA ILE D 40 32.71 45.55 5.64
C ILE D 40 34.02 44.80 5.41
N ALA D 41 34.90 45.34 4.58
CA ALA D 41 36.24 44.74 4.45
C ALA D 41 36.98 44.84 5.78
N ALA D 42 36.88 45.99 6.45
CA ALA D 42 37.49 46.18 7.77
C ALA D 42 36.95 45.14 8.77
N ILE D 43 35.61 45.02 8.84
CA ILE D 43 34.94 44.03 9.67
C ILE D 43 35.45 42.62 9.40
N THR D 44 35.52 42.21 8.13
CA THR D 44 35.91 40.83 7.86
C THR D 44 37.41 40.53 7.99
N ILE D 45 38.25 41.53 7.73
CA ILE D 45 39.68 41.44 8.06
C ILE D 45 39.85 41.18 9.56
N PHE D 46 39.20 42.02 10.36
CA PHE D 46 39.18 41.93 11.82
C PHE D 46 38.80 40.51 12.30
N VAL D 47 37.65 40.01 11.83
CA VAL D 47 37.15 38.69 12.20
C VAL D 47 38.16 37.60 11.81
N THR D 48 38.67 37.70 10.59
CA THR D 48 39.63 36.74 10.06
C THR D 48 40.94 36.72 10.85
N LEU D 49 41.45 37.90 11.22
CA LEU D 49 42.73 37.97 11.94
C LEU D 49 42.60 37.48 13.38
N LEU D 50 41.48 37.84 14.03
CA LEU D 50 41.11 37.28 15.33
C LEU D 50 41.05 35.75 15.34
N ILE D 51 40.50 35.15 14.27
CA ILE D 51 40.43 33.69 14.17
C ILE D 51 41.82 33.10 13.96
N LEU D 52 42.57 33.65 13.02
CA LEU D 52 43.90 33.13 12.73
C LEU D 52 44.86 33.30 13.91
N TYR D 53 44.73 34.40 14.65
CA TYR D 53 45.55 34.62 15.84
C TYR D 53 45.19 33.63 16.93
N ALA D 54 43.90 33.52 17.27
CA ALA D 54 43.43 32.56 18.27
C ALA D 54 43.90 31.14 17.99
N VAL D 55 43.88 30.77 16.72
CA VAL D 55 44.30 29.42 16.32
C VAL D 55 45.81 29.26 16.51
N TRP D 56 46.57 30.30 16.19
CA TRP D 56 48.01 30.31 16.42
C TRP D 56 48.34 30.32 17.92
N ARG D 57 47.82 31.31 18.64
CA ARG D 57 48.11 31.55 20.05
C ARG D 57 47.63 30.43 20.98
N PHE D 58 46.44 29.90 20.70
CA PHE D 58 45.83 28.90 21.58
C PHE D 58 45.75 27.49 20.98
N HIS D 59 46.62 27.20 20.01
CA HIS D 59 46.75 25.85 19.50
C HIS D 59 47.13 24.90 20.66
N GLU D 60 46.69 23.64 20.58
CA GLU D 60 46.87 22.67 21.65
C GLU D 60 48.34 22.48 22.08
N LYS D 61 49.27 22.58 21.13
CA LYS D 61 50.70 22.44 21.42
C LYS D 61 51.34 23.63 22.14
N ARG D 62 50.83 24.84 21.92
CA ARG D 62 51.34 26.04 22.57
C ARG D 62 50.63 26.32 23.88
N ASN D 63 49.33 26.01 23.92
CA ASN D 63 48.49 26.22 25.09
C ASN D 63 47.90 24.87 25.46
N LYS D 64 48.37 24.32 26.58
CA LYS D 64 48.01 22.94 26.91
C LYS D 64 46.80 22.90 27.82
N VAL D 65 46.59 24.00 28.54
CA VAL D 65 45.50 24.13 29.50
C VAL D 65 44.52 25.23 29.08
N PRO D 66 43.28 24.83 28.75
CA PRO D 66 42.24 25.80 28.36
C PRO D 66 41.66 26.56 29.54
N ALA D 67 41.32 27.83 29.33
CA ALA D 67 40.62 28.62 30.33
C ALA D 67 39.17 28.14 30.46
N ARG D 68 38.43 28.72 31.40
CA ARG D 68 37.07 28.27 31.70
C ARG D 68 36.05 29.41 31.67
N PHE D 69 36.49 30.63 31.40
CA PHE D 69 35.61 31.79 31.35
C PHE D 69 34.47 31.67 30.30
N THR D 70 33.32 32.25 30.62
CA THR D 70 32.16 32.26 29.72
C THR D 70 31.48 33.64 29.66
N HIS D 71 32.06 34.61 30.38
CA HIS D 71 31.55 35.98 30.41
C HIS D 71 32.70 36.96 30.35
N ASN D 72 32.39 38.19 29.92
CA ASN D 72 33.29 39.33 29.94
C ASN D 72 32.47 40.57 29.60
N SER D 73 31.76 41.09 30.60
CA SER D 73 30.81 42.19 30.46
C SER D 73 31.24 43.38 29.56
N PRO D 74 32.37 44.06 29.89
CA PRO D 74 32.84 45.18 29.06
C PRO D 74 32.97 44.84 27.56
N LEU D 75 33.16 43.56 27.25
CA LEU D 75 33.40 43.11 25.88
C LEU D 75 32.08 42.78 25.20
N GLU D 76 31.19 42.11 25.93
CA GLU D 76 29.86 41.77 25.45
C GLU D 76 29.03 43.02 25.18
N ILE D 77 29.33 44.09 25.92
CA ILE D 77 28.63 45.36 25.77
C ILE D 77 29.20 46.15 24.59
N ALA D 78 30.53 46.13 24.44
CA ALA D 78 31.19 46.81 23.34
C ALA D 78 30.86 46.16 21.99
N TRP D 79 30.73 44.84 21.98
CA TRP D 79 30.47 44.12 20.73
C TRP D 79 28.98 44.03 20.37
N THR D 80 28.15 44.76 21.14
CA THR D 80 26.74 44.98 20.83
C THR D 80 26.58 46.42 20.34
N ILE D 81 27.26 47.34 21.03
CA ILE D 81 27.22 48.77 20.74
C ILE D 81 27.96 49.16 19.46
N VAL D 82 29.20 48.68 19.28
CA VAL D 82 29.98 49.01 18.08
C VAL D 82 29.21 48.66 16.78
N PRO D 83 28.71 47.44 16.64
CA PRO D 83 27.84 47.09 15.50
C PRO D 83 26.68 48.08 15.34
N ILE D 84 25.90 48.32 16.40
CA ILE D 84 24.75 49.24 16.33
C ILE D 84 25.16 50.58 15.71
N VAL D 85 26.28 51.12 16.16
CA VAL D 85 26.78 52.41 15.70
C VAL D 85 27.29 52.37 14.24
N ILE D 86 28.01 51.31 13.88
CA ILE D 86 28.41 51.11 12.48
C ILE D 86 27.17 51.24 11.59
N LEU D 87 26.13 50.47 11.94
CA LEU D 87 24.90 50.42 11.15
C LEU D 87 24.14 51.74 11.15
N VAL D 88 24.14 52.44 12.28
CA VAL D 88 23.45 53.72 12.35
C VAL D 88 24.12 54.71 11.40
N ALA D 89 25.44 54.66 11.34
CA ALA D 89 26.23 55.50 10.45
C ALA D 89 26.01 55.17 8.95
N ILE D 90 26.02 53.88 8.61
CA ILE D 90 25.71 53.44 7.24
C ILE D 90 24.31 53.99 6.88
N GLY D 91 23.33 53.70 7.73
CA GLY D 91 21.97 54.20 7.55
C GLY D 91 21.90 55.69 7.29
N ALA D 92 22.71 56.47 8.02
CA ALA D 92 22.76 57.92 7.92
C ALA D 92 23.26 58.44 6.58
N PHE D 93 24.19 57.71 5.95
CA PHE D 93 24.63 58.09 4.60
C PHE D 93 23.73 57.48 3.52
N SER D 94 23.11 56.35 3.86
CA SER D 94 22.31 55.55 2.92
C SER D 94 20.90 56.08 2.66
N LEU D 95 20.20 56.51 3.71
CA LEU D 95 18.83 57.00 3.56
C LEU D 95 18.68 58.26 2.67
N PRO D 96 19.56 59.27 2.79
CA PRO D 96 19.51 60.43 1.88
C PRO D 96 19.66 60.01 0.43
N VAL D 97 20.55 59.06 0.14
CA VAL D 97 20.76 58.59 -1.23
C VAL D 97 19.52 57.86 -1.76
N LEU D 98 18.87 57.10 -0.89
CA LEU D 98 17.62 56.42 -1.23
C LEU D 98 16.49 57.39 -1.56
N PHE D 99 16.43 58.50 -0.83
CA PHE D 99 15.40 59.51 -1.05
C PHE D 99 15.61 60.24 -2.38
N ASN D 100 16.86 60.61 -2.67
CA ASN D 100 17.20 61.25 -3.92
C ASN D 100 16.82 60.36 -5.13
N GLN D 101 17.05 59.07 -4.96
CA GLN D 101 16.84 58.08 -6.00
C GLN D 101 15.37 57.92 -6.33
N GLN D 102 14.54 57.88 -5.28
CA GLN D 102 13.15 57.47 -5.41
C GLN D 102 12.15 58.62 -5.52
N GLU D 103 12.58 59.83 -5.18
CA GLU D 103 11.72 61.00 -5.32
C GLU D 103 11.84 61.51 -6.75
N ILE D 104 10.74 61.46 -7.50
CA ILE D 104 10.78 61.79 -8.91
C ILE D 104 10.66 63.30 -9.14
N PRO D 105 11.65 63.87 -9.81
CA PRO D 105 11.65 65.31 -10.11
C PRO D 105 10.79 65.59 -11.34
N GLU D 106 10.58 66.87 -11.65
CA GLU D 106 9.76 67.25 -12.79
C GLU D 106 10.51 66.85 -14.05
N ALA D 107 9.81 66.18 -14.94
CA ALA D 107 10.40 65.68 -16.16
C ALA D 107 10.63 66.78 -17.21
N ASP D 108 11.85 66.79 -17.78
CA ASP D 108 12.14 67.49 -19.02
C ASP D 108 11.70 66.60 -20.19
N VAL D 109 11.93 65.30 -20.05
CA VAL D 109 11.63 64.31 -21.10
C VAL D 109 10.91 63.13 -20.46
N THR D 110 9.85 62.65 -21.14
CA THR D 110 9.02 61.57 -20.61
C THR D 110 8.95 60.41 -21.60
N VAL D 111 9.33 59.23 -21.12
CA VAL D 111 9.27 58.01 -21.93
C VAL D 111 8.47 56.93 -21.19
N LYS D 112 7.48 56.35 -21.86
CA LYS D 112 6.75 55.23 -21.31
C LYS D 112 7.30 53.97 -21.96
N VAL D 113 7.69 53.00 -21.12
CA VAL D 113 8.36 51.78 -21.55
C VAL D 113 7.53 50.55 -21.19
N THR D 114 7.33 49.69 -22.17
CA THR D 114 6.59 48.44 -21.96
C THR D 114 7.45 47.21 -22.24
N GLY D 115 7.48 46.28 -21.28
CA GLY D 115 8.14 44.98 -21.46
C GLY D 115 7.23 43.93 -22.08
N TYR D 116 7.73 43.28 -23.13
CA TYR D 116 7.03 42.18 -23.78
C TYR D 116 7.95 40.98 -23.87
N GLN D 117 7.36 39.81 -24.03
CA GLN D 117 8.11 38.63 -24.38
C GLN D 117 8.32 38.62 -25.93
N TRP D 118 9.51 38.88 -26.46
CA TRP D 118 10.73 39.31 -25.76
C TRP D 118 11.38 40.51 -26.45
N TYR D 119 10.95 41.70 -26.06
CA TYR D 119 11.43 42.97 -26.60
C TYR D 119 10.82 44.10 -25.75
N TRP D 120 11.24 45.34 -26.01
CA TRP D 120 10.70 46.51 -25.33
C TRP D 120 10.01 47.45 -26.33
N GLY D 121 8.93 48.09 -25.89
CA GLY D 121 8.28 49.14 -26.65
C GLY D 121 8.47 50.47 -25.94
N TYR D 122 8.73 51.53 -26.70
CA TYR D 122 9.00 52.85 -26.16
C TYR D 122 7.96 53.83 -26.69
N GLU D 123 7.41 54.67 -25.82
CA GLU D 123 6.49 55.74 -26.23
C GLU D 123 6.98 57.06 -25.66
N TYR D 124 7.08 58.07 -26.50
CA TYR D 124 7.30 59.44 -26.02
C TYR D 124 5.93 60.17 -26.12
N PRO D 125 5.20 60.22 -25.01
CA PRO D 125 3.85 60.82 -25.00
C PRO D 125 3.81 62.29 -25.51
N ASP D 126 4.81 63.10 -25.17
CA ASP D 126 4.86 64.50 -25.62
C ASP D 126 5.12 64.64 -27.12
N GLU D 127 5.73 63.63 -27.72
CA GLU D 127 6.21 63.75 -29.10
C GLU D 127 5.45 62.90 -30.11
N GLU D 128 4.47 62.14 -29.63
CA GLU D 128 3.73 61.18 -30.46
C GLU D 128 4.65 60.17 -31.18
N ILE D 129 5.73 59.77 -30.53
CA ILE D 129 6.63 58.76 -31.09
C ILE D 129 6.44 57.43 -30.37
N SER D 130 6.34 56.35 -31.14
CA SER D 130 6.37 55.00 -30.55
C SER D 130 7.08 54.00 -31.47
N PHE D 131 7.87 53.11 -30.87
CA PHE D 131 8.64 52.10 -31.62
C PHE D 131 9.01 50.92 -30.71
N GLU D 132 9.38 49.81 -31.34
CA GLU D 132 9.74 48.59 -30.61
C GLU D 132 11.24 48.36 -30.80
N SER D 133 11.84 47.69 -29.82
CA SER D 133 13.28 47.53 -29.76
C SER D 133 13.64 46.07 -29.48
N TYR D 134 14.26 45.46 -30.48
CA TYR D 134 14.62 44.05 -30.51
C TYR D 134 16.13 43.91 -30.48
N MET D 135 16.60 42.84 -29.83
CA MET D 135 18.02 42.51 -29.89
C MET D 135 18.45 42.29 -31.35
N ILE D 136 19.62 42.80 -31.70
CA ILE D 136 20.23 42.46 -32.97
C ILE D 136 20.69 40.99 -32.89
N GLY D 137 20.01 40.13 -33.62
CA GLY D 137 20.23 38.69 -33.49
C GLY D 137 18.99 37.91 -33.07
N SER D 138 17.98 38.64 -32.62
CA SER D 138 16.69 38.06 -32.28
C SER D 138 15.95 37.58 -33.54
N PRO D 139 15.00 36.66 -33.36
CA PRO D 139 14.14 36.20 -34.46
C PRO D 139 13.52 37.34 -35.29
N ALA D 140 13.05 38.40 -34.63
CA ALA D 140 12.49 39.55 -35.36
C ALA D 140 13.46 40.17 -36.37
N THR D 141 14.76 40.20 -36.04
CA THR D 141 15.77 40.71 -36.97
C THR D 141 16.36 39.65 -37.90
N GLY D 142 15.73 38.47 -37.94
CA GLY D 142 16.16 37.39 -38.82
C GLY D 142 17.06 36.33 -38.20
N GLY D 143 17.49 36.54 -36.94
CA GLY D 143 18.42 35.64 -36.28
C GLY D 143 17.77 34.64 -35.34
N ASP D 144 18.58 33.96 -34.54
CA ASP D 144 18.04 33.06 -33.53
C ASP D 144 18.87 33.06 -32.24
N ASN D 145 19.25 34.27 -31.85
CA ASN D 145 19.79 34.55 -30.53
C ASN D 145 21.25 34.11 -30.36
N ARG D 146 21.95 33.98 -31.48
CA ARG D 146 23.38 33.66 -31.48
C ARG D 146 24.14 34.52 -32.48
N MET D 147 25.44 34.66 -32.26
CA MET D 147 26.34 35.30 -33.20
C MET D 147 26.42 34.49 -34.50
N SER D 148 26.55 35.22 -35.61
CA SER D 148 26.59 34.63 -36.96
C SER D 148 27.13 35.70 -37.93
N PRO D 149 27.46 35.31 -39.16
CA PRO D 149 27.90 36.28 -40.19
C PRO D 149 26.88 37.40 -40.44
N GLU D 150 25.61 37.06 -40.46
CA GLU D 150 24.54 38.03 -40.72
C GLU D 150 24.35 38.98 -39.53
N VAL D 151 24.38 38.44 -38.31
CA VAL D 151 24.31 39.25 -37.10
C VAL D 151 25.48 40.23 -37.02
N GLU D 152 26.70 39.73 -37.27
CA GLU D 152 27.88 40.60 -37.25
C GLU D 152 27.78 41.77 -38.22
N GLN D 153 27.33 41.51 -39.45
CA GLN D 153 27.12 42.58 -40.43
C GLN D 153 26.06 43.56 -39.93
N GLN D 154 24.99 43.02 -39.32
CA GLN D 154 23.90 43.88 -38.83
C GLN D 154 24.40 44.82 -37.75
N LEU D 155 25.30 44.31 -36.91
CA LEU D 155 25.86 45.10 -35.81
C LEU D 155 26.74 46.21 -36.35
N ILE D 156 27.61 45.86 -37.31
CA ILE D 156 28.46 46.86 -37.97
C ILE D 156 27.60 47.91 -38.68
N GLU D 157 26.57 47.47 -39.39
CA GLU D 157 25.68 48.38 -40.12
C GLU D 157 24.94 49.31 -39.18
N ALA D 158 24.58 48.83 -38.00
CA ALA D 158 23.86 49.64 -37.01
C ALA D 158 24.78 50.53 -36.18
N GLY D 159 26.08 50.49 -36.44
CA GLY D 159 27.04 51.34 -35.76
C GLY D 159 27.76 50.75 -34.55
N TYR D 160 27.67 49.43 -34.38
CA TYR D 160 28.36 48.72 -33.32
C TYR D 160 29.43 47.78 -33.86
N SER D 161 29.91 46.89 -32.99
CA SER D 161 30.80 45.81 -33.39
C SER D 161 30.31 44.52 -32.75
N ARG D 162 31.07 43.44 -32.94
CA ARG D 162 30.63 42.13 -32.47
C ARG D 162 30.72 42.02 -30.96
N ASP D 163 31.47 42.92 -30.34
CA ASP D 163 31.59 42.98 -28.88
C ASP D 163 30.31 43.43 -28.19
N GLU D 164 29.43 44.11 -28.92
CA GLU D 164 28.16 44.55 -28.37
C GLU D 164 27.03 43.54 -28.63
N PHE D 165 27.37 42.34 -29.13
CA PHE D 165 26.32 41.31 -29.26
C PHE D 165 25.68 40.99 -27.91
N LEU D 166 24.35 40.89 -27.90
CA LEU D 166 23.52 40.67 -26.70
C LEU D 166 23.12 41.97 -25.97
N LEU D 167 23.74 43.09 -26.35
CA LEU D 167 23.43 44.39 -25.75
C LEU D 167 22.76 45.30 -26.78
N ALA D 168 23.32 45.34 -27.98
CA ALA D 168 22.78 46.19 -29.04
C ALA D 168 21.38 45.74 -29.53
N THR D 169 20.50 46.71 -29.69
CA THR D 169 19.16 46.51 -30.23
C THR D 169 19.05 47.30 -31.54
N ASP D 170 18.03 46.99 -32.34
CA ASP D 170 17.87 47.61 -33.65
C ASP D 170 17.46 49.09 -33.58
N THR D 171 16.74 49.46 -32.53
CA THR D 171 16.40 50.85 -32.28
C THR D 171 16.85 51.18 -30.85
N ALA D 172 17.19 52.45 -30.62
CA ALA D 172 17.61 52.88 -29.30
C ALA D 172 16.63 53.91 -28.76
N MET D 173 16.63 54.06 -27.44
CA MET D 173 15.88 55.13 -26.79
C MET D 173 16.85 56.31 -26.77
N VAL D 174 16.50 57.36 -27.49
CA VAL D 174 17.38 58.51 -27.54
C VAL D 174 16.86 59.68 -26.69
N VAL D 175 17.77 60.31 -25.96
CA VAL D 175 17.45 61.34 -25.00
C VAL D 175 18.55 62.42 -25.04
N PRO D 176 18.22 63.66 -24.72
CA PRO D 176 19.22 64.72 -24.65
C PRO D 176 20.03 64.70 -23.35
N VAL D 177 21.33 64.98 -23.44
CA VAL D 177 22.20 65.16 -22.27
C VAL D 177 21.70 66.24 -21.33
N ASN D 178 22.03 66.09 -20.05
CA ASN D 178 21.74 67.10 -19.01
C ASN D 178 20.26 67.44 -18.84
N LYS D 179 19.39 66.51 -19.19
CA LYS D 179 17.96 66.70 -19.01
C LYS D 179 17.39 65.58 -18.16
N THR D 180 16.46 65.95 -17.28
CA THR D 180 15.82 65.00 -16.39
C THR D 180 14.83 64.17 -17.17
N VAL D 181 15.13 62.88 -17.31
CA VAL D 181 14.27 61.93 -18.00
C VAL D 181 13.48 61.12 -16.99
N VAL D 182 12.16 61.10 -17.13
CA VAL D 182 11.31 60.27 -16.29
C VAL D 182 10.78 59.14 -17.16
N VAL D 183 11.03 57.91 -16.71
CA VAL D 183 10.63 56.72 -17.45
C VAL D 183 9.50 56.06 -16.68
N GLN D 184 8.37 55.84 -17.35
CA GLN D 184 7.26 55.10 -16.80
C GLN D 184 7.35 53.65 -17.29
N VAL D 185 7.40 52.68 -16.39
CA VAL D 185 7.64 51.28 -16.75
C VAL D 185 6.47 50.34 -16.45
N THR D 186 6.11 49.50 -17.42
CA THR D 186 5.08 48.47 -17.20
C THR D 186 5.34 47.23 -18.05
N GLY D 187 4.71 46.12 -17.67
CA GLY D 187 4.83 44.87 -18.40
C GLY D 187 3.52 44.57 -19.12
N ALA D 188 3.62 43.93 -20.27
CA ALA D 188 2.45 43.62 -21.09
C ALA D 188 1.91 42.19 -20.90
N ASP D 189 2.76 41.28 -20.43
CA ASP D 189 2.39 39.87 -20.33
C ASP D 189 2.84 39.25 -19.00
N VAL D 190 4.16 39.21 -18.80
CA VAL D 190 4.76 38.78 -17.53
C VAL D 190 5.61 39.92 -16.99
N ILE D 191 6.21 39.73 -15.82
CA ILE D 191 7.11 40.75 -15.29
C ILE D 191 8.47 40.72 -16.00
N HIS D 192 8.89 41.88 -16.49
CA HIS D 192 10.22 42.07 -17.02
C HIS D 192 10.89 43.08 -16.10
N SER D 193 12.14 43.43 -16.35
CA SER D 193 12.74 44.52 -15.59
C SER D 193 13.64 45.41 -16.44
N TRP D 194 13.39 46.72 -16.37
CA TRP D 194 14.11 47.70 -17.18
C TRP D 194 15.23 48.36 -16.38
N THR D 195 16.42 48.37 -16.94
CA THR D 195 17.58 48.83 -16.19
C THR D 195 18.69 49.38 -17.07
N VAL D 196 19.40 50.38 -16.56
CA VAL D 196 20.65 50.83 -17.18
C VAL D 196 21.67 51.04 -16.06
N PRO D 197 22.61 50.09 -15.91
CA PRO D 197 23.66 50.20 -14.88
C PRO D 197 24.40 51.54 -14.85
N ALA D 198 24.73 52.10 -16.01
CA ALA D 198 25.42 53.40 -16.04
C ALA D 198 24.61 54.56 -15.46
N PHE D 199 23.29 54.44 -15.42
CA PHE D 199 22.42 55.47 -14.87
C PHE D 199 22.01 55.19 -13.43
N GLY D 200 22.31 53.99 -12.92
CA GLY D 200 21.94 53.59 -11.58
C GLY D 200 20.45 53.41 -11.39
N VAL D 201 19.76 52.94 -12.44
CA VAL D 201 18.32 52.74 -12.39
C VAL D 201 17.91 51.30 -12.69
N LYS D 202 16.84 50.85 -12.03
CA LYS D 202 16.24 49.53 -12.25
C LYS D 202 14.81 49.57 -11.74
N GLN D 203 13.85 49.19 -12.58
CA GLN D 203 12.46 49.17 -12.17
C GLN D 203 11.76 48.01 -12.85
N ASP D 204 11.07 47.20 -12.06
CA ASP D 204 10.31 46.07 -12.63
C ASP D 204 9.13 46.50 -13.50
N ALA D 205 8.94 45.76 -14.59
CA ALA D 205 7.86 46.05 -15.51
C ALA D 205 6.73 45.07 -15.22
N VAL D 206 5.86 45.45 -14.28
CA VAL D 206 4.83 44.57 -13.77
C VAL D 206 3.51 44.82 -14.51
N PRO D 207 2.92 43.79 -15.11
CA PRO D 207 1.60 43.91 -15.73
C PRO D 207 0.59 44.53 -14.78
N GLY D 208 -0.14 45.53 -15.26
CA GLY D 208 -1.19 46.17 -14.48
C GLY D 208 -0.72 47.30 -13.61
N ARG D 209 0.59 47.53 -13.54
CA ARG D 209 1.18 48.58 -12.72
C ARG D 209 2.04 49.48 -13.57
N LEU D 210 2.05 50.77 -13.27
CA LEU D 210 2.93 51.71 -13.97
C LEU D 210 3.85 52.39 -12.98
N ALA D 211 5.13 52.03 -13.01
CA ALA D 211 6.09 52.55 -12.04
C ALA D 211 7.00 53.58 -12.68
N GLN D 212 7.54 54.49 -11.89
CA GLN D 212 8.40 55.52 -12.46
C GLN D 212 9.84 55.39 -11.98
N LEU D 213 10.77 55.90 -12.78
CA LEU D 213 12.15 56.11 -12.37
C LEU D 213 12.61 57.40 -13.03
N TRP D 214 13.75 57.92 -12.61
CA TRP D 214 14.35 59.09 -13.25
C TRP D 214 15.85 58.94 -13.38
N PHE D 215 16.40 59.60 -14.39
CA PHE D 215 17.84 59.81 -14.51
C PHE D 215 18.13 61.13 -15.20
N ARG D 216 19.29 61.71 -14.92
CA ARG D 216 19.81 62.78 -15.73
C ARG D 216 21.17 62.34 -16.23
N ALA D 217 21.28 62.12 -17.53
CA ALA D 217 22.55 61.74 -18.11
C ALA D 217 23.49 62.94 -18.21
N GLU D 218 24.74 62.72 -17.79
CA GLU D 218 25.75 63.75 -17.57
C GLU D 218 26.75 63.79 -18.70
N ARG D 219 26.70 62.80 -19.57
CA ARG D 219 27.52 62.82 -20.79
C ARG D 219 26.87 62.04 -21.91
N GLU D 220 27.26 62.36 -23.13
CA GLU D 220 26.75 61.71 -24.32
C GLU D 220 27.40 60.34 -24.46
N GLY D 221 26.71 59.42 -25.10
CA GLY D 221 27.24 58.10 -25.38
C GLY D 221 26.16 57.04 -25.55
N ILE D 222 26.61 55.79 -25.63
CA ILE D 222 25.73 54.64 -25.69
C ILE D 222 25.81 53.84 -24.36
N PHE D 223 24.65 53.49 -23.82
CA PHE D 223 24.53 52.87 -22.51
C PHE D 223 23.57 51.72 -22.63
N PHE D 224 24.00 50.54 -22.17
CA PHE D 224 23.22 49.32 -22.33
C PHE D 224 22.72 48.76 -21.01
N GLY D 225 21.52 48.18 -21.03
CA GLY D 225 21.03 47.36 -19.94
C GLY D 225 20.46 46.05 -20.47
N GLN D 226 20.19 45.11 -19.57
CA GLN D 226 19.59 43.82 -19.95
C GLN D 226 18.37 43.49 -19.11
N CYS D 227 17.39 42.80 -19.70
CA CYS D 227 16.18 42.45 -18.94
C CYS D 227 16.53 41.76 -17.62
N SER D 228 15.91 42.21 -16.54
CA SER D 228 16.36 41.87 -15.20
C SER D 228 15.29 41.24 -14.30
N GLU D 229 14.32 40.58 -14.91
CA GLU D 229 13.44 39.68 -14.18
C GLU D 229 13.09 38.52 -15.11
N LEU D 230 13.34 37.30 -14.66
CA LEU D 230 13.11 36.11 -15.50
C LEU D 230 11.71 36.11 -16.06
N CYS D 231 11.64 36.07 -17.40
CA CYS D 231 10.41 36.28 -18.15
C CYS D 231 10.16 35.21 -19.22
N GLY D 232 10.87 34.11 -19.11
CA GLY D 232 10.71 33.01 -20.04
C GLY D 232 11.93 32.76 -20.89
N ILE D 233 11.73 32.08 -22.02
CA ILE D 233 12.81 31.55 -22.85
C ILE D 233 13.87 32.53 -23.36
N SER D 234 13.49 33.79 -23.62
CA SER D 234 14.41 34.79 -24.20
C SER D 234 14.71 35.98 -23.27
N HIS D 235 14.60 35.72 -21.96
CA HIS D 235 15.03 36.61 -20.88
C HIS D 235 16.45 37.17 -21.11
N ALA D 236 17.36 36.31 -21.56
CA ALA D 236 18.74 36.67 -21.86
C ALA D 236 18.91 37.46 -23.15
N TYR D 237 17.83 37.62 -23.91
CA TYR D 237 17.92 38.12 -25.28
C TYR D 237 16.97 39.31 -25.59
N MET D 238 16.77 40.20 -24.60
CA MET D 238 15.92 41.38 -24.82
C MET D 238 16.47 42.62 -24.13
N PRO D 239 17.60 43.11 -24.59
CA PRO D 239 18.33 44.18 -23.90
C PRO D 239 17.79 45.60 -24.19
N ILE D 240 18.46 46.57 -23.58
CA ILE D 240 18.12 47.99 -23.62
C ILE D 240 19.33 48.74 -24.18
N THR D 241 19.09 49.58 -25.20
CA THR D 241 20.07 50.54 -25.68
C THR D 241 19.55 51.98 -25.51
N VAL D 242 20.26 52.78 -24.72
CA VAL D 242 19.99 54.21 -24.62
C VAL D 242 21.15 55.00 -25.24
N LYS D 243 20.79 55.94 -26.13
CA LYS D 243 21.73 56.87 -26.73
C LYS D 243 21.45 58.25 -26.18
N VAL D 244 22.46 58.82 -25.52
CA VAL D 244 22.38 60.17 -24.97
C VAL D 244 23.14 61.07 -25.93
N VAL D 245 22.51 62.17 -26.31
CA VAL D 245 23.03 63.01 -27.39
C VAL D 245 22.84 64.48 -27.04
N SER D 246 23.39 65.38 -27.86
CA SER D 246 23.20 66.81 -27.65
C SER D 246 21.72 67.19 -27.78
N GLU D 247 21.33 68.31 -27.17
CA GLU D 247 19.98 68.84 -27.35
C GLU D 247 19.59 68.97 -28.83
N GLU D 248 20.54 69.42 -29.66
CA GLU D 248 20.35 69.56 -31.11
C GLU D 248 20.09 68.23 -31.80
N ALA D 249 20.95 67.25 -31.53
CA ALA D 249 20.82 65.91 -32.09
C ALA D 249 19.51 65.24 -31.67
N TYR D 250 19.12 65.42 -30.41
CA TYR D 250 17.83 64.93 -29.94
C TYR D 250 16.68 65.52 -30.76
N ALA D 251 16.65 66.84 -30.90
CA ALA D 251 15.61 67.49 -31.71
C ALA D 251 15.63 67.01 -33.16
N ALA D 252 16.80 66.87 -33.77
CA ALA D 252 16.91 66.32 -35.14
C ALA D 252 16.21 64.97 -35.26
N TRP D 253 16.43 64.14 -34.25
CA TRP D 253 15.85 62.80 -34.17
C TRP D 253 14.33 62.89 -34.03
N LEU D 254 13.86 63.80 -33.18
CA LEU D 254 12.43 64.07 -33.09
C LEU D 254 11.83 64.47 -34.45
N GLU D 255 12.47 65.43 -35.14
CA GLU D 255 11.94 65.91 -36.42
C GLU D 255 11.98 64.82 -37.51
N GLN D 256 12.97 63.92 -37.45
CA GLN D 256 12.99 62.76 -38.35
C GLN D 256 11.73 61.90 -38.21
N HIS D 257 11.16 61.87 -37.01
CA HIS D 257 9.95 61.08 -36.75
C HIS D 257 8.65 61.83 -37.03
N HIS D 258 8.72 63.16 -37.14
CA HIS D 258 7.55 64.00 -37.32
C HIS D 258 6.92 63.79 -38.69
N HIS D 259 5.62 63.52 -38.71
CA HIS D 259 4.87 63.23 -39.94
C HIS D 259 4.10 64.47 -40.42
N HIS D 260 4.47 64.96 -41.61
CA HIS D 260 3.84 66.17 -42.17
C HIS D 260 2.65 65.79 -43.06
#